data_1UKF
# 
_entry.id   1UKF 
# 
_audit_conform.dict_name       mmcif_pdbx.dic 
_audit_conform.dict_version    5.383 
_audit_conform.dict_location   http://mmcif.pdb.org/dictionaries/ascii/mmcif_pdbx.dic 
# 
loop_
_database_2.database_id 
_database_2.database_code 
_database_2.pdbx_database_accession 
_database_2.pdbx_DOI 
PDB   1UKF         pdb_00001ukf 10.2210/pdb1ukf/pdb 
RCSB  RCSB005925   ?            ?                   
WWPDB D_1000005925 ?            ?                   
# 
loop_
_pdbx_audit_revision_history.ordinal 
_pdbx_audit_revision_history.data_content_type 
_pdbx_audit_revision_history.major_revision 
_pdbx_audit_revision_history.minor_revision 
_pdbx_audit_revision_history.revision_date 
1 'Structure model' 1 0 2003-12-09 
2 'Structure model' 1 1 2008-04-27 
3 'Structure model' 1 2 2011-07-13 
4 'Structure model' 1 3 2023-12-27 
# 
_pdbx_audit_revision_details.ordinal             1 
_pdbx_audit_revision_details.revision_ordinal    1 
_pdbx_audit_revision_details.data_content_type   'Structure model' 
_pdbx_audit_revision_details.provider            repository 
_pdbx_audit_revision_details.type                'Initial release' 
_pdbx_audit_revision_details.description         ? 
_pdbx_audit_revision_details.details             ? 
# 
loop_
_pdbx_audit_revision_group.ordinal 
_pdbx_audit_revision_group.revision_ordinal 
_pdbx_audit_revision_group.data_content_type 
_pdbx_audit_revision_group.group 
1 2 'Structure model' 'Version format compliance' 
2 3 'Structure model' 'Version format compliance' 
3 4 'Structure model' 'Data collection'           
4 4 'Structure model' 'Database references'       
# 
loop_
_pdbx_audit_revision_category.ordinal 
_pdbx_audit_revision_category.revision_ordinal 
_pdbx_audit_revision_category.data_content_type 
_pdbx_audit_revision_category.category 
1 4 'Structure model' chem_comp_atom     
2 4 'Structure model' chem_comp_bond     
3 4 'Structure model' database_2         
4 4 'Structure model' struct_ref_seq_dif 
# 
loop_
_pdbx_audit_revision_item.ordinal 
_pdbx_audit_revision_item.revision_ordinal 
_pdbx_audit_revision_item.data_content_type 
_pdbx_audit_revision_item.item 
1 4 'Structure model' '_database_2.pdbx_DOI'                
2 4 'Structure model' '_database_2.pdbx_database_accession' 
3 4 'Structure model' '_struct_ref_seq_dif.details'         
# 
_pdbx_database_status.status_code                     REL 
_pdbx_database_status.entry_id                        1UKF 
_pdbx_database_status.recvd_initial_deposition_date   2003-08-21 
_pdbx_database_status.deposit_site                    PDBJ 
_pdbx_database_status.process_site                    PDBJ 
_pdbx_database_status.status_code_sf                  REL 
_pdbx_database_status.SG_entry                        . 
_pdbx_database_status.pdb_format_compatible           Y 
_pdbx_database_status.status_code_mr                  ? 
_pdbx_database_status.status_code_cs                  ? 
_pdbx_database_status.status_code_nmr_data            ? 
_pdbx_database_status.methods_development_category    ? 
# 
loop_
_audit_author.name 
_audit_author.pdbx_ordinal 
'Zhu, M.'     1 
'Shao, F.'    2 
'Innes, R.W.' 3 
'Dixon, J.E.' 4 
'Xu, Z.'      5 
# 
_citation.id                        primary 
_citation.title                     
'The crystal structure of Pseudomonas avirulence protein AvrPphB: a papain-like fold with a distinct substrate-binding site.' 
_citation.journal_abbrev            Proc.Natl.Acad.Sci.Usa 
_citation.journal_volume            101 
_citation.page_first                302 
_citation.page_last                 307 
_citation.year                      2004 
_citation.journal_id_ASTM           PNASA6 
_citation.country                   US 
_citation.journal_id_ISSN           0027-8424 
_citation.journal_id_CSD            0040 
_citation.book_publisher            ? 
_citation.pdbx_database_id_PubMed   14694194 
_citation.pdbx_database_id_DOI      10.1073/pnas.2036536100 
# 
loop_
_citation_author.citation_id 
_citation_author.name 
_citation_author.ordinal 
_citation_author.identifier_ORCID 
primary 'Zhu, M.'     1 ? 
primary 'Shao, F.'    2 ? 
primary 'Innes, R.W.' 3 ? 
primary 'Dixon, J.E.' 4 ? 
primary 'Xu, Z.'      5 ? 
# 
loop_
_entity.id 
_entity.type 
_entity.src_method 
_entity.pdbx_description 
_entity.formula_weight 
_entity.pdbx_number_of_molecules 
_entity.pdbx_ec 
_entity.pdbx_mutation 
_entity.pdbx_fragment 
_entity.details 
1 polymer man 'Avirulence protein AVRPPH3' 20387.289 1   ? ? 'residues 81-267' ? 
2 water   nat water                        18.015    197 ? ? ?                 ? 
# 
_entity_name_com.entity_id   1 
_entity_name_com.name        'Pseudomonas AvrPphB' 
# 
_entity_poly.entity_id                      1 
_entity_poly.type                           'polypeptide(L)' 
_entity_poly.nstd_linkage                   no 
_entity_poly.nstd_monomer                   no 
_entity_poly.pdbx_seq_one_letter_code       
;SLSDFSVASRDVNHNNICAGLSTEWLVMSSDGDAESRMDHLDYNGEGQSRGSERHQVYNDALRAALSNDDEAPFFTASTA
VIEDAGFSLRREPKTVHASGGSAQLGQTVAHDVAQSGRKHLLSLRFANVQGHAIACSCEGSQFKLFDPNLGEFQSSRSAA
PQLIKGLIDHYNSLNYDVACVNEFRVSV
;
_entity_poly.pdbx_seq_one_letter_code_can   
;SLSDFSVASRDVNHNNICAGLSTEWLVMSSDGDAESRMDHLDYNGEGQSRGSERHQVYNDALRAALSNDDEAPFFTASTA
VIEDAGFSLRREPKTVHASGGSAQLGQTVAHDVAQSGRKHLLSLRFANVQGHAIACSCEGSQFKLFDPNLGEFQSSRSAA
PQLIKGLIDHYNSLNYDVACVNEFRVSV
;
_entity_poly.pdbx_strand_id                 A 
_entity_poly.pdbx_target_identifier         ? 
# 
_pdbx_entity_nonpoly.entity_id   2 
_pdbx_entity_nonpoly.name        water 
_pdbx_entity_nonpoly.comp_id     HOH 
# 
loop_
_entity_poly_seq.entity_id 
_entity_poly_seq.num 
_entity_poly_seq.mon_id 
_entity_poly_seq.hetero 
1 1   SER n 
1 2   LEU n 
1 3   SER n 
1 4   ASP n 
1 5   PHE n 
1 6   SER n 
1 7   VAL n 
1 8   ALA n 
1 9   SER n 
1 10  ARG n 
1 11  ASP n 
1 12  VAL n 
1 13  ASN n 
1 14  HIS n 
1 15  ASN n 
1 16  ASN n 
1 17  ILE n 
1 18  CYS n 
1 19  ALA n 
1 20  GLY n 
1 21  LEU n 
1 22  SER n 
1 23  THR n 
1 24  GLU n 
1 25  TRP n 
1 26  LEU n 
1 27  VAL n 
1 28  MET n 
1 29  SER n 
1 30  SER n 
1 31  ASP n 
1 32  GLY n 
1 33  ASP n 
1 34  ALA n 
1 35  GLU n 
1 36  SER n 
1 37  ARG n 
1 38  MET n 
1 39  ASP n 
1 40  HIS n 
1 41  LEU n 
1 42  ASP n 
1 43  TYR n 
1 44  ASN n 
1 45  GLY n 
1 46  GLU n 
1 47  GLY n 
1 48  GLN n 
1 49  SER n 
1 50  ARG n 
1 51  GLY n 
1 52  SER n 
1 53  GLU n 
1 54  ARG n 
1 55  HIS n 
1 56  GLN n 
1 57  VAL n 
1 58  TYR n 
1 59  ASN n 
1 60  ASP n 
1 61  ALA n 
1 62  LEU n 
1 63  ARG n 
1 64  ALA n 
1 65  ALA n 
1 66  LEU n 
1 67  SER n 
1 68  ASN n 
1 69  ASP n 
1 70  ASP n 
1 71  GLU n 
1 72  ALA n 
1 73  PRO n 
1 74  PHE n 
1 75  PHE n 
1 76  THR n 
1 77  ALA n 
1 78  SER n 
1 79  THR n 
1 80  ALA n 
1 81  VAL n 
1 82  ILE n 
1 83  GLU n 
1 84  ASP n 
1 85  ALA n 
1 86  GLY n 
1 87  PHE n 
1 88  SER n 
1 89  LEU n 
1 90  ARG n 
1 91  ARG n 
1 92  GLU n 
1 93  PRO n 
1 94  LYS n 
1 95  THR n 
1 96  VAL n 
1 97  HIS n 
1 98  ALA n 
1 99  SER n 
1 100 GLY n 
1 101 GLY n 
1 102 SER n 
1 103 ALA n 
1 104 GLN n 
1 105 LEU n 
1 106 GLY n 
1 107 GLN n 
1 108 THR n 
1 109 VAL n 
1 110 ALA n 
1 111 HIS n 
1 112 ASP n 
1 113 VAL n 
1 114 ALA n 
1 115 GLN n 
1 116 SER n 
1 117 GLY n 
1 118 ARG n 
1 119 LYS n 
1 120 HIS n 
1 121 LEU n 
1 122 LEU n 
1 123 SER n 
1 124 LEU n 
1 125 ARG n 
1 126 PHE n 
1 127 ALA n 
1 128 ASN n 
1 129 VAL n 
1 130 GLN n 
1 131 GLY n 
1 132 HIS n 
1 133 ALA n 
1 134 ILE n 
1 135 ALA n 
1 136 CYS n 
1 137 SER n 
1 138 CYS n 
1 139 GLU n 
1 140 GLY n 
1 141 SER n 
1 142 GLN n 
1 143 PHE n 
1 144 LYS n 
1 145 LEU n 
1 146 PHE n 
1 147 ASP n 
1 148 PRO n 
1 149 ASN n 
1 150 LEU n 
1 151 GLY n 
1 152 GLU n 
1 153 PHE n 
1 154 GLN n 
1 155 SER n 
1 156 SER n 
1 157 ARG n 
1 158 SER n 
1 159 ALA n 
1 160 ALA n 
1 161 PRO n 
1 162 GLN n 
1 163 LEU n 
1 164 ILE n 
1 165 LYS n 
1 166 GLY n 
1 167 LEU n 
1 168 ILE n 
1 169 ASP n 
1 170 HIS n 
1 171 TYR n 
1 172 ASN n 
1 173 SER n 
1 174 LEU n 
1 175 ASN n 
1 176 TYR n 
1 177 ASP n 
1 178 VAL n 
1 179 ALA n 
1 180 CYS n 
1 181 VAL n 
1 182 ASN n 
1 183 GLU n 
1 184 PHE n 
1 185 ARG n 
1 186 VAL n 
1 187 SER n 
1 188 VAL n 
# 
_entity_src_gen.entity_id                          1 
_entity_src_gen.pdbx_src_id                        1 
_entity_src_gen.pdbx_alt_source_flag               sample 
_entity_src_gen.pdbx_seq_type                      ? 
_entity_src_gen.pdbx_beg_seq_num                   ? 
_entity_src_gen.pdbx_end_seq_num                   ? 
_entity_src_gen.gene_src_common_name               ? 
_entity_src_gen.gene_src_genus                     Pseudomonas 
_entity_src_gen.pdbx_gene_src_gene                 ? 
_entity_src_gen.gene_src_species                   'Pseudomonas savastanoi' 
_entity_src_gen.gene_src_strain                    ? 
_entity_src_gen.gene_src_tissue                    ? 
_entity_src_gen.gene_src_tissue_fraction           ? 
_entity_src_gen.gene_src_details                   ? 
_entity_src_gen.pdbx_gene_src_fragment             ? 
_entity_src_gen.pdbx_gene_src_scientific_name      'Pseudomonas syringae pv. phaseolicola' 
_entity_src_gen.pdbx_gene_src_ncbi_taxonomy_id     319 
_entity_src_gen.pdbx_gene_src_variant              ? 
_entity_src_gen.pdbx_gene_src_cell_line            ? 
_entity_src_gen.pdbx_gene_src_atcc                 ? 
_entity_src_gen.pdbx_gene_src_organ                ? 
_entity_src_gen.pdbx_gene_src_organelle            ? 
_entity_src_gen.pdbx_gene_src_cell                 ? 
_entity_src_gen.pdbx_gene_src_cellular_location    ? 
_entity_src_gen.host_org_common_name               ? 
_entity_src_gen.pdbx_host_org_scientific_name      'Escherichia coli BL21(DE3)' 
_entity_src_gen.pdbx_host_org_ncbi_taxonomy_id     469008 
_entity_src_gen.host_org_genus                     Escherichia 
_entity_src_gen.pdbx_host_org_gene                 ? 
_entity_src_gen.pdbx_host_org_organ                ? 
_entity_src_gen.host_org_species                   'Escherichia coli' 
_entity_src_gen.pdbx_host_org_tissue               ? 
_entity_src_gen.pdbx_host_org_tissue_fraction      ? 
_entity_src_gen.pdbx_host_org_strain               'BL21(DE3)' 
_entity_src_gen.pdbx_host_org_variant              ? 
_entity_src_gen.pdbx_host_org_cell_line            ? 
_entity_src_gen.pdbx_host_org_atcc                 ? 
_entity_src_gen.pdbx_host_org_culture_collection   ? 
_entity_src_gen.pdbx_host_org_cell                 ? 
_entity_src_gen.pdbx_host_org_organelle            ? 
_entity_src_gen.pdbx_host_org_cellular_location    ? 
_entity_src_gen.pdbx_host_org_vector_type          PLASMID 
_entity_src_gen.pdbx_host_org_vector               ? 
_entity_src_gen.host_org_details                   ? 
_entity_src_gen.expression_system_id               ? 
_entity_src_gen.plasmid_name                       pET21a 
_entity_src_gen.plasmid_details                    ? 
_entity_src_gen.pdbx_description                   ? 
# 
loop_
_chem_comp.id 
_chem_comp.type 
_chem_comp.mon_nstd_flag 
_chem_comp.name 
_chem_comp.pdbx_synonyms 
_chem_comp.formula 
_chem_comp.formula_weight 
ALA 'L-peptide linking' y ALANINE         ? 'C3 H7 N O2'     89.093  
ARG 'L-peptide linking' y ARGININE        ? 'C6 H15 N4 O2 1' 175.209 
ASN 'L-peptide linking' y ASPARAGINE      ? 'C4 H8 N2 O3'    132.118 
ASP 'L-peptide linking' y 'ASPARTIC ACID' ? 'C4 H7 N O4'     133.103 
CYS 'L-peptide linking' y CYSTEINE        ? 'C3 H7 N O2 S'   121.158 
GLN 'L-peptide linking' y GLUTAMINE       ? 'C5 H10 N2 O3'   146.144 
GLU 'L-peptide linking' y 'GLUTAMIC ACID' ? 'C5 H9 N O4'     147.129 
GLY 'peptide linking'   y GLYCINE         ? 'C2 H5 N O2'     75.067  
HIS 'L-peptide linking' y HISTIDINE       ? 'C6 H10 N3 O2 1' 156.162 
HOH non-polymer         . WATER           ? 'H2 O'           18.015  
ILE 'L-peptide linking' y ISOLEUCINE      ? 'C6 H13 N O2'    131.173 
LEU 'L-peptide linking' y LEUCINE         ? 'C6 H13 N O2'    131.173 
LYS 'L-peptide linking' y LYSINE          ? 'C6 H15 N2 O2 1' 147.195 
MET 'L-peptide linking' y METHIONINE      ? 'C5 H11 N O2 S'  149.211 
PHE 'L-peptide linking' y PHENYLALANINE   ? 'C9 H11 N O2'    165.189 
PRO 'L-peptide linking' y PROLINE         ? 'C5 H9 N O2'     115.130 
SER 'L-peptide linking' y SERINE          ? 'C3 H7 N O3'     105.093 
THR 'L-peptide linking' y THREONINE       ? 'C4 H9 N O3'     119.119 
TRP 'L-peptide linking' y TRYPTOPHAN      ? 'C11 H12 N2 O2'  204.225 
TYR 'L-peptide linking' y TYROSINE        ? 'C9 H11 N O3'    181.189 
VAL 'L-peptide linking' y VALINE          ? 'C5 H11 N O2'    117.146 
# 
loop_
_pdbx_poly_seq_scheme.asym_id 
_pdbx_poly_seq_scheme.entity_id 
_pdbx_poly_seq_scheme.seq_id 
_pdbx_poly_seq_scheme.mon_id 
_pdbx_poly_seq_scheme.ndb_seq_num 
_pdbx_poly_seq_scheme.pdb_seq_num 
_pdbx_poly_seq_scheme.auth_seq_num 
_pdbx_poly_seq_scheme.pdb_mon_id 
_pdbx_poly_seq_scheme.auth_mon_id 
_pdbx_poly_seq_scheme.pdb_strand_id 
_pdbx_poly_seq_scheme.pdb_ins_code 
_pdbx_poly_seq_scheme.hetero 
A 1 1   SER 1   81  81  SER SER A . n 
A 1 2   LEU 2   82  82  LEU LEU A . n 
A 1 3   SER 3   83  83  SER SER A . n 
A 1 4   ASP 4   84  84  ASP ASP A . n 
A 1 5   PHE 5   85  85  PHE PHE A . n 
A 1 6   SER 6   86  86  SER SER A . n 
A 1 7   VAL 7   87  87  VAL VAL A . n 
A 1 8   ALA 8   88  88  ALA ALA A . n 
A 1 9   SER 9   89  89  SER SER A . n 
A 1 10  ARG 10  90  90  ARG ARG A . n 
A 1 11  ASP 11  91  91  ASP ASP A . n 
A 1 12  VAL 12  92  92  VAL VAL A . n 
A 1 13  ASN 13  93  93  ASN ASN A . n 
A 1 14  HIS 14  94  94  HIS HIS A . n 
A 1 15  ASN 15  95  95  ASN ASN A . n 
A 1 16  ASN 16  96  96  ASN ASN A . n 
A 1 17  ILE 17  97  97  ILE ILE A . n 
A 1 18  CYS 18  98  98  CYS CYS A . n 
A 1 19  ALA 19  99  99  ALA ALA A . n 
A 1 20  GLY 20  100 100 GLY GLY A . n 
A 1 21  LEU 21  101 101 LEU LEU A . n 
A 1 22  SER 22  102 102 SER SER A . n 
A 1 23  THR 23  103 103 THR THR A . n 
A 1 24  GLU 24  104 104 GLU GLU A . n 
A 1 25  TRP 25  105 105 TRP TRP A . n 
A 1 26  LEU 26  106 106 LEU LEU A . n 
A 1 27  VAL 27  107 107 VAL VAL A . n 
A 1 28  MET 28  108 108 MET MET A . n 
A 1 29  SER 29  109 109 SER SER A . n 
A 1 30  SER 30  110 110 SER SER A . n 
A 1 31  ASP 31  111 111 ASP ASP A . n 
A 1 32  GLY 32  112 112 GLY GLY A . n 
A 1 33  ASP 33  113 113 ASP ASP A . n 
A 1 34  ALA 34  114 114 ALA ALA A . n 
A 1 35  GLU 35  115 115 GLU GLU A . n 
A 1 36  SER 36  116 116 SER SER A . n 
A 1 37  ARG 37  117 117 ARG ARG A . n 
A 1 38  MET 38  118 118 MET MET A . n 
A 1 39  ASP 39  119 119 ASP ASP A . n 
A 1 40  HIS 40  120 120 HIS HIS A . n 
A 1 41  LEU 41  121 121 LEU LEU A . n 
A 1 42  ASP 42  122 122 ASP ASP A . n 
A 1 43  TYR 43  123 123 TYR TYR A . n 
A 1 44  ASN 44  124 124 ASN ASN A . n 
A 1 45  GLY 45  125 125 GLY GLY A . n 
A 1 46  GLU 46  126 126 GLU GLU A . n 
A 1 47  GLY 47  127 127 GLY GLY A . n 
A 1 48  GLN 48  128 128 GLN GLN A . n 
A 1 49  SER 49  129 129 SER SER A . n 
A 1 50  ARG 50  130 130 ARG ARG A . n 
A 1 51  GLY 51  131 131 GLY GLY A . n 
A 1 52  SER 52  132 132 SER SER A . n 
A 1 53  GLU 53  133 133 GLU GLU A . n 
A 1 54  ARG 54  134 134 ARG ARG A . n 
A 1 55  HIS 55  135 135 HIS HIS A . n 
A 1 56  GLN 56  136 136 GLN GLN A . n 
A 1 57  VAL 57  137 137 VAL VAL A . n 
A 1 58  TYR 58  138 138 TYR TYR A . n 
A 1 59  ASN 59  139 139 ASN ASN A . n 
A 1 60  ASP 60  140 140 ASP ASP A . n 
A 1 61  ALA 61  141 141 ALA ALA A . n 
A 1 62  LEU 62  142 142 LEU LEU A . n 
A 1 63  ARG 63  143 143 ARG ALA A . n 
A 1 64  ALA 64  144 144 ALA ALA A . n 
A 1 65  ALA 65  145 145 ALA ALA A . n 
A 1 66  LEU 66  146 146 LEU LEU A . n 
A 1 67  SER 67  147 147 SER SER A . n 
A 1 68  ASN 68  148 148 ASN ASN A . n 
A 1 69  ASP 69  149 149 ASP ASP A . n 
A 1 70  ASP 70  150 150 ASP ASP A . n 
A 1 71  GLU 71  151 151 GLU ALA A . n 
A 1 72  ALA 72  152 152 ALA ALA A . n 
A 1 73  PRO 73  153 153 PRO PRO A . n 
A 1 74  PHE 74  154 154 PHE PHE A . n 
A 1 75  PHE 75  155 155 PHE PHE A . n 
A 1 76  THR 76  156 156 THR THR A . n 
A 1 77  ALA 77  157 157 ALA ALA A . n 
A 1 78  SER 78  158 158 SER SER A . n 
A 1 79  THR 79  159 159 THR THR A . n 
A 1 80  ALA 80  160 160 ALA ALA A . n 
A 1 81  VAL 81  161 161 VAL VAL A . n 
A 1 82  ILE 82  162 162 ILE ILE A . n 
A 1 83  GLU 83  163 163 GLU GLU A . n 
A 1 84  ASP 84  164 164 ASP ASP A . n 
A 1 85  ALA 85  165 165 ALA ALA A . n 
A 1 86  GLY 86  166 166 GLY GLY A . n 
A 1 87  PHE 87  167 167 PHE PHE A . n 
A 1 88  SER 88  168 168 SER SER A . n 
A 1 89  LEU 89  169 169 LEU LEU A . n 
A 1 90  ARG 90  170 170 ARG ARG A . n 
A 1 91  ARG 91  171 171 ARG ARG A . n 
A 1 92  GLU 92  172 172 GLU GLU A . n 
A 1 93  PRO 93  173 173 PRO PRO A . n 
A 1 94  LYS 94  174 174 LYS LYS A . n 
A 1 95  THR 95  175 175 THR THR A . n 
A 1 96  VAL 96  176 176 VAL VAL A . n 
A 1 97  HIS 97  177 177 HIS HIS A . n 
A 1 98  ALA 98  178 178 ALA ALA A . n 
A 1 99  SER 99  179 179 SER SER A . n 
A 1 100 GLY 100 180 180 GLY GLY A . n 
A 1 101 GLY 101 181 181 GLY GLY A . n 
A 1 102 SER 102 182 182 SER SER A . n 
A 1 103 ALA 103 183 183 ALA ALA A . n 
A 1 104 GLN 104 184 184 GLN GLN A . n 
A 1 105 LEU 105 185 185 LEU LEU A . n 
A 1 106 GLY 106 186 186 GLY GLY A . n 
A 1 107 GLN 107 187 187 GLN GLN A . n 
A 1 108 THR 108 188 188 THR THR A . n 
A 1 109 VAL 109 189 189 VAL VAL A . n 
A 1 110 ALA 110 190 190 ALA ALA A . n 
A 1 111 HIS 111 191 191 HIS HIS A . n 
A 1 112 ASP 112 192 192 ASP ASP A . n 
A 1 113 VAL 113 193 193 VAL VAL A . n 
A 1 114 ALA 114 194 194 ALA ALA A . n 
A 1 115 GLN 115 195 195 GLN GLN A . n 
A 1 116 SER 116 196 196 SER SER A . n 
A 1 117 GLY 117 197 197 GLY GLY A . n 
A 1 118 ARG 118 198 198 ARG ARG A . n 
A 1 119 LYS 119 199 199 LYS LYS A . n 
A 1 120 HIS 120 200 200 HIS HIS A . n 
A 1 121 LEU 121 201 201 LEU LEU A . n 
A 1 122 LEU 122 202 202 LEU LEU A . n 
A 1 123 SER 123 203 203 SER SER A . n 
A 1 124 LEU 124 204 204 LEU LEU A . n 
A 1 125 ARG 125 205 205 ARG ALA A . n 
A 1 126 PHE 126 206 206 PHE PHE A . n 
A 1 127 ALA 127 207 207 ALA ALA A . n 
A 1 128 ASN 128 208 208 ASN ALA A . n 
A 1 129 VAL 129 209 209 VAL VAL A . n 
A 1 130 GLN 130 210 210 GLN GLN A . n 
A 1 131 GLY 131 211 211 GLY GLY A . n 
A 1 132 HIS 132 212 212 HIS HIS A . n 
A 1 133 ALA 133 213 213 ALA ALA A . n 
A 1 134 ILE 134 214 214 ILE ILE A . n 
A 1 135 ALA 135 215 215 ALA ALA A . n 
A 1 136 CYS 136 216 216 CYS CYS A . n 
A 1 137 SER 137 217 217 SER SER A . n 
A 1 138 CYS 138 218 218 CYS CYS A . n 
A 1 139 GLU 139 219 219 GLU GLU A . n 
A 1 140 GLY 140 220 220 GLY GLY A . n 
A 1 141 SER 141 221 221 SER SER A . n 
A 1 142 GLN 142 222 222 GLN GLN A . n 
A 1 143 PHE 143 223 223 PHE PHE A . n 
A 1 144 LYS 144 224 224 LYS LYS A . n 
A 1 145 LEU 145 225 225 LEU LEU A . n 
A 1 146 PHE 146 226 226 PHE PHE A . n 
A 1 147 ASP 147 227 227 ASP ASP A . n 
A 1 148 PRO 148 228 228 PRO PRO A . n 
A 1 149 ASN 149 229 229 ASN ASN A . n 
A 1 150 LEU 150 230 230 LEU LEU A . n 
A 1 151 GLY 151 231 231 GLY GLY A . n 
A 1 152 GLU 152 232 232 GLU GLU A . n 
A 1 153 PHE 153 233 233 PHE PHE A . n 
A 1 154 GLN 154 234 234 GLN GLN A . n 
A 1 155 SER 155 235 235 SER SER A . n 
A 1 156 SER 156 236 236 SER SER A . n 
A 1 157 ARG 157 237 237 ARG ARG A . n 
A 1 158 SER 158 238 238 SER SER A . n 
A 1 159 ALA 159 239 239 ALA ALA A . n 
A 1 160 ALA 160 240 240 ALA ALA A . n 
A 1 161 PRO 161 241 241 PRO PRO A . n 
A 1 162 GLN 162 242 242 GLN ALA A . n 
A 1 163 LEU 163 243 243 LEU LEU A . n 
A 1 164 ILE 164 244 244 ILE ILE A . n 
A 1 165 LYS 165 245 245 LYS LYS A . n 
A 1 166 GLY 166 246 246 GLY GLY A . n 
A 1 167 LEU 167 247 247 LEU LEU A . n 
A 1 168 ILE 168 248 248 ILE ILE A . n 
A 1 169 ASP 169 249 249 ASP ASP A . n 
A 1 170 HIS 170 250 250 HIS HIS A . n 
A 1 171 TYR 171 251 251 TYR TYR A . n 
A 1 172 ASN 172 252 252 ASN ASN A . n 
A 1 173 SER 173 253 253 SER SER A . n 
A 1 174 LEU 174 254 254 LEU LEU A . n 
A 1 175 ASN 175 255 255 ASN ASN A . n 
A 1 176 TYR 176 256 256 TYR TYR A . n 
A 1 177 ASP 177 257 257 ASP ASP A . n 
A 1 178 VAL 178 258 258 VAL VAL A . n 
A 1 179 ALA 179 259 259 ALA ALA A . n 
A 1 180 CYS 180 260 260 CYS CYS A . n 
A 1 181 VAL 181 261 261 VAL VAL A . n 
A 1 182 ASN 182 262 262 ASN ASN A . n 
A 1 183 GLU 183 263 263 GLU GLU A . n 
A 1 184 PHE 184 264 264 PHE PHE A . n 
A 1 185 ARG 185 265 265 ARG ARG A . n 
A 1 186 VAL 186 266 266 VAL VAL A . n 
A 1 187 SER 187 267 267 SER SER A . n 
A 1 188 VAL 188 268 268 VAL VAL A . n 
# 
loop_
_pdbx_nonpoly_scheme.asym_id 
_pdbx_nonpoly_scheme.entity_id 
_pdbx_nonpoly_scheme.mon_id 
_pdbx_nonpoly_scheme.ndb_seq_num 
_pdbx_nonpoly_scheme.pdb_seq_num 
_pdbx_nonpoly_scheme.auth_seq_num 
_pdbx_nonpoly_scheme.pdb_mon_id 
_pdbx_nonpoly_scheme.auth_mon_id 
_pdbx_nonpoly_scheme.pdb_strand_id 
_pdbx_nonpoly_scheme.pdb_ins_code 
B 2 HOH 1   269 269 HOH WAT A . 
B 2 HOH 2   270 270 HOH WAT A . 
B 2 HOH 3   271 271 HOH WAT A . 
B 2 HOH 4   272 272 HOH WAT A . 
B 2 HOH 5   273 273 HOH WAT A . 
B 2 HOH 6   274 274 HOH WAT A . 
B 2 HOH 7   275 275 HOH WAT A . 
B 2 HOH 8   276 276 HOH WAT A . 
B 2 HOH 9   277 277 HOH WAT A . 
B 2 HOH 10  278 278 HOH WAT A . 
B 2 HOH 11  279 279 HOH WAT A . 
B 2 HOH 12  280 280 HOH WAT A . 
B 2 HOH 13  281 281 HOH WAT A . 
B 2 HOH 14  282 282 HOH WAT A . 
B 2 HOH 15  283 283 HOH WAT A . 
B 2 HOH 16  284 284 HOH WAT A . 
B 2 HOH 17  285 285 HOH WAT A . 
B 2 HOH 18  286 286 HOH WAT A . 
B 2 HOH 19  287 287 HOH WAT A . 
B 2 HOH 20  288 288 HOH WAT A . 
B 2 HOH 21  289 289 HOH WAT A . 
B 2 HOH 22  290 290 HOH WAT A . 
B 2 HOH 23  291 291 HOH WAT A . 
B 2 HOH 24  292 292 HOH WAT A . 
B 2 HOH 25  293 293 HOH WAT A . 
B 2 HOH 26  294 294 HOH WAT A . 
B 2 HOH 27  295 295 HOH WAT A . 
B 2 HOH 28  297 297 HOH WAT A . 
B 2 HOH 29  298 298 HOH WAT A . 
B 2 HOH 30  299 299 HOH WAT A . 
B 2 HOH 31  300 300 HOH WAT A . 
B 2 HOH 32  301 301 HOH WAT A . 
B 2 HOH 33  302 302 HOH WAT A . 
B 2 HOH 34  303 303 HOH WAT A . 
B 2 HOH 35  304 304 HOH WAT A . 
B 2 HOH 36  305 305 HOH WAT A . 
B 2 HOH 37  306 306 HOH WAT A . 
B 2 HOH 38  307 307 HOH WAT A . 
B 2 HOH 39  308 308 HOH WAT A . 
B 2 HOH 40  310 310 HOH WAT A . 
B 2 HOH 41  311 311 HOH WAT A . 
B 2 HOH 42  312 312 HOH WAT A . 
B 2 HOH 43  313 313 HOH WAT A . 
B 2 HOH 44  314 314 HOH WAT A . 
B 2 HOH 45  315 315 HOH WAT A . 
B 2 HOH 46  316 316 HOH WAT A . 
B 2 HOH 47  317 317 HOH WAT A . 
B 2 HOH 48  318 318 HOH WAT A . 
B 2 HOH 49  319 319 HOH WAT A . 
B 2 HOH 50  320 320 HOH WAT A . 
B 2 HOH 51  321 321 HOH WAT A . 
B 2 HOH 52  322 322 HOH WAT A . 
B 2 HOH 53  323 323 HOH WAT A . 
B 2 HOH 54  324 324 HOH WAT A . 
B 2 HOH 55  325 325 HOH WAT A . 
B 2 HOH 56  326 326 HOH WAT A . 
B 2 HOH 57  327 327 HOH WAT A . 
B 2 HOH 58  328 328 HOH WAT A . 
B 2 HOH 59  329 329 HOH WAT A . 
B 2 HOH 60  330 330 HOH WAT A . 
B 2 HOH 61  331 331 HOH WAT A . 
B 2 HOH 62  332 332 HOH WAT A . 
B 2 HOH 63  334 334 HOH WAT A . 
B 2 HOH 64  335 335 HOH WAT A . 
B 2 HOH 65  336 336 HOH WAT A . 
B 2 HOH 66  337 337 HOH WAT A . 
B 2 HOH 67  338 338 HOH WAT A . 
B 2 HOH 68  339 339 HOH WAT A . 
B 2 HOH 69  340 340 HOH WAT A . 
B 2 HOH 70  341 341 HOH WAT A . 
B 2 HOH 71  342 342 HOH WAT A . 
B 2 HOH 72  343 343 HOH WAT A . 
B 2 HOH 73  344 344 HOH WAT A . 
B 2 HOH 74  345 345 HOH WAT A . 
B 2 HOH 75  346 346 HOH WAT A . 
B 2 HOH 76  347 347 HOH WAT A . 
B 2 HOH 77  348 348 HOH WAT A . 
B 2 HOH 78  349 349 HOH WAT A . 
B 2 HOH 79  350 350 HOH WAT A . 
B 2 HOH 80  351 351 HOH WAT A . 
B 2 HOH 81  352 352 HOH WAT A . 
B 2 HOH 82  353 353 HOH WAT A . 
B 2 HOH 83  354 354 HOH WAT A . 
B 2 HOH 84  355 355 HOH WAT A . 
B 2 HOH 85  356 356 HOH WAT A . 
B 2 HOH 86  357 357 HOH WAT A . 
B 2 HOH 87  358 358 HOH WAT A . 
B 2 HOH 88  359 359 HOH WAT A . 
B 2 HOH 89  360 360 HOH WAT A . 
B 2 HOH 90  361 361 HOH WAT A . 
B 2 HOH 91  362 362 HOH WAT A . 
B 2 HOH 92  363 363 HOH WAT A . 
B 2 HOH 93  364 364 HOH WAT A . 
B 2 HOH 94  365 365 HOH WAT A . 
B 2 HOH 95  366 366 HOH WAT A . 
B 2 HOH 96  367 367 HOH WAT A . 
B 2 HOH 97  368 368 HOH WAT A . 
B 2 HOH 98  369 369 HOH WAT A . 
B 2 HOH 99  370 370 HOH WAT A . 
B 2 HOH 100 371 371 HOH WAT A . 
B 2 HOH 101 372 372 HOH WAT A . 
B 2 HOH 102 373 373 HOH WAT A . 
B 2 HOH 103 374 374 HOH WAT A . 
B 2 HOH 104 375 375 HOH WAT A . 
B 2 HOH 105 376 376 HOH WAT A . 
B 2 HOH 106 377 377 HOH WAT A . 
B 2 HOH 107 378 378 HOH WAT A . 
B 2 HOH 108 379 379 HOH WAT A . 
B 2 HOH 109 380 380 HOH WAT A . 
B 2 HOH 110 381 381 HOH WAT A . 
B 2 HOH 111 382 382 HOH WAT A . 
B 2 HOH 112 383 383 HOH WAT A . 
B 2 HOH 113 384 384 HOH WAT A . 
B 2 HOH 114 385 385 HOH WAT A . 
B 2 HOH 115 386 386 HOH WAT A . 
B 2 HOH 116 387 387 HOH WAT A . 
B 2 HOH 117 388 388 HOH WAT A . 
B 2 HOH 118 389 389 HOH WAT A . 
B 2 HOH 119 390 390 HOH WAT A . 
B 2 HOH 120 391 391 HOH WAT A . 
B 2 HOH 121 393 393 HOH WAT A . 
B 2 HOH 122 394 394 HOH WAT A . 
B 2 HOH 123 395 395 HOH WAT A . 
B 2 HOH 124 396 396 HOH WAT A . 
B 2 HOH 125 397 397 HOH WAT A . 
B 2 HOH 126 398 398 HOH WAT A . 
B 2 HOH 127 399 399 HOH WAT A . 
B 2 HOH 128 400 400 HOH WAT A . 
B 2 HOH 129 401 401 HOH WAT A . 
B 2 HOH 130 402 402 HOH WAT A . 
B 2 HOH 131 403 403 HOH WAT A . 
B 2 HOH 132 404 404 HOH WAT A . 
B 2 HOH 133 405 405 HOH WAT A . 
B 2 HOH 134 406 406 HOH WAT A . 
B 2 HOH 135 407 407 HOH WAT A . 
B 2 HOH 136 408 408 HOH WAT A . 
B 2 HOH 137 409 409 HOH WAT A . 
B 2 HOH 138 410 410 HOH WAT A . 
B 2 HOH 139 411 411 HOH WAT A . 
B 2 HOH 140 412 412 HOH WAT A . 
B 2 HOH 141 413 413 HOH WAT A . 
B 2 HOH 142 414 414 HOH WAT A . 
B 2 HOH 143 415 415 HOH WAT A . 
B 2 HOH 144 416 416 HOH WAT A . 
B 2 HOH 145 417 417 HOH WAT A . 
B 2 HOH 146 418 418 HOH WAT A . 
B 2 HOH 147 419 419 HOH WAT A . 
B 2 HOH 148 420 420 HOH WAT A . 
B 2 HOH 149 422 422 HOH WAT A . 
B 2 HOH 150 423 423 HOH WAT A . 
B 2 HOH 151 424 424 HOH WAT A . 
B 2 HOH 152 425 425 HOH WAT A . 
B 2 HOH 153 426 426 HOH WAT A . 
B 2 HOH 154 427 427 HOH WAT A . 
B 2 HOH 155 428 428 HOH WAT A . 
B 2 HOH 156 430 430 HOH WAT A . 
B 2 HOH 157 431 431 HOH WAT A . 
B 2 HOH 158 432 432 HOH WAT A . 
B 2 HOH 159 433 433 HOH WAT A . 
B 2 HOH 160 434 434 HOH WAT A . 
B 2 HOH 161 435 435 HOH WAT A . 
B 2 HOH 162 436 436 HOH WAT A . 
B 2 HOH 163 437 437 HOH WAT A . 
B 2 HOH 164 438 438 HOH WAT A . 
B 2 HOH 165 439 439 HOH WAT A . 
B 2 HOH 166 440 440 HOH WAT A . 
B 2 HOH 167 441 441 HOH WAT A . 
B 2 HOH 168 442 442 HOH WAT A . 
B 2 HOH 169 444 444 HOH WAT A . 
B 2 HOH 170 445 445 HOH WAT A . 
B 2 HOH 171 446 446 HOH WAT A . 
B 2 HOH 172 448 448 HOH WAT A . 
B 2 HOH 173 449 449 HOH WAT A . 
B 2 HOH 174 450 450 HOH WAT A . 
B 2 HOH 175 452 452 HOH WAT A . 
B 2 HOH 176 453 453 HOH WAT A . 
B 2 HOH 177 454 454 HOH WAT A . 
B 2 HOH 178 455 455 HOH WAT A . 
B 2 HOH 179 456 456 HOH WAT A . 
B 2 HOH 180 457 457 HOH WAT A . 
B 2 HOH 181 458 458 HOH WAT A . 
B 2 HOH 182 459 459 HOH WAT A . 
B 2 HOH 183 460 460 HOH WAT A . 
B 2 HOH 184 461 461 HOH WAT A . 
B 2 HOH 185 462 462 HOH WAT A . 
B 2 HOH 186 463 463 HOH WAT A . 
B 2 HOH 187 464 464 HOH WAT A . 
B 2 HOH 188 465 465 HOH WAT A . 
B 2 HOH 189 466 466 HOH WAT A . 
B 2 HOH 190 468 468 HOH WAT A . 
B 2 HOH 191 469 469 HOH WAT A . 
B 2 HOH 192 470 470 HOH WAT A . 
B 2 HOH 193 472 472 HOH WAT A . 
B 2 HOH 194 474 474 HOH WAT A . 
B 2 HOH 195 475 475 HOH WAT A . 
B 2 HOH 196 476 476 HOH WAT A . 
B 2 HOH 197 477 477 HOH WAT A . 
# 
loop_
_pdbx_unobs_or_zero_occ_atoms.id 
_pdbx_unobs_or_zero_occ_atoms.PDB_model_num 
_pdbx_unobs_or_zero_occ_atoms.polymer_flag 
_pdbx_unobs_or_zero_occ_atoms.occupancy_flag 
_pdbx_unobs_or_zero_occ_atoms.auth_asym_id 
_pdbx_unobs_or_zero_occ_atoms.auth_comp_id 
_pdbx_unobs_or_zero_occ_atoms.auth_seq_id 
_pdbx_unobs_or_zero_occ_atoms.PDB_ins_code 
_pdbx_unobs_or_zero_occ_atoms.auth_atom_id 
_pdbx_unobs_or_zero_occ_atoms.label_alt_id 
_pdbx_unobs_or_zero_occ_atoms.label_asym_id 
_pdbx_unobs_or_zero_occ_atoms.label_comp_id 
_pdbx_unobs_or_zero_occ_atoms.label_seq_id 
_pdbx_unobs_or_zero_occ_atoms.label_atom_id 
1  1 Y 1 A ARG 143 ? CG  ? A ARG 63  CG  
2  1 Y 1 A ARG 143 ? CD  ? A ARG 63  CD  
3  1 Y 1 A ARG 143 ? NE  ? A ARG 63  NE  
4  1 Y 1 A ARG 143 ? CZ  ? A ARG 63  CZ  
5  1 Y 1 A ARG 143 ? NH1 ? A ARG 63  NH1 
6  1 Y 1 A ARG 143 ? NH2 ? A ARG 63  NH2 
7  1 Y 1 A GLU 151 ? CG  ? A GLU 71  CG  
8  1 Y 1 A GLU 151 ? CD  ? A GLU 71  CD  
9  1 Y 1 A GLU 151 ? OE1 ? A GLU 71  OE1 
10 1 Y 1 A GLU 151 ? OE2 ? A GLU 71  OE2 
11 1 Y 1 A ARG 205 ? CG  ? A ARG 125 CG  
12 1 Y 1 A ARG 205 ? CD  ? A ARG 125 CD  
13 1 Y 1 A ARG 205 ? NE  ? A ARG 125 NE  
14 1 Y 1 A ARG 205 ? CZ  ? A ARG 125 CZ  
15 1 Y 1 A ARG 205 ? NH1 ? A ARG 125 NH1 
16 1 Y 1 A ARG 205 ? NH2 ? A ARG 125 NH2 
17 1 Y 1 A ASN 208 ? CG  ? A ASN 128 CG  
18 1 Y 1 A ASN 208 ? OD1 ? A ASN 128 OD1 
19 1 Y 1 A ASN 208 ? ND2 ? A ASN 128 ND2 
20 1 Y 1 A GLN 242 ? CG  ? A GLN 162 CG  
21 1 Y 1 A GLN 242 ? CD  ? A GLN 162 CD  
22 1 Y 1 A GLN 242 ? OE1 ? A GLN 162 OE1 
23 1 Y 1 A GLN 242 ? NE2 ? A GLN 162 NE2 
# 
loop_
_software.name 
_software.classification 
_software.version 
_software.citation_id 
_software.pdbx_ordinal 
CNS       refinement       1.1 ? 1 
HKL-2000  'data reduction' .   ? 2 
SCALEPACK 'data scaling'   .   ? 3 
CNS       phasing          .   ? 4 
# 
_cell.entry_id           1UKF 
_cell.length_a           43.601 
_cell.length_b           49.596 
_cell.length_c           75.705 
_cell.angle_alpha        90.00 
_cell.angle_beta         90.00 
_cell.angle_gamma        90.00 
_cell.Z_PDB              4 
_cell.pdbx_unique_axis   ? 
# 
_symmetry.entry_id                         1UKF 
_symmetry.space_group_name_H-M             'P 21 21 21' 
_symmetry.pdbx_full_space_group_name_H-M   ? 
_symmetry.cell_setting                     ? 
_symmetry.Int_Tables_number                19 
# 
_exptl.entry_id          1UKF 
_exptl.method            'X-RAY DIFFRACTION' 
_exptl.crystals_number   1 
# 
_exptl_crystal.id                    1 
_exptl_crystal.density_meas          ? 
_exptl_crystal.density_Matthews      1.82 
_exptl_crystal.density_percent_sol   31.94 
_exptl_crystal.description           ? 
# 
_exptl_crystal_grow.crystal_id      1 
_exptl_crystal_grow.method          'VAPOR DIFFUSION, SITTING DROP' 
_exptl_crystal_grow.temp            293.0 
_exptl_crystal_grow.temp_details    ? 
_exptl_crystal_grow.pH              6.7 
_exptl_crystal_grow.pdbx_details    'Ammonium Sulfate, PIPES, pH 6.7, VAPOR DIFFUSION, SITTING DROP, temperature 293.0K' 
_exptl_crystal_grow.pdbx_pH_range   . 
# 
_diffrn.id                     1 
_diffrn.ambient_temp           100 
_diffrn.ambient_temp_details   ? 
_diffrn.crystal_id             1 
# 
_diffrn_detector.diffrn_id              1 
_diffrn_detector.detector               CCD 
_diffrn_detector.type                   CUSTOM-MADE 
_diffrn_detector.pdbx_collection_date   2002-07-04 
_diffrn_detector.details                ? 
# 
_diffrn_radiation.diffrn_id                        1 
_diffrn_radiation.wavelength_id                    1 
_diffrn_radiation.pdbx_monochromatic_or_laue_m_l   M 
_diffrn_radiation.monochromator                    Silicon 
_diffrn_radiation.pdbx_diffrn_protocol             MAD 
_diffrn_radiation.pdbx_scattering_type             x-ray 
# 
loop_
_diffrn_radiation_wavelength.id 
_diffrn_radiation_wavelength.wavelength 
_diffrn_radiation_wavelength.wt 
1 0.9792 1.0 
2 0.9879 1.0 
3 0.9793 1.0 
4 0.9565 1.0 
# 
_diffrn_source.diffrn_id                   1 
_diffrn_source.source                      SYNCHROTRON 
_diffrn_source.type                        'APS BEAMLINE 19-ID' 
_diffrn_source.pdbx_synchrotron_site       APS 
_diffrn_source.pdbx_synchrotron_beamline   19-ID 
_diffrn_source.pdbx_wavelength             ? 
_diffrn_source.pdbx_wavelength_list        '0.9792, 0.9879, 0.9793, 0.9565' 
# 
_reflns.entry_id                     1UKF 
_reflns.observed_criterion_sigma_I   0 
_reflns.observed_criterion_sigma_F   0 
_reflns.d_resolution_low             30.09 
_reflns.d_resolution_high            1.30 
_reflns.number_obs                   39746 
_reflns.number_all                   41298 
_reflns.percent_possible_obs         96.2 
_reflns.pdbx_Rmerge_I_obs            ? 
_reflns.pdbx_Rsym_value              ? 
_reflns.pdbx_netI_over_sigmaI        ? 
_reflns.B_iso_Wilson_estimate        13.3 
_reflns.pdbx_redundancy              ? 
_reflns.R_free_details               ? 
_reflns.limit_h_max                  ? 
_reflns.limit_h_min                  ? 
_reflns.limit_k_max                  ? 
_reflns.limit_k_min                  ? 
_reflns.limit_l_max                  ? 
_reflns.limit_l_min                  ? 
_reflns.observed_criterion_F_max     ? 
_reflns.observed_criterion_F_min     ? 
_reflns.pdbx_diffrn_id               1 
_reflns.pdbx_ordinal                 1 
# 
_reflns_shell.d_res_high             1.30 
_reflns_shell.d_res_low              1.35 
_reflns_shell.percent_possible_all   75.9 
_reflns_shell.Rmerge_I_obs           0.27 
_reflns_shell.pdbx_Rsym_value        0.035 
_reflns_shell.meanI_over_sigI_obs    2 
_reflns_shell.pdbx_redundancy        ? 
_reflns_shell.percent_possible_obs   ? 
_reflns_shell.number_unique_all      ? 
_reflns_shell.pdbx_diffrn_id         ? 
_reflns_shell.pdbx_ordinal           1 
# 
_refine.entry_id                                 1UKF 
_refine.ls_number_reflns_obs                     35498 
_refine.ls_number_reflns_all                     36823 
_refine.pdbx_ls_sigma_I                          ? 
_refine.pdbx_ls_sigma_F                          0.0 
_refine.pdbx_data_cutoff_high_absF               1053609.62 
_refine.pdbx_data_cutoff_low_absF                0.000000 
_refine.pdbx_data_cutoff_high_rms_absF           ? 
_refine.ls_d_res_low                             30.09 
_refine.ls_d_res_high                            1.35 
_refine.ls_percent_reflns_obs                    96.4 
_refine.ls_R_factor_obs                          0.204 
_refine.ls_R_factor_all                          ? 
_refine.ls_R_factor_R_work                       0.204 
_refine.ls_R_factor_R_free                       0.222 
_refine.ls_R_factor_R_free_error                 0.004 
_refine.ls_R_factor_R_free_error_details         ? 
_refine.ls_percent_reflns_R_free                 10.0 
_refine.ls_number_reflns_R_free                  3553 
_refine.ls_number_parameters                     ? 
_refine.ls_number_restraints                     ? 
_refine.occupancy_min                            ? 
_refine.occupancy_max                            ? 
_refine.correlation_coeff_Fo_to_Fc               ? 
_refine.correlation_coeff_Fo_to_Fc_free          ? 
_refine.B_iso_mean                               17.1 
_refine.aniso_B[1][1]                            1.03 
_refine.aniso_B[2][2]                            -0.84 
_refine.aniso_B[3][3]                            -0.19 
_refine.aniso_B[1][2]                            0.00 
_refine.aniso_B[1][3]                            0.00 
_refine.aniso_B[2][3]                            0.00 
_refine.solvent_model_details                    'FLAT MODEL' 
_refine.solvent_model_param_ksol                 0.423291 
_refine.solvent_model_param_bsol                 62.0291 
_refine.pdbx_solvent_vdw_probe_radii             ? 
_refine.pdbx_solvent_ion_probe_radii             ? 
_refine.pdbx_solvent_shrinkage_radii             ? 
_refine.pdbx_ls_cross_valid_method               THROUGHOUT 
_refine.details                                  ? 
_refine.pdbx_starting_model                      ? 
_refine.pdbx_method_to_determine_struct          MAD 
_refine.pdbx_isotropic_thermal_model             RESTRAINED 
_refine.pdbx_stereochemistry_target_values       'Engh & Huber' 
_refine.pdbx_stereochem_target_val_spec_case     ? 
_refine.pdbx_R_Free_selection_details            RANDOM 
_refine.pdbx_overall_ESU_R                       ? 
_refine.pdbx_overall_ESU_R_Free                  ? 
_refine.overall_SU_ML                            ? 
_refine.overall_SU_B                             ? 
_refine.ls_redundancy_reflns_obs                 ? 
_refine.B_iso_min                                ? 
_refine.B_iso_max                                ? 
_refine.overall_SU_R_Cruickshank_DPI             ? 
_refine.overall_SU_R_free                        ? 
_refine.pdbx_refine_id                           'X-RAY DIFFRACTION' 
_refine.pdbx_diffrn_id                           1 
_refine.pdbx_TLS_residual_ADP_flag               ? 
_refine.pdbx_overall_phase_error                 ? 
_refine.pdbx_overall_SU_R_free_Cruickshank_DPI   ? 
_refine.pdbx_overall_SU_R_Blow_DPI               ? 
_refine.pdbx_overall_SU_R_free_Blow_DPI          ? 
# 
_refine_analyze.entry_id                        1UKF 
_refine_analyze.Luzzati_coordinate_error_obs    0.15 
_refine_analyze.Luzzati_sigma_a_obs             0.08 
_refine_analyze.Luzzati_d_res_low_obs           5.00 
_refine_analyze.Luzzati_coordinate_error_free   0.17 
_refine_analyze.Luzzati_sigma_a_free            0.07 
_refine_analyze.Luzzati_d_res_low_free          ? 
_refine_analyze.number_disordered_residues      ? 
_refine_analyze.occupancy_sum_hydrogen          ? 
_refine_analyze.occupancy_sum_non_hydrogen      ? 
_refine_analyze.pdbx_Luzzati_d_res_high_obs     ? 
_refine_analyze.pdbx_refine_id                  'X-RAY DIFFRACTION' 
# 
_refine_hist.pdbx_refine_id                   'X-RAY DIFFRACTION' 
_refine_hist.cycle_id                         LAST 
_refine_hist.pdbx_number_atoms_protein        1408 
_refine_hist.pdbx_number_atoms_nucleic_acid   0 
_refine_hist.pdbx_number_atoms_ligand         0 
_refine_hist.number_atoms_solvent             197 
_refine_hist.number_atoms_total               1605 
_refine_hist.d_res_high                       1.35 
_refine_hist.d_res_low                        30.09 
# 
loop_
_refine_ls_restr.type 
_refine_ls_restr.dev_ideal 
_refine_ls_restr.dev_ideal_target 
_refine_ls_restr.weight 
_refine_ls_restr.number 
_refine_ls_restr.pdbx_refine_id 
_refine_ls_restr.pdbx_restraint_function 
c_bond_d                0.004 ? ? ? 'X-RAY DIFFRACTION' ? 
c_bond_d_na             ?     ? ? ? 'X-RAY DIFFRACTION' ? 
c_bond_d_prot           ?     ? ? ? 'X-RAY DIFFRACTION' ? 
c_angle_d               ?     ? ? ? 'X-RAY DIFFRACTION' ? 
c_angle_d_na            ?     ? ? ? 'X-RAY DIFFRACTION' ? 
c_angle_d_prot          ?     ? ? ? 'X-RAY DIFFRACTION' ? 
c_angle_deg             1.2   ? ? ? 'X-RAY DIFFRACTION' ? 
c_angle_deg_na          ?     ? ? ? 'X-RAY DIFFRACTION' ? 
c_angle_deg_prot        ?     ? ? ? 'X-RAY DIFFRACTION' ? 
c_dihedral_angle_d      22.1  ? ? ? 'X-RAY DIFFRACTION' ? 
c_dihedral_angle_d_na   ?     ? ? ? 'X-RAY DIFFRACTION' ? 
c_dihedral_angle_d_prot ?     ? ? ? 'X-RAY DIFFRACTION' ? 
c_improper_angle_d      0.71  ? ? ? 'X-RAY DIFFRACTION' ? 
c_improper_angle_d_na   ?     ? ? ? 'X-RAY DIFFRACTION' ? 
c_improper_angle_d_prot ?     ? ? ? 'X-RAY DIFFRACTION' ? 
c_mcbond_it             ?     ? ? ? 'X-RAY DIFFRACTION' ? 
c_mcangle_it            ?     ? ? ? 'X-RAY DIFFRACTION' ? 
c_scbond_it             ?     ? ? ? 'X-RAY DIFFRACTION' ? 
c_scangle_it            ?     ? ? ? 'X-RAY DIFFRACTION' ? 
# 
_refine_ls_shell.pdbx_total_number_of_bins_used   6 
_refine_ls_shell.d_res_high                       1.35 
_refine_ls_shell.d_res_low                        1.43 
_refine_ls_shell.number_reflns_R_work             4876 
_refine_ls_shell.R_factor_R_work                  0.228 
_refine_ls_shell.percent_reflns_obs               89.8 
_refine_ls_shell.R_factor_R_free                  0.238 
_refine_ls_shell.R_factor_R_free_error            0.010 
_refine_ls_shell.percent_reflns_R_free            10.2 
_refine_ls_shell.number_reflns_R_free             552 
_refine_ls_shell.number_reflns_obs                ? 
_refine_ls_shell.redundancy_reflns_obs            ? 
_refine_ls_shell.number_reflns_all                ? 
_refine_ls_shell.pdbx_refine_id                   'X-RAY DIFFRACTION' 
_refine_ls_shell.R_factor_all                     ? 
# 
loop_
_pdbx_xplor_file.serial_no 
_pdbx_xplor_file.param_file 
_pdbx_xplor_file.topol_file 
_pdbx_xplor_file.pdbx_refine_id 
1 PROTEIN_REP.PARAM PROTEIN.TOP 'X-RAY DIFFRACTION' 
2 WATER.PARAM       WATER.TOP   'X-RAY DIFFRACTION' 
# 
_struct.entry_id                  1UKF 
_struct.title                     'Crystal Structure of Pseudomonas Avirulence Protein AvrPphB' 
_struct.pdbx_model_details        ? 
_struct.pdbx_CASP_flag            ? 
_struct.pdbx_model_type_details   ? 
# 
_struct_keywords.entry_id        1UKF 
_struct_keywords.pdbx_keywords   HYDROLASE 
_struct_keywords.text            'AvrPphB, AvrPph3, Avirulence, Hypersensitive Response, HYDROLASE' 
# 
loop_
_struct_asym.id 
_struct_asym.pdbx_blank_PDB_chainid_flag 
_struct_asym.pdbx_modified 
_struct_asym.entity_id 
_struct_asym.details 
A N N 1 ? 
B N N 2 ? 
# 
_struct_ref.id                         1 
_struct_ref.db_name                    UNP 
_struct_ref.db_code                    AVRP3_PSESH 
_struct_ref.pdbx_db_accession          Q52430 
_struct_ref.entity_id                  1 
_struct_ref.pdbx_seq_one_letter_code   
;SLSDFSVASRDVNHNNICAGLSTEWLVMSSDGDAESRMDHLDYNGEGQSRGSERHQVYNDALRAALSNDDEAPFFTASTA
VIEDAGFSLRREPKTVHASGGSAQLGQTVAHDVAQSGRKHLLSLRFANVQGHAIACSCEGSQFKLFDPNLGEFQSSRSAA
PQLIKGLIDHYNSLNYDVACVNEFRVS
;
_struct_ref.pdbx_align_begin           81 
_struct_ref.pdbx_db_isoform            ? 
# 
_struct_ref_seq.align_id                      1 
_struct_ref_seq.ref_id                        1 
_struct_ref_seq.pdbx_PDB_id_code              1UKF 
_struct_ref_seq.pdbx_strand_id                A 
_struct_ref_seq.seq_align_beg                 1 
_struct_ref_seq.pdbx_seq_align_beg_ins_code   ? 
_struct_ref_seq.seq_align_end                 187 
_struct_ref_seq.pdbx_seq_align_end_ins_code   ? 
_struct_ref_seq.pdbx_db_accession             Q52430 
_struct_ref_seq.db_align_beg                  81 
_struct_ref_seq.pdbx_db_align_beg_ins_code    ? 
_struct_ref_seq.db_align_end                  267 
_struct_ref_seq.pdbx_db_align_end_ins_code    ? 
_struct_ref_seq.pdbx_auth_seq_align_beg       81 
_struct_ref_seq.pdbx_auth_seq_align_end       267 
# 
_struct_ref_seq_dif.align_id                     1 
_struct_ref_seq_dif.pdbx_pdb_id_code             1UKF 
_struct_ref_seq_dif.mon_id                       VAL 
_struct_ref_seq_dif.pdbx_pdb_strand_id           A 
_struct_ref_seq_dif.seq_num                      188 
_struct_ref_seq_dif.pdbx_pdb_ins_code            ? 
_struct_ref_seq_dif.pdbx_seq_db_name             UNP 
_struct_ref_seq_dif.pdbx_seq_db_accession_code   Q52430 
_struct_ref_seq_dif.db_mon_id                    ? 
_struct_ref_seq_dif.pdbx_seq_db_seq_num          ? 
_struct_ref_seq_dif.details                      'expression tag' 
_struct_ref_seq_dif.pdbx_auth_seq_num            268 
_struct_ref_seq_dif.pdbx_ordinal                 1 
# 
_pdbx_struct_assembly.id                   1 
_pdbx_struct_assembly.details              author_defined_assembly 
_pdbx_struct_assembly.method_details       ? 
_pdbx_struct_assembly.oligomeric_details   monomeric 
_pdbx_struct_assembly.oligomeric_count     1 
# 
_pdbx_struct_assembly_gen.assembly_id       1 
_pdbx_struct_assembly_gen.oper_expression   1 
_pdbx_struct_assembly_gen.asym_id_list      A,B 
# 
_pdbx_struct_oper_list.id                   1 
_pdbx_struct_oper_list.type                 'identity operation' 
_pdbx_struct_oper_list.name                 1_555 
_pdbx_struct_oper_list.symmetry_operation   x,y,z 
_pdbx_struct_oper_list.matrix[1][1]         1.0000000000 
_pdbx_struct_oper_list.matrix[1][2]         0.0000000000 
_pdbx_struct_oper_list.matrix[1][3]         0.0000000000 
_pdbx_struct_oper_list.vector[1]            0.0000000000 
_pdbx_struct_oper_list.matrix[2][1]         0.0000000000 
_pdbx_struct_oper_list.matrix[2][2]         1.0000000000 
_pdbx_struct_oper_list.matrix[2][3]         0.0000000000 
_pdbx_struct_oper_list.vector[2]            0.0000000000 
_pdbx_struct_oper_list.matrix[3][1]         0.0000000000 
_pdbx_struct_oper_list.matrix[3][2]         0.0000000000 
_pdbx_struct_oper_list.matrix[3][3]         1.0000000000 
_pdbx_struct_oper_list.vector[3]            0.0000000000 
# 
_struct_biol.id                    1 
_struct_biol.pdbx_parent_biol_id   ? 
_struct_biol.details               ? 
# 
loop_
_struct_conf.conf_type_id 
_struct_conf.id 
_struct_conf.pdbx_PDB_helix_id 
_struct_conf.beg_label_comp_id 
_struct_conf.beg_label_asym_id 
_struct_conf.beg_label_seq_id 
_struct_conf.pdbx_beg_PDB_ins_code 
_struct_conf.end_label_comp_id 
_struct_conf.end_label_asym_id 
_struct_conf.end_label_seq_id 
_struct_conf.pdbx_end_PDB_ins_code 
_struct_conf.beg_auth_comp_id 
_struct_conf.beg_auth_asym_id 
_struct_conf.beg_auth_seq_id 
_struct_conf.end_auth_comp_id 
_struct_conf.end_auth_asym_id 
_struct_conf.end_auth_seq_id 
_struct_conf.pdbx_PDB_helix_class 
_struct_conf.details 
_struct_conf.pdbx_PDB_helix_length 
HELX_P HELX_P1 1 SER A 1   ? ASP A 4   ? SER A 81  ASP A 84  5 ? 4  
HELX_P HELX_P2 2 ILE A 17  ? MET A 28  ? ILE A 97  MET A 108 1 ? 12 
HELX_P HELX_P3 3 ASP A 33  ? ASP A 42  ? ASP A 113 ASP A 122 1 ? 10 
HELX_P HELX_P4 4 GLY A 45  ? ASN A 68  ? GLY A 125 ASN A 148 1 ? 24 
HELX_P HELX_P5 5 ALA A 72  ? ALA A 85  ? ALA A 152 ALA A 165 1 ? 14 
HELX_P HELX_P6 6 GLY A 101 ? ALA A 114 ? GLY A 181 ALA A 194 1 ? 14 
HELX_P HELX_P7 7 ALA A 159 ? LEU A 174 ? ALA A 239 LEU A 254 1 ? 16 
# 
_struct_conf_type.id          HELX_P 
_struct_conf_type.criteria    ? 
_struct_conf_type.reference   ? 
# 
loop_
_struct_sheet.id 
_struct_sheet.type 
_struct_sheet.number_strands 
_struct_sheet.details 
A ? 7 ? 
B ? 7 ? 
# 
loop_
_struct_sheet_order.sheet_id 
_struct_sheet_order.range_id_1 
_struct_sheet_order.range_id_2 
_struct_sheet_order.offset 
_struct_sheet_order.sense 
A 1 2 ? anti-parallel 
A 2 3 ? anti-parallel 
A 3 4 ? anti-parallel 
A 4 5 ? anti-parallel 
A 5 6 ? anti-parallel 
A 6 7 ? anti-parallel 
B 1 2 ? anti-parallel 
B 2 3 ? anti-parallel 
B 3 4 ? anti-parallel 
B 4 5 ? anti-parallel 
B 5 6 ? anti-parallel 
B 6 7 ? anti-parallel 
# 
loop_
_struct_sheet_range.sheet_id 
_struct_sheet_range.id 
_struct_sheet_range.beg_label_comp_id 
_struct_sheet_range.beg_label_asym_id 
_struct_sheet_range.beg_label_seq_id 
_struct_sheet_range.pdbx_beg_PDB_ins_code 
_struct_sheet_range.end_label_comp_id 
_struct_sheet_range.end_label_asym_id 
_struct_sheet_range.end_label_seq_id 
_struct_sheet_range.pdbx_end_PDB_ins_code 
_struct_sheet_range.beg_auth_comp_id 
_struct_sheet_range.beg_auth_asym_id 
_struct_sheet_range.beg_auth_seq_id 
_struct_sheet_range.end_auth_comp_id 
_struct_sheet_range.end_auth_asym_id 
_struct_sheet_range.end_auth_seq_id 
A 1 SER A 6   ? SER A 9   ? SER A 86  SER A 89  
A 2 GLY A 151 ? SER A 156 ? GLY A 231 SER A 236 
A 3 GLN A 142 ? ASP A 147 ? GLN A 222 ASP A 227 
A 4 GLN A 130 ? GLU A 139 ? GLN A 210 GLU A 219 
A 5 LYS A 119 ? PHE A 126 ? LYS A 199 PHE A 206 
A 6 VAL A 178 ? SER A 187 ? VAL A 258 SER A 267 
A 7 SER A 88  ? LEU A 89  ? SER A 168 LEU A 169 
B 1 SER A 6   ? SER A 9   ? SER A 86  SER A 89  
B 2 GLY A 151 ? SER A 156 ? GLY A 231 SER A 236 
B 3 GLN A 142 ? ASP A 147 ? GLN A 222 ASP A 227 
B 4 GLN A 130 ? GLU A 139 ? GLN A 210 GLU A 219 
B 5 LYS A 119 ? PHE A 126 ? LYS A 199 PHE A 206 
B 6 VAL A 178 ? SER A 187 ? VAL A 258 SER A 267 
B 7 LYS A 94  ? HIS A 97  ? LYS A 174 HIS A 177 
# 
loop_
_pdbx_struct_sheet_hbond.sheet_id 
_pdbx_struct_sheet_hbond.range_id_1 
_pdbx_struct_sheet_hbond.range_id_2 
_pdbx_struct_sheet_hbond.range_1_label_atom_id 
_pdbx_struct_sheet_hbond.range_1_label_comp_id 
_pdbx_struct_sheet_hbond.range_1_label_asym_id 
_pdbx_struct_sheet_hbond.range_1_label_seq_id 
_pdbx_struct_sheet_hbond.range_1_PDB_ins_code 
_pdbx_struct_sheet_hbond.range_1_auth_atom_id 
_pdbx_struct_sheet_hbond.range_1_auth_comp_id 
_pdbx_struct_sheet_hbond.range_1_auth_asym_id 
_pdbx_struct_sheet_hbond.range_1_auth_seq_id 
_pdbx_struct_sheet_hbond.range_2_label_atom_id 
_pdbx_struct_sheet_hbond.range_2_label_comp_id 
_pdbx_struct_sheet_hbond.range_2_label_asym_id 
_pdbx_struct_sheet_hbond.range_2_label_seq_id 
_pdbx_struct_sheet_hbond.range_2_PDB_ins_code 
_pdbx_struct_sheet_hbond.range_2_auth_atom_id 
_pdbx_struct_sheet_hbond.range_2_auth_comp_id 
_pdbx_struct_sheet_hbond.range_2_auth_asym_id 
_pdbx_struct_sheet_hbond.range_2_auth_seq_id 
A 1 2 N ALA A 8   ? N ALA A 88  O GLU A 152 ? O GLU A 232 
A 2 3 O PHE A 153 ? O PHE A 233 N LEU A 145 ? N LEU A 225 
A 3 4 O PHE A 146 ? O PHE A 226 N ALA A 135 ? N ALA A 215 
A 4 5 O ILE A 134 ? O ILE A 214 N LEU A 122 ? N LEU A 202 
A 5 6 N SER A 123 ? N SER A 203 O ASN A 182 ? O ASN A 262 
A 6 7 O SER A 187 ? O SER A 267 N SER A 88  ? N SER A 168 
B 1 2 N ALA A 8   ? N ALA A 88  O GLU A 152 ? O GLU A 232 
B 2 3 O PHE A 153 ? O PHE A 233 N LEU A 145 ? N LEU A 225 
B 3 4 O PHE A 146 ? O PHE A 226 N ALA A 135 ? N ALA A 215 
B 4 5 O ILE A 134 ? O ILE A 214 N LEU A 122 ? N LEU A 202 
B 5 6 N SER A 123 ? N SER A 203 O ASN A 182 ? O ASN A 262 
B 6 7 O GLU A 183 ? O GLU A 263 N LYS A 94  ? N LYS A 174 
# 
loop_
_pdbx_validate_torsion.id 
_pdbx_validate_torsion.PDB_model_num 
_pdbx_validate_torsion.auth_comp_id 
_pdbx_validate_torsion.auth_asym_id 
_pdbx_validate_torsion.auth_seq_id 
_pdbx_validate_torsion.PDB_ins_code 
_pdbx_validate_torsion.label_alt_id 
_pdbx_validate_torsion.phi 
_pdbx_validate_torsion.psi 
1 1 ARG A 90  ? ? -172.38 119.32 
2 1 SER A 179 ? ? -53.52  104.49 
3 1 ALA A 194 ? ? -91.08  59.14  
4 1 ALA A 207 ? ? -35.43  -32.49 
5 1 ASN A 208 ? ? -83.09  43.35  
6 1 VAL A 209 ? ? 47.80   2.31   
7 1 ASN A 255 ? ? 71.56   30.52  
8 1 TYR A 256 ? ? -115.95 72.86  
# 
loop_
_chem_comp_atom.comp_id 
_chem_comp_atom.atom_id 
_chem_comp_atom.type_symbol 
_chem_comp_atom.pdbx_aromatic_flag 
_chem_comp_atom.pdbx_stereo_config 
_chem_comp_atom.pdbx_ordinal 
ALA N    N N N 1   
ALA CA   C N S 2   
ALA C    C N N 3   
ALA O    O N N 4   
ALA CB   C N N 5   
ALA OXT  O N N 6   
ALA H    H N N 7   
ALA H2   H N N 8   
ALA HA   H N N 9   
ALA HB1  H N N 10  
ALA HB2  H N N 11  
ALA HB3  H N N 12  
ALA HXT  H N N 13  
ARG N    N N N 14  
ARG CA   C N S 15  
ARG C    C N N 16  
ARG O    O N N 17  
ARG CB   C N N 18  
ARG CG   C N N 19  
ARG CD   C N N 20  
ARG NE   N N N 21  
ARG CZ   C N N 22  
ARG NH1  N N N 23  
ARG NH2  N N N 24  
ARG OXT  O N N 25  
ARG H    H N N 26  
ARG H2   H N N 27  
ARG HA   H N N 28  
ARG HB2  H N N 29  
ARG HB3  H N N 30  
ARG HG2  H N N 31  
ARG HG3  H N N 32  
ARG HD2  H N N 33  
ARG HD3  H N N 34  
ARG HE   H N N 35  
ARG HH11 H N N 36  
ARG HH12 H N N 37  
ARG HH21 H N N 38  
ARG HH22 H N N 39  
ARG HXT  H N N 40  
ASN N    N N N 41  
ASN CA   C N S 42  
ASN C    C N N 43  
ASN O    O N N 44  
ASN CB   C N N 45  
ASN CG   C N N 46  
ASN OD1  O N N 47  
ASN ND2  N N N 48  
ASN OXT  O N N 49  
ASN H    H N N 50  
ASN H2   H N N 51  
ASN HA   H N N 52  
ASN HB2  H N N 53  
ASN HB3  H N N 54  
ASN HD21 H N N 55  
ASN HD22 H N N 56  
ASN HXT  H N N 57  
ASP N    N N N 58  
ASP CA   C N S 59  
ASP C    C N N 60  
ASP O    O N N 61  
ASP CB   C N N 62  
ASP CG   C N N 63  
ASP OD1  O N N 64  
ASP OD2  O N N 65  
ASP OXT  O N N 66  
ASP H    H N N 67  
ASP H2   H N N 68  
ASP HA   H N N 69  
ASP HB2  H N N 70  
ASP HB3  H N N 71  
ASP HD2  H N N 72  
ASP HXT  H N N 73  
CYS N    N N N 74  
CYS CA   C N R 75  
CYS C    C N N 76  
CYS O    O N N 77  
CYS CB   C N N 78  
CYS SG   S N N 79  
CYS OXT  O N N 80  
CYS H    H N N 81  
CYS H2   H N N 82  
CYS HA   H N N 83  
CYS HB2  H N N 84  
CYS HB3  H N N 85  
CYS HG   H N N 86  
CYS HXT  H N N 87  
GLN N    N N N 88  
GLN CA   C N S 89  
GLN C    C N N 90  
GLN O    O N N 91  
GLN CB   C N N 92  
GLN CG   C N N 93  
GLN CD   C N N 94  
GLN OE1  O N N 95  
GLN NE2  N N N 96  
GLN OXT  O N N 97  
GLN H    H N N 98  
GLN H2   H N N 99  
GLN HA   H N N 100 
GLN HB2  H N N 101 
GLN HB3  H N N 102 
GLN HG2  H N N 103 
GLN HG3  H N N 104 
GLN HE21 H N N 105 
GLN HE22 H N N 106 
GLN HXT  H N N 107 
GLU N    N N N 108 
GLU CA   C N S 109 
GLU C    C N N 110 
GLU O    O N N 111 
GLU CB   C N N 112 
GLU CG   C N N 113 
GLU CD   C N N 114 
GLU OE1  O N N 115 
GLU OE2  O N N 116 
GLU OXT  O N N 117 
GLU H    H N N 118 
GLU H2   H N N 119 
GLU HA   H N N 120 
GLU HB2  H N N 121 
GLU HB3  H N N 122 
GLU HG2  H N N 123 
GLU HG3  H N N 124 
GLU HE2  H N N 125 
GLU HXT  H N N 126 
GLY N    N N N 127 
GLY CA   C N N 128 
GLY C    C N N 129 
GLY O    O N N 130 
GLY OXT  O N N 131 
GLY H    H N N 132 
GLY H2   H N N 133 
GLY HA2  H N N 134 
GLY HA3  H N N 135 
GLY HXT  H N N 136 
HIS N    N N N 137 
HIS CA   C N S 138 
HIS C    C N N 139 
HIS O    O N N 140 
HIS CB   C N N 141 
HIS CG   C Y N 142 
HIS ND1  N Y N 143 
HIS CD2  C Y N 144 
HIS CE1  C Y N 145 
HIS NE2  N Y N 146 
HIS OXT  O N N 147 
HIS H    H N N 148 
HIS H2   H N N 149 
HIS HA   H N N 150 
HIS HB2  H N N 151 
HIS HB3  H N N 152 
HIS HD1  H N N 153 
HIS HD2  H N N 154 
HIS HE1  H N N 155 
HIS HE2  H N N 156 
HIS HXT  H N N 157 
HOH O    O N N 158 
HOH H1   H N N 159 
HOH H2   H N N 160 
ILE N    N N N 161 
ILE CA   C N S 162 
ILE C    C N N 163 
ILE O    O N N 164 
ILE CB   C N S 165 
ILE CG1  C N N 166 
ILE CG2  C N N 167 
ILE CD1  C N N 168 
ILE OXT  O N N 169 
ILE H    H N N 170 
ILE H2   H N N 171 
ILE HA   H N N 172 
ILE HB   H N N 173 
ILE HG12 H N N 174 
ILE HG13 H N N 175 
ILE HG21 H N N 176 
ILE HG22 H N N 177 
ILE HG23 H N N 178 
ILE HD11 H N N 179 
ILE HD12 H N N 180 
ILE HD13 H N N 181 
ILE HXT  H N N 182 
LEU N    N N N 183 
LEU CA   C N S 184 
LEU C    C N N 185 
LEU O    O N N 186 
LEU CB   C N N 187 
LEU CG   C N N 188 
LEU CD1  C N N 189 
LEU CD2  C N N 190 
LEU OXT  O N N 191 
LEU H    H N N 192 
LEU H2   H N N 193 
LEU HA   H N N 194 
LEU HB2  H N N 195 
LEU HB3  H N N 196 
LEU HG   H N N 197 
LEU HD11 H N N 198 
LEU HD12 H N N 199 
LEU HD13 H N N 200 
LEU HD21 H N N 201 
LEU HD22 H N N 202 
LEU HD23 H N N 203 
LEU HXT  H N N 204 
LYS N    N N N 205 
LYS CA   C N S 206 
LYS C    C N N 207 
LYS O    O N N 208 
LYS CB   C N N 209 
LYS CG   C N N 210 
LYS CD   C N N 211 
LYS CE   C N N 212 
LYS NZ   N N N 213 
LYS OXT  O N N 214 
LYS H    H N N 215 
LYS H2   H N N 216 
LYS HA   H N N 217 
LYS HB2  H N N 218 
LYS HB3  H N N 219 
LYS HG2  H N N 220 
LYS HG3  H N N 221 
LYS HD2  H N N 222 
LYS HD3  H N N 223 
LYS HE2  H N N 224 
LYS HE3  H N N 225 
LYS HZ1  H N N 226 
LYS HZ2  H N N 227 
LYS HZ3  H N N 228 
LYS HXT  H N N 229 
MET N    N N N 230 
MET CA   C N S 231 
MET C    C N N 232 
MET O    O N N 233 
MET CB   C N N 234 
MET CG   C N N 235 
MET SD   S N N 236 
MET CE   C N N 237 
MET OXT  O N N 238 
MET H    H N N 239 
MET H2   H N N 240 
MET HA   H N N 241 
MET HB2  H N N 242 
MET HB3  H N N 243 
MET HG2  H N N 244 
MET HG3  H N N 245 
MET HE1  H N N 246 
MET HE2  H N N 247 
MET HE3  H N N 248 
MET HXT  H N N 249 
PHE N    N N N 250 
PHE CA   C N S 251 
PHE C    C N N 252 
PHE O    O N N 253 
PHE CB   C N N 254 
PHE CG   C Y N 255 
PHE CD1  C Y N 256 
PHE CD2  C Y N 257 
PHE CE1  C Y N 258 
PHE CE2  C Y N 259 
PHE CZ   C Y N 260 
PHE OXT  O N N 261 
PHE H    H N N 262 
PHE H2   H N N 263 
PHE HA   H N N 264 
PHE HB2  H N N 265 
PHE HB3  H N N 266 
PHE HD1  H N N 267 
PHE HD2  H N N 268 
PHE HE1  H N N 269 
PHE HE2  H N N 270 
PHE HZ   H N N 271 
PHE HXT  H N N 272 
PRO N    N N N 273 
PRO CA   C N S 274 
PRO C    C N N 275 
PRO O    O N N 276 
PRO CB   C N N 277 
PRO CG   C N N 278 
PRO CD   C N N 279 
PRO OXT  O N N 280 
PRO H    H N N 281 
PRO HA   H N N 282 
PRO HB2  H N N 283 
PRO HB3  H N N 284 
PRO HG2  H N N 285 
PRO HG3  H N N 286 
PRO HD2  H N N 287 
PRO HD3  H N N 288 
PRO HXT  H N N 289 
SER N    N N N 290 
SER CA   C N S 291 
SER C    C N N 292 
SER O    O N N 293 
SER CB   C N N 294 
SER OG   O N N 295 
SER OXT  O N N 296 
SER H    H N N 297 
SER H2   H N N 298 
SER HA   H N N 299 
SER HB2  H N N 300 
SER HB3  H N N 301 
SER HG   H N N 302 
SER HXT  H N N 303 
THR N    N N N 304 
THR CA   C N S 305 
THR C    C N N 306 
THR O    O N N 307 
THR CB   C N R 308 
THR OG1  O N N 309 
THR CG2  C N N 310 
THR OXT  O N N 311 
THR H    H N N 312 
THR H2   H N N 313 
THR HA   H N N 314 
THR HB   H N N 315 
THR HG1  H N N 316 
THR HG21 H N N 317 
THR HG22 H N N 318 
THR HG23 H N N 319 
THR HXT  H N N 320 
TRP N    N N N 321 
TRP CA   C N S 322 
TRP C    C N N 323 
TRP O    O N N 324 
TRP CB   C N N 325 
TRP CG   C Y N 326 
TRP CD1  C Y N 327 
TRP CD2  C Y N 328 
TRP NE1  N Y N 329 
TRP CE2  C Y N 330 
TRP CE3  C Y N 331 
TRP CZ2  C Y N 332 
TRP CZ3  C Y N 333 
TRP CH2  C Y N 334 
TRP OXT  O N N 335 
TRP H    H N N 336 
TRP H2   H N N 337 
TRP HA   H N N 338 
TRP HB2  H N N 339 
TRP HB3  H N N 340 
TRP HD1  H N N 341 
TRP HE1  H N N 342 
TRP HE3  H N N 343 
TRP HZ2  H N N 344 
TRP HZ3  H N N 345 
TRP HH2  H N N 346 
TRP HXT  H N N 347 
TYR N    N N N 348 
TYR CA   C N S 349 
TYR C    C N N 350 
TYR O    O N N 351 
TYR CB   C N N 352 
TYR CG   C Y N 353 
TYR CD1  C Y N 354 
TYR CD2  C Y N 355 
TYR CE1  C Y N 356 
TYR CE2  C Y N 357 
TYR CZ   C Y N 358 
TYR OH   O N N 359 
TYR OXT  O N N 360 
TYR H    H N N 361 
TYR H2   H N N 362 
TYR HA   H N N 363 
TYR HB2  H N N 364 
TYR HB3  H N N 365 
TYR HD1  H N N 366 
TYR HD2  H N N 367 
TYR HE1  H N N 368 
TYR HE2  H N N 369 
TYR HH   H N N 370 
TYR HXT  H N N 371 
VAL N    N N N 372 
VAL CA   C N S 373 
VAL C    C N N 374 
VAL O    O N N 375 
VAL CB   C N N 376 
VAL CG1  C N N 377 
VAL CG2  C N N 378 
VAL OXT  O N N 379 
VAL H    H N N 380 
VAL H2   H N N 381 
VAL HA   H N N 382 
VAL HB   H N N 383 
VAL HG11 H N N 384 
VAL HG12 H N N 385 
VAL HG13 H N N 386 
VAL HG21 H N N 387 
VAL HG22 H N N 388 
VAL HG23 H N N 389 
VAL HXT  H N N 390 
# 
loop_
_chem_comp_bond.comp_id 
_chem_comp_bond.atom_id_1 
_chem_comp_bond.atom_id_2 
_chem_comp_bond.value_order 
_chem_comp_bond.pdbx_aromatic_flag 
_chem_comp_bond.pdbx_stereo_config 
_chem_comp_bond.pdbx_ordinal 
ALA N   CA   sing N N 1   
ALA N   H    sing N N 2   
ALA N   H2   sing N N 3   
ALA CA  C    sing N N 4   
ALA CA  CB   sing N N 5   
ALA CA  HA   sing N N 6   
ALA C   O    doub N N 7   
ALA C   OXT  sing N N 8   
ALA CB  HB1  sing N N 9   
ALA CB  HB2  sing N N 10  
ALA CB  HB3  sing N N 11  
ALA OXT HXT  sing N N 12  
ARG N   CA   sing N N 13  
ARG N   H    sing N N 14  
ARG N   H2   sing N N 15  
ARG CA  C    sing N N 16  
ARG CA  CB   sing N N 17  
ARG CA  HA   sing N N 18  
ARG C   O    doub N N 19  
ARG C   OXT  sing N N 20  
ARG CB  CG   sing N N 21  
ARG CB  HB2  sing N N 22  
ARG CB  HB3  sing N N 23  
ARG CG  CD   sing N N 24  
ARG CG  HG2  sing N N 25  
ARG CG  HG3  sing N N 26  
ARG CD  NE   sing N N 27  
ARG CD  HD2  sing N N 28  
ARG CD  HD3  sing N N 29  
ARG NE  CZ   sing N N 30  
ARG NE  HE   sing N N 31  
ARG CZ  NH1  sing N N 32  
ARG CZ  NH2  doub N N 33  
ARG NH1 HH11 sing N N 34  
ARG NH1 HH12 sing N N 35  
ARG NH2 HH21 sing N N 36  
ARG NH2 HH22 sing N N 37  
ARG OXT HXT  sing N N 38  
ASN N   CA   sing N N 39  
ASN N   H    sing N N 40  
ASN N   H2   sing N N 41  
ASN CA  C    sing N N 42  
ASN CA  CB   sing N N 43  
ASN CA  HA   sing N N 44  
ASN C   O    doub N N 45  
ASN C   OXT  sing N N 46  
ASN CB  CG   sing N N 47  
ASN CB  HB2  sing N N 48  
ASN CB  HB3  sing N N 49  
ASN CG  OD1  doub N N 50  
ASN CG  ND2  sing N N 51  
ASN ND2 HD21 sing N N 52  
ASN ND2 HD22 sing N N 53  
ASN OXT HXT  sing N N 54  
ASP N   CA   sing N N 55  
ASP N   H    sing N N 56  
ASP N   H2   sing N N 57  
ASP CA  C    sing N N 58  
ASP CA  CB   sing N N 59  
ASP CA  HA   sing N N 60  
ASP C   O    doub N N 61  
ASP C   OXT  sing N N 62  
ASP CB  CG   sing N N 63  
ASP CB  HB2  sing N N 64  
ASP CB  HB3  sing N N 65  
ASP CG  OD1  doub N N 66  
ASP CG  OD2  sing N N 67  
ASP OD2 HD2  sing N N 68  
ASP OXT HXT  sing N N 69  
CYS N   CA   sing N N 70  
CYS N   H    sing N N 71  
CYS N   H2   sing N N 72  
CYS CA  C    sing N N 73  
CYS CA  CB   sing N N 74  
CYS CA  HA   sing N N 75  
CYS C   O    doub N N 76  
CYS C   OXT  sing N N 77  
CYS CB  SG   sing N N 78  
CYS CB  HB2  sing N N 79  
CYS CB  HB3  sing N N 80  
CYS SG  HG   sing N N 81  
CYS OXT HXT  sing N N 82  
GLN N   CA   sing N N 83  
GLN N   H    sing N N 84  
GLN N   H2   sing N N 85  
GLN CA  C    sing N N 86  
GLN CA  CB   sing N N 87  
GLN CA  HA   sing N N 88  
GLN C   O    doub N N 89  
GLN C   OXT  sing N N 90  
GLN CB  CG   sing N N 91  
GLN CB  HB2  sing N N 92  
GLN CB  HB3  sing N N 93  
GLN CG  CD   sing N N 94  
GLN CG  HG2  sing N N 95  
GLN CG  HG3  sing N N 96  
GLN CD  OE1  doub N N 97  
GLN CD  NE2  sing N N 98  
GLN NE2 HE21 sing N N 99  
GLN NE2 HE22 sing N N 100 
GLN OXT HXT  sing N N 101 
GLU N   CA   sing N N 102 
GLU N   H    sing N N 103 
GLU N   H2   sing N N 104 
GLU CA  C    sing N N 105 
GLU CA  CB   sing N N 106 
GLU CA  HA   sing N N 107 
GLU C   O    doub N N 108 
GLU C   OXT  sing N N 109 
GLU CB  CG   sing N N 110 
GLU CB  HB2  sing N N 111 
GLU CB  HB3  sing N N 112 
GLU CG  CD   sing N N 113 
GLU CG  HG2  sing N N 114 
GLU CG  HG3  sing N N 115 
GLU CD  OE1  doub N N 116 
GLU CD  OE2  sing N N 117 
GLU OE2 HE2  sing N N 118 
GLU OXT HXT  sing N N 119 
GLY N   CA   sing N N 120 
GLY N   H    sing N N 121 
GLY N   H2   sing N N 122 
GLY CA  C    sing N N 123 
GLY CA  HA2  sing N N 124 
GLY CA  HA3  sing N N 125 
GLY C   O    doub N N 126 
GLY C   OXT  sing N N 127 
GLY OXT HXT  sing N N 128 
HIS N   CA   sing N N 129 
HIS N   H    sing N N 130 
HIS N   H2   sing N N 131 
HIS CA  C    sing N N 132 
HIS CA  CB   sing N N 133 
HIS CA  HA   sing N N 134 
HIS C   O    doub N N 135 
HIS C   OXT  sing N N 136 
HIS CB  CG   sing N N 137 
HIS CB  HB2  sing N N 138 
HIS CB  HB3  sing N N 139 
HIS CG  ND1  sing Y N 140 
HIS CG  CD2  doub Y N 141 
HIS ND1 CE1  doub Y N 142 
HIS ND1 HD1  sing N N 143 
HIS CD2 NE2  sing Y N 144 
HIS CD2 HD2  sing N N 145 
HIS CE1 NE2  sing Y N 146 
HIS CE1 HE1  sing N N 147 
HIS NE2 HE2  sing N N 148 
HIS OXT HXT  sing N N 149 
HOH O   H1   sing N N 150 
HOH O   H2   sing N N 151 
ILE N   CA   sing N N 152 
ILE N   H    sing N N 153 
ILE N   H2   sing N N 154 
ILE CA  C    sing N N 155 
ILE CA  CB   sing N N 156 
ILE CA  HA   sing N N 157 
ILE C   O    doub N N 158 
ILE C   OXT  sing N N 159 
ILE CB  CG1  sing N N 160 
ILE CB  CG2  sing N N 161 
ILE CB  HB   sing N N 162 
ILE CG1 CD1  sing N N 163 
ILE CG1 HG12 sing N N 164 
ILE CG1 HG13 sing N N 165 
ILE CG2 HG21 sing N N 166 
ILE CG2 HG22 sing N N 167 
ILE CG2 HG23 sing N N 168 
ILE CD1 HD11 sing N N 169 
ILE CD1 HD12 sing N N 170 
ILE CD1 HD13 sing N N 171 
ILE OXT HXT  sing N N 172 
LEU N   CA   sing N N 173 
LEU N   H    sing N N 174 
LEU N   H2   sing N N 175 
LEU CA  C    sing N N 176 
LEU CA  CB   sing N N 177 
LEU CA  HA   sing N N 178 
LEU C   O    doub N N 179 
LEU C   OXT  sing N N 180 
LEU CB  CG   sing N N 181 
LEU CB  HB2  sing N N 182 
LEU CB  HB3  sing N N 183 
LEU CG  CD1  sing N N 184 
LEU CG  CD2  sing N N 185 
LEU CG  HG   sing N N 186 
LEU CD1 HD11 sing N N 187 
LEU CD1 HD12 sing N N 188 
LEU CD1 HD13 sing N N 189 
LEU CD2 HD21 sing N N 190 
LEU CD2 HD22 sing N N 191 
LEU CD2 HD23 sing N N 192 
LEU OXT HXT  sing N N 193 
LYS N   CA   sing N N 194 
LYS N   H    sing N N 195 
LYS N   H2   sing N N 196 
LYS CA  C    sing N N 197 
LYS CA  CB   sing N N 198 
LYS CA  HA   sing N N 199 
LYS C   O    doub N N 200 
LYS C   OXT  sing N N 201 
LYS CB  CG   sing N N 202 
LYS CB  HB2  sing N N 203 
LYS CB  HB3  sing N N 204 
LYS CG  CD   sing N N 205 
LYS CG  HG2  sing N N 206 
LYS CG  HG3  sing N N 207 
LYS CD  CE   sing N N 208 
LYS CD  HD2  sing N N 209 
LYS CD  HD3  sing N N 210 
LYS CE  NZ   sing N N 211 
LYS CE  HE2  sing N N 212 
LYS CE  HE3  sing N N 213 
LYS NZ  HZ1  sing N N 214 
LYS NZ  HZ2  sing N N 215 
LYS NZ  HZ3  sing N N 216 
LYS OXT HXT  sing N N 217 
MET N   CA   sing N N 218 
MET N   H    sing N N 219 
MET N   H2   sing N N 220 
MET CA  C    sing N N 221 
MET CA  CB   sing N N 222 
MET CA  HA   sing N N 223 
MET C   O    doub N N 224 
MET C   OXT  sing N N 225 
MET CB  CG   sing N N 226 
MET CB  HB2  sing N N 227 
MET CB  HB3  sing N N 228 
MET CG  SD   sing N N 229 
MET CG  HG2  sing N N 230 
MET CG  HG3  sing N N 231 
MET SD  CE   sing N N 232 
MET CE  HE1  sing N N 233 
MET CE  HE2  sing N N 234 
MET CE  HE3  sing N N 235 
MET OXT HXT  sing N N 236 
PHE N   CA   sing N N 237 
PHE N   H    sing N N 238 
PHE N   H2   sing N N 239 
PHE CA  C    sing N N 240 
PHE CA  CB   sing N N 241 
PHE CA  HA   sing N N 242 
PHE C   O    doub N N 243 
PHE C   OXT  sing N N 244 
PHE CB  CG   sing N N 245 
PHE CB  HB2  sing N N 246 
PHE CB  HB3  sing N N 247 
PHE CG  CD1  doub Y N 248 
PHE CG  CD2  sing Y N 249 
PHE CD1 CE1  sing Y N 250 
PHE CD1 HD1  sing N N 251 
PHE CD2 CE2  doub Y N 252 
PHE CD2 HD2  sing N N 253 
PHE CE1 CZ   doub Y N 254 
PHE CE1 HE1  sing N N 255 
PHE CE2 CZ   sing Y N 256 
PHE CE2 HE2  sing N N 257 
PHE CZ  HZ   sing N N 258 
PHE OXT HXT  sing N N 259 
PRO N   CA   sing N N 260 
PRO N   CD   sing N N 261 
PRO N   H    sing N N 262 
PRO CA  C    sing N N 263 
PRO CA  CB   sing N N 264 
PRO CA  HA   sing N N 265 
PRO C   O    doub N N 266 
PRO C   OXT  sing N N 267 
PRO CB  CG   sing N N 268 
PRO CB  HB2  sing N N 269 
PRO CB  HB3  sing N N 270 
PRO CG  CD   sing N N 271 
PRO CG  HG2  sing N N 272 
PRO CG  HG3  sing N N 273 
PRO CD  HD2  sing N N 274 
PRO CD  HD3  sing N N 275 
PRO OXT HXT  sing N N 276 
SER N   CA   sing N N 277 
SER N   H    sing N N 278 
SER N   H2   sing N N 279 
SER CA  C    sing N N 280 
SER CA  CB   sing N N 281 
SER CA  HA   sing N N 282 
SER C   O    doub N N 283 
SER C   OXT  sing N N 284 
SER CB  OG   sing N N 285 
SER CB  HB2  sing N N 286 
SER CB  HB3  sing N N 287 
SER OG  HG   sing N N 288 
SER OXT HXT  sing N N 289 
THR N   CA   sing N N 290 
THR N   H    sing N N 291 
THR N   H2   sing N N 292 
THR CA  C    sing N N 293 
THR CA  CB   sing N N 294 
THR CA  HA   sing N N 295 
THR C   O    doub N N 296 
THR C   OXT  sing N N 297 
THR CB  OG1  sing N N 298 
THR CB  CG2  sing N N 299 
THR CB  HB   sing N N 300 
THR OG1 HG1  sing N N 301 
THR CG2 HG21 sing N N 302 
THR CG2 HG22 sing N N 303 
THR CG2 HG23 sing N N 304 
THR OXT HXT  sing N N 305 
TRP N   CA   sing N N 306 
TRP N   H    sing N N 307 
TRP N   H2   sing N N 308 
TRP CA  C    sing N N 309 
TRP CA  CB   sing N N 310 
TRP CA  HA   sing N N 311 
TRP C   O    doub N N 312 
TRP C   OXT  sing N N 313 
TRP CB  CG   sing N N 314 
TRP CB  HB2  sing N N 315 
TRP CB  HB3  sing N N 316 
TRP CG  CD1  doub Y N 317 
TRP CG  CD2  sing Y N 318 
TRP CD1 NE1  sing Y N 319 
TRP CD1 HD1  sing N N 320 
TRP CD2 CE2  doub Y N 321 
TRP CD2 CE3  sing Y N 322 
TRP NE1 CE2  sing Y N 323 
TRP NE1 HE1  sing N N 324 
TRP CE2 CZ2  sing Y N 325 
TRP CE3 CZ3  doub Y N 326 
TRP CE3 HE3  sing N N 327 
TRP CZ2 CH2  doub Y N 328 
TRP CZ2 HZ2  sing N N 329 
TRP CZ3 CH2  sing Y N 330 
TRP CZ3 HZ3  sing N N 331 
TRP CH2 HH2  sing N N 332 
TRP OXT HXT  sing N N 333 
TYR N   CA   sing N N 334 
TYR N   H    sing N N 335 
TYR N   H2   sing N N 336 
TYR CA  C    sing N N 337 
TYR CA  CB   sing N N 338 
TYR CA  HA   sing N N 339 
TYR C   O    doub N N 340 
TYR C   OXT  sing N N 341 
TYR CB  CG   sing N N 342 
TYR CB  HB2  sing N N 343 
TYR CB  HB3  sing N N 344 
TYR CG  CD1  doub Y N 345 
TYR CG  CD2  sing Y N 346 
TYR CD1 CE1  sing Y N 347 
TYR CD1 HD1  sing N N 348 
TYR CD2 CE2  doub Y N 349 
TYR CD2 HD2  sing N N 350 
TYR CE1 CZ   doub Y N 351 
TYR CE1 HE1  sing N N 352 
TYR CE2 CZ   sing Y N 353 
TYR CE2 HE2  sing N N 354 
TYR CZ  OH   sing N N 355 
TYR OH  HH   sing N N 356 
TYR OXT HXT  sing N N 357 
VAL N   CA   sing N N 358 
VAL N   H    sing N N 359 
VAL N   H2   sing N N 360 
VAL CA  C    sing N N 361 
VAL CA  CB   sing N N 362 
VAL CA  HA   sing N N 363 
VAL C   O    doub N N 364 
VAL C   OXT  sing N N 365 
VAL CB  CG1  sing N N 366 
VAL CB  CG2  sing N N 367 
VAL CB  HB   sing N N 368 
VAL CG1 HG11 sing N N 369 
VAL CG1 HG12 sing N N 370 
VAL CG1 HG13 sing N N 371 
VAL CG2 HG21 sing N N 372 
VAL CG2 HG22 sing N N 373 
VAL CG2 HG23 sing N N 374 
VAL OXT HXT  sing N N 375 
# 
_atom_sites.entry_id                    1UKF 
_atom_sites.fract_transf_matrix[1][1]   -0.00375017 
_atom_sites.fract_transf_matrix[1][2]   0.02098800 
_atom_sites.fract_transf_matrix[1][3]   0.00845306 
_atom_sites.fract_transf_matrix[2][1]   -0.01963172 
_atom_sites.fract_transf_matrix[2][2]   -0.00180449 
_atom_sites.fract_transf_matrix[2][3]   -0.00422918 
_atom_sites.fract_transf_matrix[3][1]   -0.00209968 
_atom_sites.fract_transf_matrix[3][2]   -0.00519313 
_atom_sites.fract_transf_matrix[3][3]   0.01196246 
_atom_sites.fract_transf_vector[1]      0.750015 
_atom_sites.fract_transf_vector[2]      0.886441 
_atom_sites.fract_transf_vector[3]      0.649410 
# 
loop_
_atom_type.symbol 
C 
N 
O 
S 
# 
loop_
_atom_site.group_PDB 
_atom_site.id 
_atom_site.type_symbol 
_atom_site.label_atom_id 
_atom_site.label_alt_id 
_atom_site.label_comp_id 
_atom_site.label_asym_id 
_atom_site.label_entity_id 
_atom_site.label_seq_id 
_atom_site.pdbx_PDB_ins_code 
_atom_site.Cartn_x 
_atom_site.Cartn_y 
_atom_site.Cartn_z 
_atom_site.occupancy 
_atom_site.B_iso_or_equiv 
_atom_site.pdbx_formal_charge 
_atom_site.auth_seq_id 
_atom_site.auth_comp_id 
_atom_site.auth_asym_id 
_atom_site.auth_atom_id 
_atom_site.pdbx_PDB_model_num 
ATOM   1    N N   . SER A 1 1   ? 10.633  -8.704  14.527  1.00 27.91 ? 81  SER A N   1 
ATOM   2    C CA  . SER A 1 1   ? 11.361  -7.947  13.469  1.00 26.36 ? 81  SER A CA  1 
ATOM   3    C C   . SER A 1 1   ? 10.595  -7.983  12.149  1.00 25.27 ? 81  SER A C   1 
ATOM   4    O O   . SER A 1 1   ? 9.856   -8.927  11.877  1.00 25.35 ? 81  SER A O   1 
ATOM   5    C CB  . SER A 1 1   ? 12.760  -8.539  13.270  1.00 27.00 ? 81  SER A CB  1 
ATOM   6    O OG  . SER A 1 1   ? 13.469  -7.850  12.257  1.00 30.15 ? 81  SER A OG  1 
ATOM   7    N N   . LEU A 1 2   ? 10.777  -6.949  11.335  1.00 23.55 ? 82  LEU A N   1 
ATOM   8    C CA  . LEU A 1 2   ? 10.098  -6.864  10.047  1.00 22.47 ? 82  LEU A CA  1 
ATOM   9    C C   . LEU A 1 2   ? 10.492  -8.021  9.131   1.00 21.69 ? 82  LEU A C   1 
ATOM   10   O O   . LEU A 1 2   ? 9.650   -8.572  8.423   1.00 20.42 ? 82  LEU A O   1 
ATOM   11   C CB  . LEU A 1 2   ? 10.415  -5.524  9.371   1.00 21.55 ? 82  LEU A CB  1 
ATOM   12   C CG  . LEU A 1 2   ? 9.725   -5.225  8.035   1.00 19.82 ? 82  LEU A CG  1 
ATOM   13   C CD1 . LEU A 1 2   ? 8.212   -5.271  8.209   1.00 17.34 ? 82  LEU A CD1 1 
ATOM   14   C CD2 . LEU A 1 2   ? 10.161  -3.855  7.531   1.00 19.48 ? 82  LEU A CD2 1 
ATOM   15   N N   . SER A 1 3   ? 11.770  -8.393  9.149   1.00 21.40 ? 83  SER A N   1 
ATOM   16   C CA  . SER A 1 3   ? 12.253  -9.485  8.313   1.00 21.13 ? 83  SER A CA  1 
ATOM   17   C C   . SER A 1 3   ? 11.580  -10.803 8.681   1.00 20.01 ? 83  SER A C   1 
ATOM   18   O O   . SER A 1 3   ? 11.492  -11.716 7.858   1.00 19.77 ? 83  SER A O   1 
ATOM   19   C CB  . SER A 1 3   ? 13.774  -9.630  8.441   1.00 22.96 ? 83  SER A CB  1 
ATOM   20   O OG  . SER A 1 3   ? 14.150  -9.933  9.771   1.00 26.36 ? 83  SER A OG  1 
ATOM   21   N N   . ASP A 1 4   ? 11.105  -10.902 9.920   1.00 19.80 ? 84  ASP A N   1 
ATOM   22   C CA  . ASP A 1 4   ? 10.435  -12.114 10.376  1.00 20.90 ? 84  ASP A CA  1 
ATOM   23   C C   . ASP A 1 4   ? 9.112   -12.320 9.647   1.00 19.20 ? 84  ASP A C   1 
ATOM   24   O O   . ASP A 1 4   ? 8.618   -13.444 9.559   1.00 20.98 ? 84  ASP A O   1 
ATOM   25   C CB  . ASP A 1 4   ? 10.186  -12.059 11.886  1.00 23.73 ? 84  ASP A CB  1 
ATOM   26   C CG  . ASP A 1 4   ? 11.470  -12.110 12.692  1.00 25.80 ? 84  ASP A CG  1 
ATOM   27   O OD1 . ASP A 1 4   ? 12.300  -13.006 12.431  1.00 27.50 ? 84  ASP A OD1 1 
ATOM   28   O OD2 . ASP A 1 4   ? 11.643  -11.261 13.590  1.00 28.14 ? 84  ASP A OD2 1 
ATOM   29   N N   . PHE A 1 5   ? 8.544   -11.237 9.122   1.00 14.96 ? 85  PHE A N   1 
ATOM   30   C CA  . PHE A 1 5   ? 7.277   -11.313 8.396   1.00 13.30 ? 85  PHE A CA  1 
ATOM   31   C C   . PHE A 1 5   ? 7.474   -11.389 6.886   1.00 12.01 ? 85  PHE A C   1 
ATOM   32   O O   . PHE A 1 5   ? 6.517   -11.577 6.140   1.00 12.09 ? 85  PHE A O   1 
ATOM   33   C CB  . PHE A 1 5   ? 6.394   -10.101 8.715   1.00 13.94 ? 85  PHE A CB  1 
ATOM   34   C CG  . PHE A 1 5   ? 5.976   -10.015 10.153  1.00 14.61 ? 85  PHE A CG  1 
ATOM   35   C CD1 . PHE A 1 5   ? 6.584   -9.114  11.013  1.00 15.30 ? 85  PHE A CD1 1 
ATOM   36   C CD2 . PHE A 1 5   ? 4.972   -10.843 10.646  1.00 14.72 ? 85  PHE A CD2 1 
ATOM   37   C CE1 . PHE A 1 5   ? 6.199   -9.035  12.352  1.00 15.20 ? 85  PHE A CE1 1 
ATOM   38   C CE2 . PHE A 1 5   ? 4.580   -10.775 11.980  1.00 15.46 ? 85  PHE A CE2 1 
ATOM   39   C CZ  . PHE A 1 5   ? 5.195   -9.869  12.835  1.00 15.17 ? 85  PHE A CZ  1 
ATOM   40   N N   . SER A 1 6   ? 8.714   -11.255 6.437   1.00 12.15 ? 86  SER A N   1 
ATOM   41   C CA  . SER A 1 6   ? 9.006   -11.297 5.010   1.00 12.83 ? 86  SER A CA  1 
ATOM   42   C C   . SER A 1 6   ? 8.754   -12.658 4.373   1.00 12.18 ? 86  SER A C   1 
ATOM   43   O O   . SER A 1 6   ? 9.202   -13.684 4.888   1.00 12.33 ? 86  SER A O   1 
ATOM   44   C CB  . SER A 1 6   ? 10.463  -10.899 4.759   1.00 12.76 ? 86  SER A CB  1 
ATOM   45   O OG  . SER A 1 6   ? 10.780  -11.021 3.385   1.00 14.45 ? 86  SER A OG  1 
ATOM   46   N N   . VAL A 1 7   ? 8.035   -12.672 3.255   1.00 12.01 ? 87  VAL A N   1 
ATOM   47   C CA  . VAL A 1 7   ? 7.784   -13.920 2.543   1.00 12.33 ? 87  VAL A CA  1 
ATOM   48   C C   . VAL A 1 7   ? 8.405   -13.876 1.146   1.00 12.72 ? 87  VAL A C   1 
ATOM   49   O O   . VAL A 1 7   ? 8.680   -14.915 0.545   1.00 15.15 ? 87  VAL A O   1 
ATOM   50   C CB  . VAL A 1 7   ? 6.271   -14.251 2.437   1.00 12.56 ? 87  VAL A CB  1 
ATOM   51   C CG1 . VAL A 1 7   ? 5.735   -14.637 3.800   1.00 14.75 ? 87  VAL A CG1 1 
ATOM   52   C CG2 . VAL A 1 7   ? 5.497   -13.076 1.871   1.00 14.44 ? 87  VAL A CG2 1 
ATOM   53   N N   . ALA A 1 8   ? 8.624   -12.670 0.631   1.00 11.10 ? 88  ALA A N   1 
ATOM   54   C CA  . ALA A 1 8   ? 9.244   -12.494 -0.680  1.00 11.42 ? 88  ALA A CA  1 
ATOM   55   C C   . ALA A 1 8   ? 9.850   -11.100 -0.767  1.00 10.52 ? 88  ALA A C   1 
ATOM   56   O O   . ALA A 1 8   ? 9.170   -10.130 -1.109  1.00 10.63 ? 88  ALA A O   1 
ATOM   57   C CB  . ALA A 1 8   ? 8.216   -12.697 -1.790  1.00 11.29 ? 88  ALA A CB  1 
ATOM   58   N N   . SER A 1 9   ? 11.134  -11.008 -0.444  1.00 10.27 ? 89  SER A N   1 
ATOM   59   C CA  . SER A 1 9   ? 11.855  -9.744  -0.474  1.00 11.54 ? 89  SER A CA  1 
ATOM   60   C C   . SER A 1 9   ? 12.164  -9.343  -1.912  1.00 11.06 ? 89  SER A C   1 
ATOM   61   O O   . SER A 1 9   ? 12.672  -10.149 -2.697  1.00 13.05 ? 89  SER A O   1 
ATOM   62   C CB  . SER A 1 9   ? 13.155  -9.872  0.318   1.00 12.61 ? 89  SER A CB  1 
ATOM   63   O OG  . SER A 1 9   ? 13.889  -8.663  0.285   1.00 17.34 ? 89  SER A OG  1 
ATOM   64   N N   . ARG A 1 10  ? 11.855  -8.098  -2.261  1.00 9.38  ? 90  ARG A N   1 
ATOM   65   C CA  . ARG A 1 10  ? 12.111  -7.608  -3.607  1.00 10.56 ? 90  ARG A CA  1 
ATOM   66   C C   . ARG A 1 10  ? 11.845  -6.112  -3.694  1.00 10.18 ? 90  ARG A C   1 
ATOM   67   O O   . ARG A 1 10  ? 10.728  -5.659  -3.440  1.00 11.49 ? 90  ARG A O   1 
ATOM   68   C CB  . ARG A 1 10  ? 11.217  -8.330  -4.621  1.00 9.79  ? 90  ARG A CB  1 
ATOM   69   C CG  . ARG A 1 10  ? 11.785  -8.374  -6.046  1.00 11.32 ? 90  ARG A CG  1 
ATOM   70   C CD  . ARG A 1 10  ? 12.943  -9.370  -6.136  1.00 10.40 ? 90  ARG A CD  1 
ATOM   71   N NE  . ARG A 1 10  ? 12.495  -10.709 -5.759  1.00 11.80 ? 90  ARG A NE  1 
ATOM   72   C CZ  . ARG A 1 10  ? 11.857  -11.543 -6.574  1.00 10.83 ? 90  ARG A CZ  1 
ATOM   73   N NH1 . ARG A 1 10  ? 11.601  -11.189 -7.827  1.00 12.21 ? 90  ARG A NH1 1 
ATOM   74   N NH2 . ARG A 1 10  ? 11.444  -12.720 -6.126  1.00 12.65 ? 90  ARG A NH2 1 
ATOM   75   N N   . ASP A 1 11  ? 12.875  -5.346  -4.034  1.00 9.13  ? 91  ASP A N   1 
ATOM   76   C CA  . ASP A 1 11  ? 12.717  -3.909  -4.207  1.00 9.08  ? 91  ASP A CA  1 
ATOM   77   C C   . ASP A 1 11  ? 12.360  -3.735  -5.678  1.00 9.14  ? 91  ASP A C   1 
ATOM   78   O O   . ASP A 1 11  ? 13.230  -3.817  -6.548  1.00 9.41  ? 91  ASP A O   1 
ATOM   79   C CB  . ASP A 1 11  ? 14.025  -3.182  -3.900  1.00 9.88  ? 91  ASP A CB  1 
ATOM   80   C CG  . ASP A 1 11  ? 13.930  -1.683  -4.132  1.00 11.60 ? 91  ASP A CG  1 
ATOM   81   O OD1 . ASP A 1 11  ? 12.916  -1.216  -4.695  1.00 11.57 ? 91  ASP A OD1 1 
ATOM   82   O OD2 . ASP A 1 11  ? 14.883  -0.967  -3.754  1.00 14.83 ? 91  ASP A OD2 1 
ATOM   83   N N   . VAL A 1 12  ? 11.081  -3.514  -5.956  1.00 8.40  ? 92  VAL A N   1 
ATOM   84   C CA  . VAL A 1 12  ? 10.624  -3.364  -7.333  1.00 9.05  ? 92  VAL A CA  1 
ATOM   85   C C   . VAL A 1 12  ? 10.191  -1.939  -7.665  1.00 8.88  ? 92  VAL A C   1 
ATOM   86   O O   . VAL A 1 12  ? 9.597   -1.698  -8.717  1.00 8.60  ? 92  VAL A O   1 
ATOM   87   C CB  . VAL A 1 12  ? 9.444   -4.332  -7.624  1.00 9.34  ? 92  VAL A CB  1 
ATOM   88   C CG1 . VAL A 1 12  ? 9.910   -5.771  -7.460  1.00 9.45  ? 92  VAL A CG1 1 
ATOM   89   C CG2 . VAL A 1 12  ? 8.273   -4.053  -6.683  1.00 10.33 ? 92  VAL A CG2 1 
ATOM   90   N N   . ASN A 1 13  ? 10.541  -0.993  -6.792  1.00 9.26  ? 93  ASN A N   1 
ATOM   91   C CA  . ASN A 1 13  ? 10.133  0.399   -6.968  1.00 8.93  ? 93  ASN A CA  1 
ATOM   92   C C   . ASN A 1 13  ? 11.221  1.380   -7.403  1.00 9.55  ? 93  ASN A C   1 
ATOM   93   O O   . ASN A 1 13  ? 11.115  2.581   -7.147  1.00 9.79  ? 93  ASN A O   1 
ATOM   94   C CB  . ASN A 1 13  ? 9.479   0.885   -5.665  1.00 10.06 ? 93  ASN A CB  1 
ATOM   95   C CG  . ASN A 1 13  ? 8.678   2.163   -5.846  1.00 9.69  ? 93  ASN A CG  1 
ATOM   96   O OD1 . ASN A 1 13  ? 7.976   2.334   -6.844  1.00 10.04 ? 93  ASN A OD1 1 
ATOM   97   N ND2 . ASN A 1 13  ? 8.758   3.055   -4.864  1.00 11.05 ? 93  ASN A ND2 1 
ATOM   98   N N   . HIS A 1 14  ? 12.256  0.896   -8.078  1.00 10.00 ? 94  HIS A N   1 
ATOM   99   C CA  . HIS A 1 14  ? 13.319  1.792   -8.521  1.00 10.81 ? 94  HIS A CA  1 
ATOM   100  C C   . HIS A 1 14  ? 12.786  2.910   -9.422  1.00 11.01 ? 94  HIS A C   1 
ATOM   101  O O   . HIS A 1 14  ? 13.349  4.007   -9.452  1.00 12.17 ? 94  HIS A O   1 
ATOM   102  C CB  . HIS A 1 14  ? 14.404  1.010   -9.270  1.00 12.48 ? 94  HIS A CB  1 
ATOM   103  C CG  . HIS A 1 14  ? 15.561  1.854   -9.709  1.00 13.29 ? 94  HIS A CG  1 
ATOM   104  N ND1 . HIS A 1 14  ? 16.482  2.373   -8.824  1.00 15.52 ? 94  HIS A ND1 1 
ATOM   105  C CD2 . HIS A 1 14  ? 15.933  2.290   -10.937 1.00 14.84 ? 94  HIS A CD2 1 
ATOM   106  C CE1 . HIS A 1 14  ? 17.372  3.092   -9.488  1.00 14.86 ? 94  HIS A CE1 1 
ATOM   107  N NE2 . HIS A 1 14  ? 17.060  3.057   -10.771 1.00 16.58 ? 94  HIS A NE2 1 
ATOM   108  N N   . ASN A 1 15  ? 11.707  2.632   -10.150 1.00 10.98 ? 95  ASN A N   1 
ATOM   109  C CA  . ASN A 1 15  ? 11.126  3.613   -11.060 1.00 11.77 ? 95  ASN A CA  1 
ATOM   110  C C   . ASN A 1 15  ? 10.061  4.519   -10.445 1.00 11.82 ? 95  ASN A C   1 
ATOM   111  O O   . ASN A 1 15  ? 9.380   5.255   -11.162 1.00 12.62 ? 95  ASN A O   1 
ATOM   112  C CB  . ASN A 1 15  ? 10.560  2.905   -12.295 1.00 12.35 ? 95  ASN A CB  1 
ATOM   113  C CG  . ASN A 1 15  ? 11.634  2.199   -13.104 1.00 16.25 ? 95  ASN A CG  1 
ATOM   114  O OD1 . ASN A 1 15  ? 12.615  2.814   -13.523 1.00 18.52 ? 95  ASN A OD1 1 
ATOM   115  N ND2 . ASN A 1 15  ? 11.450  0.903   -13.332 1.00 17.06 ? 95  ASN A ND2 1 
ATOM   116  N N   . ASN A 1 16  ? 9.909   4.457   -9.125  1.00 11.78 ? 96  ASN A N   1 
ATOM   117  C CA  . ASN A 1 16  ? 8.948   5.304   -8.418  1.00 12.98 ? 96  ASN A CA  1 
ATOM   118  C C   . ASN A 1 16  ? 7.532   5.270   -8.980  1.00 12.33 ? 96  ASN A C   1 
ATOM   119  O O   . ASN A 1 16  ? 6.972   6.301   -9.357  1.00 12.76 ? 96  ASN A O   1 
ATOM   120  C CB  . ASN A 1 16  ? 9.450   6.750   -8.407  1.00 16.58 ? 96  ASN A CB  1 
ATOM   121  C CG  . ASN A 1 16  ? 10.742  6.907   -7.638  1.00 20.82 ? 96  ASN A CG  1 
ATOM   122  O OD1 . ASN A 1 16  ? 10.796  6.647   -6.437  1.00 24.67 ? 96  ASN A OD1 1 
ATOM   123  N ND2 . ASN A 1 16  ? 11.794  7.333   -8.329  1.00 25.81 ? 96  ASN A ND2 1 
ATOM   124  N N   . ILE A 1 17  ? 6.953   4.076   -9.022  1.00 10.76 ? 97  ILE A N   1 
ATOM   125  C CA  . ILE A 1 17  ? 5.599   3.889   -9.522  1.00 10.26 ? 97  ILE A CA  1 
ATOM   126  C C   . ILE A 1 17  ? 4.841   3.075   -8.476  1.00 8.69  ? 97  ILE A C   1 
ATOM   127  O O   . ILE A 1 17  ? 4.096   2.153   -8.798  1.00 9.25  ? 97  ILE A O   1 
ATOM   128  C CB  . ILE A 1 17  ? 5.615   3.142   -10.883 1.00 8.95  ? 97  ILE A CB  1 
ATOM   129  C CG1 . ILE A 1 17  ? 6.528   1.912   -10.806 1.00 9.82  ? 97  ILE A CG1 1 
ATOM   130  C CG2 . ILE A 1 17  ? 6.103   4.083   -11.982 1.00 9.96  ? 97  ILE A CG2 1 
ATOM   131  C CD1 . ILE A 1 17  ? 6.398   0.975   -11.994 1.00 10.45 ? 97  ILE A CD1 1 
ATOM   132  N N   . CYS A 1 18  ? 5.019   3.454   -7.214  1.00 8.66  ? 98  CYS A N   1 
ATOM   133  C CA  . CYS A 1 18  ? 4.410   2.736   -6.097  1.00 9.19  ? 98  CYS A CA  1 
ATOM   134  C C   . CYS A 1 18  ? 2.898   2.539   -6.105  1.00 7.82  ? 98  CYS A C   1 
ATOM   135  O O   . CYS A 1 18  ? 2.432   1.427   -5.844  1.00 8.52  ? 98  CYS A O   1 
ATOM   136  C CB  . CYS A 1 18  ? 4.850   3.349   -4.758  1.00 8.65  ? 98  CYS A CB  1 
ATOM   137  S SG  . CYS A 1 18  ? 4.762   5.148   -4.597  1.00 12.41 ? 98  CYS A SG  1 
ATOM   138  N N   . ALA A 1 19  ? 2.127   3.583   -6.397  1.00 8.86  ? 99  ALA A N   1 
ATOM   139  C CA  . ALA A 1 19  ? 0.676   3.433   -6.417  1.00 9.51  ? 99  ALA A CA  1 
ATOM   140  C C   . ALA A 1 19  ? 0.256   2.430   -7.489  1.00 8.58  ? 99  ALA A C   1 
ATOM   141  O O   . ALA A 1 19  ? -0.612  1.588   -7.252  1.00 8.94  ? 99  ALA A O   1 
ATOM   142  C CB  . ALA A 1 19  ? 0.002   4.782   -6.653  1.00 10.12 ? 99  ALA A CB  1 
ATOM   143  N N   . GLY A 1 20  ? 0.871   2.526   -8.665  1.00 9.03  ? 100 GLY A N   1 
ATOM   144  C CA  . GLY A 1 20  ? 0.553   1.613   -9.750  1.00 8.59  ? 100 GLY A CA  1 
ATOM   145  C C   . GLY A 1 20  ? 0.932   0.175   -9.433  1.00 8.29  ? 100 GLY A C   1 
ATOM   146  O O   . GLY A 1 20  ? 0.150   -0.742  -9.684  1.00 8.87  ? 100 GLY A O   1 
ATOM   147  N N   . LEU A 1 21  ? 2.135   -0.029  -8.898  1.00 8.17  ? 101 LEU A N   1 
ATOM   148  C CA  . LEU A 1 21  ? 2.592   -1.367  -8.534  1.00 8.69  ? 101 LEU A CA  1 
ATOM   149  C C   . LEU A 1 21  ? 1.725   -1.954  -7.427  1.00 8.46  ? 101 LEU A C   1 
ATOM   150  O O   . LEU A 1 21  ? 1.387   -3.139  -7.461  1.00 8.91  ? 101 LEU A O   1 
ATOM   151  C CB  . LEU A 1 21  ? 4.048   -1.326  -8.062  1.00 9.43  ? 101 LEU A CB  1 
ATOM   152  C CG  . LEU A 1 21  ? 5.117   -1.087  -9.133  1.00 9.97  ? 101 LEU A CG  1 
ATOM   153  C CD1 . LEU A 1 21  ? 6.457   -0.811  -8.465  1.00 10.72 ? 101 LEU A CD1 1 
ATOM   154  C CD2 . LEU A 1 21  ? 5.210   -2.302  -10.057 1.00 11.84 ? 101 LEU A CD2 1 
ATOM   155  N N   . SER A 1 22  ? 1.370   -1.132  -6.445  1.00 8.46  ? 102 SER A N   1 
ATOM   156  C CA  . SER A 1 22  ? 0.544   -1.589  -5.336  1.00 8.45  ? 102 SER A CA  1 
ATOM   157  C C   . SER A 1 22  ? -0.831  -2.011  -5.830  1.00 8.28  ? 102 SER A C   1 
ATOM   158  O O   . SER A 1 22  ? -1.391  -3.004  -5.357  1.00 9.01  ? 102 SER A O   1 
ATOM   159  C CB  . SER A 1 22  ? 0.416   -0.490  -4.279  1.00 8.81  ? 102 SER A CB  1 
ATOM   160  O OG  . SER A 1 22  ? 1.661   -0.279  -3.640  1.00 9.97  ? 102 SER A OG  1 
ATOM   161  N N   . THR A 1 23  ? -1.380  -1.263  -6.783  1.00 9.13  ? 103 THR A N   1 
ATOM   162  C CA  . THR A 1 23  ? -2.689  -1.608  -7.317  1.00 10.18 ? 103 THR A CA  1 
ATOM   163  C C   . THR A 1 23  ? -2.597  -2.888  -8.149  1.00 9.16  ? 103 THR A C   1 
ATOM   164  O O   . THR A 1 23  ? -3.492  -3.733  -8.086  1.00 9.88  ? 103 THR A O   1 
ATOM   165  C CB  . THR A 1 23  ? -3.271  -0.453  -8.155  1.00 9.59  ? 103 THR A CB  1 
ATOM   166  O OG1 . THR A 1 23  ? -3.385  0.713   -7.328  1.00 9.91  ? 103 THR A OG1 1 
ATOM   167  C CG2 . THR A 1 23  ? -4.660  -0.810  -8.672  1.00 10.24 ? 103 THR A CG2 1 
ATOM   168  N N   . GLU A 1 24  ? -1.516  -3.049  -8.910  1.00 9.41  ? 104 GLU A N   1 
ATOM   169  C CA  . GLU A 1 24  ? -1.335  -4.265  -9.702  1.00 10.30 ? 104 GLU A CA  1 
ATOM   170  C C   . GLU A 1 24  ? -1.245  -5.452  -8.737  1.00 11.21 ? 104 GLU A C   1 
ATOM   171  O O   . GLU A 1 24  ? -1.812  -6.513  -8.992  1.00 11.78 ? 104 GLU A O   1 
ATOM   172  C CB  . GLU A 1 24  ? -0.064  -4.160  -10.558 1.00 10.70 ? 104 GLU A CB  1 
ATOM   173  C CG  . GLU A 1 24  ? 0.333   -5.433  -11.322 1.00 12.30 ? 104 GLU A CG  1 
ATOM   174  C CD  . GLU A 1 24  ? -0.650  -5.840  -12.407 1.00 12.22 ? 104 GLU A CD  1 
ATOM   175  O OE1 . GLU A 1 24  ? -1.572  -5.062  -12.732 1.00 13.48 ? 104 GLU A OE1 1 
ATOM   176  O OE2 . GLU A 1 24  ? -0.488  -6.954  -12.953 1.00 15.14 ? 104 GLU A OE2 1 
ATOM   177  N N   . TRP A 1 25  ? -0.547  -5.271  -7.618  1.00 10.17 ? 105 TRP A N   1 
ATOM   178  C CA  . TRP A 1 25  ? -0.435  -6.347  -6.637  1.00 10.21 ? 105 TRP A CA  1 
ATOM   179  C C   . TRP A 1 25  ? -1.825  -6.688  -6.099  1.00 10.46 ? 105 TRP A C   1 
ATOM   180  O O   . TRP A 1 25  ? -2.159  -7.860  -5.936  1.00 12.12 ? 105 TRP A O   1 
ATOM   181  C CB  . TRP A 1 25  ? 0.476   -5.934  -5.475  1.00 10.21 ? 105 TRP A CB  1 
ATOM   182  C CG  . TRP A 1 25  ? 0.640   -7.015  -4.441  1.00 9.05  ? 105 TRP A CG  1 
ATOM   183  C CD1 . TRP A 1 25  ? 1.539   -8.046  -4.460  1.00 8.86  ? 105 TRP A CD1 1 
ATOM   184  C CD2 . TRP A 1 25  ? -0.134  -7.180  -3.248  1.00 8.65  ? 105 TRP A CD2 1 
ATOM   185  N NE1 . TRP A 1 25  ? 1.373   -8.840  -3.351  1.00 9.47  ? 105 TRP A NE1 1 
ATOM   186  C CE2 . TRP A 1 25  ? 0.353   -8.332  -2.588  1.00 9.54  ? 105 TRP A CE2 1 
ATOM   187  C CE3 . TRP A 1 25  ? -1.192  -6.467  -2.669  1.00 9.63  ? 105 TRP A CE3 1 
ATOM   188  C CZ2 . TRP A 1 25  ? -0.181  -8.786  -1.377  1.00 10.47 ? 105 TRP A CZ2 1 
ATOM   189  C CZ3 . TRP A 1 25  ? -1.722  -6.915  -1.466  1.00 9.76  ? 105 TRP A CZ3 1 
ATOM   190  C CH2 . TRP A 1 25  ? -1.215  -8.063  -0.832  1.00 9.40  ? 105 TRP A CH2 1 
ATOM   191  N N   . LEU A 1 26  ? -2.640  -5.671  -5.822  1.00 10.83 ? 106 LEU A N   1 
ATOM   192  C CA  . LEU A 1 26  ? -3.985  -5.914  -5.314  1.00 12.16 ? 106 LEU A CA  1 
ATOM   193  C C   . LEU A 1 26  ? -4.790  -6.762  -6.290  1.00 12.41 ? 106 LEU A C   1 
ATOM   194  O O   . LEU A 1 26  ? -5.512  -7.674  -5.879  1.00 15.25 ? 106 LEU A O   1 
ATOM   195  C CB  . LEU A 1 26  ? -4.721  -4.593  -5.063  1.00 12.21 ? 106 LEU A CB  1 
ATOM   196  C CG  . LEU A 1 26  ? -4.377  -3.838  -3.774  1.00 12.35 ? 106 LEU A CG  1 
ATOM   197  C CD1 . LEU A 1 26  ? -5.091  -2.492  -3.752  1.00 13.19 ? 106 LEU A CD1 1 
ATOM   198  C CD2 . LEU A 1 26  ? -4.789  -4.674  -2.566  1.00 13.08 ? 106 LEU A CD2 1 
ATOM   199  N N   . VAL A 1 27  ? -4.658  -6.468  -7.580  1.00 12.49 ? 107 VAL A N   1 
ATOM   200  C CA  . VAL A 1 27  ? -5.385  -7.210  -8.602  1.00 14.68 ? 107 VAL A CA  1 
ATOM   201  C C   . VAL A 1 27  ? -5.024  -8.691  -8.619  1.00 14.90 ? 107 VAL A C   1 
ATOM   202  O O   . VAL A 1 27  ? -5.902  -9.542  -8.762  1.00 16.26 ? 107 VAL A O   1 
ATOM   203  C CB  . VAL A 1 27  ? -5.137  -6.611  -10.005 1.00 13.38 ? 107 VAL A CB  1 
ATOM   204  C CG1 . VAL A 1 27  ? -5.759  -7.506  -11.078 1.00 16.17 ? 107 VAL A CG1 1 
ATOM   205  C CG2 . VAL A 1 27  ? -5.736  -5.214  -10.079 1.00 15.62 ? 107 VAL A CG2 1 
ATOM   206  N N   . MET A 1 28  ? -3.744  -9.014  -8.463  1.00 14.13 ? 108 MET A N   1 
ATOM   207  C CA  . MET A 1 28  ? -3.352  -10.419 -8.481  1.00 17.07 ? 108 MET A CA  1 
ATOM   208  C C   . MET A 1 28  ? -2.729  -10.927 -7.182  1.00 14.88 ? 108 MET A C   1 
ATOM   209  O O   . MET A 1 28  ? -1.895  -11.831 -7.190  1.00 15.37 ? 108 MET A O   1 
ATOM   210  C CB  . MET A 1 28  ? -2.421  -10.690 -9.670  1.00 21.04 ? 108 MET A CB  1 
ATOM   211  C CG  . MET A 1 28  ? -1.432  -9.580  -9.994  1.00 22.06 ? 108 MET A CG  1 
ATOM   212  S SD  . MET A 1 28  ? -0.212  -9.300  -8.708  1.00 26.54 ? 108 MET A SD  1 
ATOM   213  C CE  . MET A 1 28  ? 0.880   -10.699 -8.979  1.00 24.81 ? 108 MET A CE  1 
ATOM   214  N N   . SER A 1 29  ? -3.177  -10.371 -6.060  1.00 14.06 ? 109 SER A N   1 
ATOM   215  C CA  . SER A 1 29  ? -2.661  -10.752 -4.748  1.00 14.37 ? 109 SER A CA  1 
ATOM   216  C C   . SER A 1 29  ? -2.944  -12.202 -4.365  1.00 14.69 ? 109 SER A C   1 
ATOM   217  O O   . SER A 1 29  ? -2.265  -12.760 -3.507  1.00 13.99 ? 109 SER A O   1 
ATOM   218  C CB  . SER A 1 29  ? -3.229  -9.820  -3.673  1.00 15.90 ? 109 SER A CB  1 
ATOM   219  O OG  . SER A 1 29  ? -4.646  -9.814  -3.697  1.00 18.62 ? 109 SER A OG  1 
ATOM   220  N N   . SER A 1 30  ? -3.933  -12.816 -5.008  1.00 15.85 ? 110 SER A N   1 
ATOM   221  C CA  . SER A 1 30  ? -4.284  -14.199 -4.697  1.00 18.76 ? 110 SER A CA  1 
ATOM   222  C C   . SER A 1 30  ? -3.720  -15.205 -5.692  1.00 18.84 ? 110 SER A C   1 
ATOM   223  O O   . SER A 1 30  ? -3.943  -16.409 -5.551  1.00 20.36 ? 110 SER A O   1 
ATOM   224  C CB  . SER A 1 30  ? -5.804  -14.354 -4.649  1.00 19.92 ? 110 SER A CB  1 
ATOM   225  O OG  . SER A 1 30  ? -6.366  -14.177 -5.938  1.00 23.95 ? 110 SER A OG  1 
ATOM   226  N N   . ASP A 1 31  ? -2.988  -14.722 -6.689  1.00 18.50 ? 111 ASP A N   1 
ATOM   227  C CA  . ASP A 1 31  ? -2.423  -15.608 -7.701  1.00 19.65 ? 111 ASP A CA  1 
ATOM   228  C C   . ASP A 1 31  ? -1.027  -16.103 -7.349  1.00 18.55 ? 111 ASP A C   1 
ATOM   229  O O   . ASP A 1 31  ? -0.190  -15.341 -6.867  1.00 15.91 ? 111 ASP A O   1 
ATOM   230  C CB  . ASP A 1 31  ? -2.399  -14.901 -9.057  1.00 22.29 ? 111 ASP A CB  1 
ATOM   231  C CG  . ASP A 1 31  ? -3.780  -14.466 -9.507  1.00 25.88 ? 111 ASP A CG  1 
ATOM   232  O OD1 . ASP A 1 31  ? -4.708  -15.302 -9.463  1.00 29.08 ? 111 ASP A OD1 1 
ATOM   233  O OD2 . ASP A 1 31  ? -3.942  -13.294 -9.905  1.00 28.86 ? 111 ASP A OD2 1 
ATOM   234  N N   . GLY A 1 32  ? -0.788  -17.390 -7.597  1.00 17.94 ? 112 GLY A N   1 
ATOM   235  C CA  . GLY A 1 32  ? 0.502   -17.993 -7.309  1.00 17.93 ? 112 GLY A CA  1 
ATOM   236  C C   . GLY A 1 32  ? 0.895   -17.843 -5.853  1.00 16.74 ? 112 GLY A C   1 
ATOM   237  O O   . GLY A 1 32  ? 0.049   -17.929 -4.964  1.00 17.81 ? 112 GLY A O   1 
ATOM   238  N N   . ASP A 1 33  ? 2.185   -17.643 -5.604  1.00 16.66 ? 113 ASP A N   1 
ATOM   239  C CA  . ASP A 1 33  ? 2.668   -17.446 -4.245  1.00 17.24 ? 113 ASP A CA  1 
ATOM   240  C C   . ASP A 1 33  ? 3.405   -16.113 -4.181  1.00 15.67 ? 113 ASP A C   1 
ATOM   241  O O   . ASP A 1 33  ? 3.540   -15.425 -5.193  1.00 14.57 ? 113 ASP A O   1 
ATOM   242  C CB  . ASP A 1 33  ? 3.585   -18.595 -3.803  1.00 18.21 ? 113 ASP A CB  1 
ATOM   243  C CG  . ASP A 1 33  ? 4.652   -18.924 -4.825  1.00 20.01 ? 113 ASP A CG  1 
ATOM   244  O OD1 . ASP A 1 33  ? 5.291   -17.994 -5.355  1.00 19.65 ? 113 ASP A OD1 1 
ATOM   245  O OD2 . ASP A 1 33  ? 4.865   -20.126 -5.091  1.00 25.62 ? 113 ASP A OD2 1 
ATOM   246  N N   . ALA A 1 34  ? 3.873   -15.744 -2.996  1.00 15.42 ? 114 ALA A N   1 
ATOM   247  C CA  . ALA A 1 34  ? 4.567   -14.473 -2.823  1.00 12.52 ? 114 ALA A CA  1 
ATOM   248  C C   . ALA A 1 34  ? 5.735   -14.292 -3.789  1.00 13.35 ? 114 ALA A C   1 
ATOM   249  O O   . ALA A 1 34  ? 5.897   -13.220 -4.377  1.00 12.16 ? 114 ALA A O   1 
ATOM   250  C CB  . ALA A 1 34  ? 5.052   -14.337 -1.387  1.00 13.75 ? 114 ALA A CB  1 
ATOM   251  N N   . GLU A 1 35  ? 6.546   -15.333 -3.954  1.00 13.44 ? 115 GLU A N   1 
ATOM   252  C CA  . GLU A 1 35  ? 7.697   -15.264 -4.849  1.00 14.29 ? 115 GLU A CA  1 
ATOM   253  C C   . GLU A 1 35  ? 7.292   -15.003 -6.295  1.00 13.44 ? 115 GLU A C   1 
ATOM   254  O O   . GLU A 1 35  ? 7.891   -14.160 -6.971  1.00 13.36 ? 115 GLU A O   1 
ATOM   255  C CB  . GLU A 1 35  ? 8.505   -16.563 -4.781  1.00 18.13 ? 115 GLU A CB  1 
ATOM   256  C CG  . GLU A 1 35  ? 9.126   -16.846 -3.427  1.00 25.82 ? 115 GLU A CG  1 
ATOM   257  C CD  . GLU A 1 35  ? 10.104  -15.771 -3.000  1.00 28.24 ? 115 GLU A CD  1 
ATOM   258  O OE1 . GLU A 1 35  ? 11.061  -15.501 -3.755  1.00 32.64 ? 115 GLU A OE1 1 
ATOM   259  O OE2 . GLU A 1 35  ? 9.918   -15.198 -1.907  1.00 33.58 ? 115 GLU A OE2 1 
ATOM   260  N N   . SER A 1 36  ? 6.282   -15.722 -6.776  1.00 13.50 ? 116 SER A N   1 
ATOM   261  C CA  . SER A 1 36  ? 5.846   -15.532 -8.152  1.00 12.61 ? 116 SER A CA  1 
ATOM   262  C C   . SER A 1 36  ? 5.213   -14.156 -8.337  1.00 12.02 ? 116 SER A C   1 
ATOM   263  O O   . SER A 1 36  ? 5.298   -13.578 -9.418  1.00 12.03 ? 116 SER A O   1 
ATOM   264  C CB  . SER A 1 36  ? 4.874   -16.642 -8.582  1.00 13.61 ? 116 SER A CB  1 
ATOM   265  O OG  . SER A 1 36  ? 3.665   -16.608 -7.850  1.00 15.22 ? 116 SER A OG  1 
ATOM   266  N N   . ARG A 1 37  ? 4.590   -13.624 -7.287  1.00 11.32 ? 117 ARG A N   1 
ATOM   267  C CA  . ARG A 1 37  ? 3.983   -12.300 -7.386  1.00 10.65 ? 117 ARG A CA  1 
ATOM   268  C C   . ARG A 1 37  ? 5.077   -11.246 -7.504  1.00 10.80 ? 117 ARG A C   1 
ATOM   269  O O   . ARG A 1 37  ? 4.945   -10.285 -8.263  1.00 10.56 ? 117 ARG A O   1 
ATOM   270  C CB  . ARG A 1 37  ? 3.087   -12.015 -6.174  1.00 11.22 ? 117 ARG A CB  1 
ATOM   271  C CG  . ARG A 1 37  ? 1.789   -12.821 -6.188  1.00 11.99 ? 117 ARG A CG  1 
ATOM   272  C CD  . ARG A 1 37  ? 0.784   -12.312 -5.167  1.00 12.38 ? 117 ARG A CD  1 
ATOM   273  N NE  . ARG A 1 37  ? 1.086   -12.711 -3.794  1.00 12.88 ? 117 ARG A NE  1 
ATOM   274  C CZ  . ARG A 1 37  ? 0.836   -13.916 -3.289  1.00 13.17 ? 117 ARG A CZ  1 
ATOM   275  N NH1 . ARG A 1 37  ? 0.284   -14.856 -4.044  1.00 14.22 ? 117 ARG A NH1 1 
ATOM   276  N NH2 . ARG A 1 37  ? 1.108   -14.172 -2.017  1.00 13.38 ? 117 ARG A NH2 1 
ATOM   277  N N   . MET A 1 38  ? 6.166   -11.428 -6.766  1.00 9.52  ? 118 MET A N   1 
ATOM   278  C CA  . MET A 1 38  ? 7.260   -10.473 -6.855  1.00 9.36  ? 118 MET A CA  1 
ATOM   279  C C   . MET A 1 38  ? 7.970   -10.620 -8.204  1.00 10.54 ? 118 MET A C   1 
ATOM   280  O O   . MET A 1 38  ? 8.434   -9.632  -8.773  1.00 10.31 ? 118 MET A O   1 
ATOM   281  C CB  . MET A 1 38  ? 8.239   -10.662 -5.692  1.00 10.35 ? 118 MET A CB  1 
ATOM   282  C CG  . MET A 1 38  ? 7.624   -10.333 -4.329  1.00 10.34 ? 118 MET A CG  1 
ATOM   283  S SD  . MET A 1 38  ? 6.889   -8.667  -4.201  1.00 10.64 ? 118 MET A SD  1 
ATOM   284  C CE  . MET A 1 38  ? 5.149   -9.031  -4.482  1.00 12.09 ? 118 MET A CE  1 
ATOM   285  N N   . ASP A 1 39  ? 8.048   -11.846 -8.725  1.00 10.59 ? 119 ASP A N   1 
ATOM   286  C CA  . ASP A 1 39  ? 8.682   -12.066 -10.028 1.00 11.15 ? 119 ASP A CA  1 
ATOM   287  C C   . ASP A 1 39  ? 7.870   -11.323 -11.089 1.00 10.28 ? 119 ASP A C   1 
ATOM   288  O O   . ASP A 1 39  ? 8.423   -10.750 -12.029 1.00 11.57 ? 119 ASP A O   1 
ATOM   289  C CB  . ASP A 1 39  ? 8.724   -13.559 -10.381 1.00 13.72 ? 119 ASP A CB  1 
ATOM   290  C CG  . ASP A 1 39  ? 9.771   -14.326 -9.594  1.00 13.49 ? 119 ASP A CG  1 
ATOM   291  O OD1 . ASP A 1 39  ? 10.624  -13.692 -8.942  1.00 15.35 ? 119 ASP A OD1 1 
ATOM   292  O OD2 . ASP A 1 39  ? 9.745   -15.575 -9.638  1.00 16.93 ? 119 ASP A OD2 1 
ATOM   293  N N   . HIS A 1 40  ? 6.552   -11.334 -10.927 1.00 11.06 ? 120 HIS A N   1 
ATOM   294  C CA  . HIS A 1 40  ? 5.645   -10.657 -11.850 1.00 10.42 ? 120 HIS A CA  1 
ATOM   295  C C   . HIS A 1 40  ? 5.873   -9.141  -11.865 1.00 10.48 ? 120 HIS A C   1 
ATOM   296  O O   . HIS A 1 40  ? 5.883   -8.508  -12.927 1.00 10.98 ? 120 HIS A O   1 
ATOM   297  C CB  . HIS A 1 40  ? 4.197   -10.959 -11.439 1.00 11.73 ? 120 HIS A CB  1 
ATOM   298  C CG  . HIS A 1 40  ? 3.165   -10.178 -12.196 1.00 11.83 ? 120 HIS A CG  1 
ATOM   299  N ND1 . HIS A 1 40  ? 2.925   -10.362 -13.541 1.00 12.92 ? 120 HIS A ND1 1 
ATOM   300  C CD2 . HIS A 1 40  ? 2.290   -9.229  -11.785 1.00 12.84 ? 120 HIS A CD2 1 
ATOM   301  C CE1 . HIS A 1 40  ? 1.949   -9.560  -13.925 1.00 13.28 ? 120 HIS A CE1 1 
ATOM   302  N NE2 . HIS A 1 40  ? 1.545   -8.863  -12.879 1.00 13.75 ? 120 HIS A NE2 1 
ATOM   303  N N   . LEU A 1 41  ? 6.073   -8.575  -10.679 1.00 10.02 ? 121 LEU A N   1 
ATOM   304  C CA  . LEU A 1 41  ? 6.267   -7.139  -10.516 1.00 10.06 ? 121 LEU A CA  1 
ATOM   305  C C   . LEU A 1 41  ? 7.705   -6.671  -10.698 1.00 9.92  ? 121 LEU A C   1 
ATOM   306  O O   . LEU A 1 41  ? 7.953   -5.465  -10.781 1.00 10.37 ? 121 LEU A O   1 
ATOM   307  C CB  . LEU A 1 41  ? 5.770   -6.719  -9.132  1.00 10.85 ? 121 LEU A CB  1 
ATOM   308  C CG  . LEU A 1 41  ? 4.289   -6.984  -8.856  1.00 10.57 ? 121 LEU A CG  1 
ATOM   309  C CD1 . LEU A 1 41  ? 4.014   -6.923  -7.361  1.00 13.84 ? 121 LEU A CD1 1 
ATOM   310  C CD2 . LEU A 1 41  ? 3.444   -5.972  -9.605  1.00 13.18 ? 121 LEU A CD2 1 
ATOM   311  N N   . ASP A 1 42  ? 8.644   -7.614  -10.754 1.00 9.52  ? 122 ASP A N   1 
ATOM   312  C CA  . ASP A 1 42  ? 10.056  -7.274  -10.916 1.00 11.03 ? 122 ASP A CA  1 
ATOM   313  C C   . ASP A 1 42  ? 10.287  -6.578  -12.260 1.00 10.32 ? 122 ASP A C   1 
ATOM   314  O O   . ASP A 1 42  ? 9.441   -6.628  -13.152 1.00 10.89 ? 122 ASP A O   1 
ATOM   315  C CB  . ASP A 1 42  ? 10.933  -8.526  -10.798 1.00 11.59 ? 122 ASP A CB  1 
ATOM   316  C CG  . ASP A 1 42  ? 12.264  -8.251  -10.107 1.00 10.74 ? 122 ASP A CG  1 
ATOM   317  O OD1 . ASP A 1 42  ? 12.725  -7.086  -10.114 1.00 12.25 ? 122 ASP A OD1 1 
ATOM   318  O OD2 . ASP A 1 42  ? 12.860  -9.205  -9.561  1.00 11.41 ? 122 ASP A OD2 1 
ATOM   319  N N   . TYR A 1 43  ? 11.449  -5.950  -12.404 1.00 10.59 ? 123 TYR A N   1 
ATOM   320  C CA  . TYR A 1 43  ? 11.770  -5.171  -13.593 1.00 11.45 ? 123 TYR A CA  1 
ATOM   321  C C   . TYR A 1 43  ? 11.653  -5.835  -14.957 1.00 12.05 ? 123 TYR A C   1 
ATOM   322  O O   . TYR A 1 43  ? 11.332  -5.166  -15.937 1.00 12.73 ? 123 TYR A O   1 
ATOM   323  C CB  . TYR A 1 43  ? 13.151  -4.543  -13.420 1.00 11.25 ? 123 TYR A CB  1 
ATOM   324  C CG  . TYR A 1 43  ? 13.246  -3.771  -12.122 1.00 9.81  ? 123 TYR A CG  1 
ATOM   325  C CD1 . TYR A 1 43  ? 13.952  -4.280  -11.036 1.00 10.26 ? 123 TYR A CD1 1 
ATOM   326  C CD2 . TYR A 1 43  ? 12.553  -2.572  -11.953 1.00 9.78  ? 123 TYR A CD2 1 
ATOM   327  C CE1 . TYR A 1 43  ? 13.964  -3.622  -9.811  1.00 9.71  ? 123 TYR A CE1 1 
ATOM   328  C CE2 . TYR A 1 43  ? 12.555  -1.909  -10.734 1.00 9.76  ? 123 TYR A CE2 1 
ATOM   329  C CZ  . TYR A 1 43  ? 13.258  -2.440  -9.668  1.00 8.98  ? 123 TYR A CZ  1 
ATOM   330  O OH  . TYR A 1 43  ? 13.238  -1.798  -8.451  1.00 9.22  ? 123 TYR A OH  1 
ATOM   331  N N   . ASN A 1 44  ? 11.898  -7.137  -15.035 1.00 11.85 ? 124 ASN A N   1 
ATOM   332  C CA  . ASN A 1 44  ? 11.794  -7.830  -16.314 1.00 12.62 ? 124 ASN A CA  1 
ATOM   333  C C   . ASN A 1 44  ? 10.453  -8.547  -16.427 1.00 13.53 ? 124 ASN A C   1 
ATOM   334  O O   . ASN A 1 44  ? 10.249  -9.363  -17.323 1.00 15.23 ? 124 ASN A O   1 
ATOM   335  C CB  . ASN A 1 44  ? 12.941  -8.833  -16.467 1.00 12.79 ? 124 ASN A CB  1 
ATOM   336  C CG  . ASN A 1 44  ? 12.809  -10.019 -15.534 1.00 12.81 ? 124 ASN A CG  1 
ATOM   337  O OD1 . ASN A 1 44  ? 12.229  -9.913  -14.456 1.00 12.86 ? 124 ASN A OD1 1 
ATOM   338  N ND2 . ASN A 1 44  ? 13.360  -11.157 -15.943 1.00 13.76 ? 124 ASN A ND2 1 
ATOM   339  N N   . GLY A 1 45  ? 9.533   -8.219  -15.522 1.00 11.90 ? 125 GLY A N   1 
ATOM   340  C CA  . GLY A 1 45  ? 8.226   -8.849  -15.520 1.00 12.18 ? 125 GLY A CA  1 
ATOM   341  C C   . GLY A 1 45  ? 7.104   -7.987  -16.068 1.00 12.88 ? 125 GLY A C   1 
ATOM   342  O O   . GLY A 1 45  ? 7.177   -6.758  -16.061 1.00 12.21 ? 125 GLY A O   1 
ATOM   343  N N   . GLU A 1 46  ? 6.054   -8.646  -16.544 1.00 13.59 ? 126 GLU A N   1 
ATOM   344  C CA  . GLU A 1 46  ? 4.893   -7.962  -17.102 1.00 13.99 ? 126 GLU A CA  1 
ATOM   345  C C   . GLU A 1 46  ? 4.263   -7.013  -16.087 1.00 13.02 ? 126 GLU A C   1 
ATOM   346  O O   . GLU A 1 46  ? 3.736   -5.961  -16.456 1.00 12.81 ? 126 GLU A O   1 
ATOM   347  C CB  . GLU A 1 46  ? 3.856   -8.997  -17.555 1.00 16.17 ? 126 GLU A CB  1 
ATOM   348  C CG  . GLU A 1 46  ? 2.521   -8.410  -17.992 1.00 21.88 ? 126 GLU A CG  1 
ATOM   349  C CD  . GLU A 1 46  ? 2.617   -7.614  -19.277 1.00 24.02 ? 126 GLU A CD  1 
ATOM   350  O OE1 . GLU A 1 46  ? 1.612   -6.976  -19.656 1.00 26.43 ? 126 GLU A OE1 1 
ATOM   351  O OE2 . GLU A 1 46  ? 3.692   -7.630  -19.911 1.00 26.15 ? 126 GLU A OE2 1 
ATOM   352  N N   . GLY A 1 47  ? 4.324   -7.393  -14.812 1.00 11.60 ? 127 GLY A N   1 
ATOM   353  C CA  . GLY A 1 47  ? 3.754   -6.576  -13.754 1.00 11.40 ? 127 GLY A CA  1 
ATOM   354  C C   . GLY A 1 47  ? 4.400   -5.212  -13.612 1.00 10.95 ? 127 GLY A C   1 
ATOM   355  O O   . GLY A 1 47  ? 3.742   -4.261  -13.189 1.00 12.65 ? 127 GLY A O   1 
ATOM   356  N N   . GLN A 1 48  ? 5.682   -5.105  -13.948 1.00 10.69 ? 128 GLN A N   1 
ATOM   357  C CA  . GLN A 1 48  ? 6.371   -3.824  -13.858 1.00 10.66 ? 128 GLN A CA  1 
ATOM   358  C C   . GLN A 1 48  ? 5.753   -2.880  -14.890 1.00 11.80 ? 128 GLN A C   1 
ATOM   359  O O   . GLN A 1 48  ? 5.473   -1.720  -14.589 1.00 12.53 ? 128 GLN A O   1 
ATOM   360  C CB  . GLN A 1 48  ? 7.876   -4.004  -14.111 1.00 10.49 ? 128 GLN A CB  1 
ATOM   361  C CG  . GLN A 1 48  ? 8.690   -2.712  -14.117 1.00 10.39 ? 128 GLN A CG  1 
ATOM   362  C CD  . GLN A 1 48  ? 8.947   -2.097  -12.741 1.00 9.40  ? 128 GLN A CD  1 
ATOM   363  O OE1 . GLN A 1 48  ? 9.350   -0.938  -12.651 1.00 10.51 ? 128 GLN A OE1 1 
ATOM   364  N NE2 . GLN A 1 48  ? 8.741   -2.867  -11.679 1.00 10.51 ? 128 GLN A NE2 1 
ATOM   365  N N   . SER A 1 49  ? 5.521   -3.378  -16.104 1.00 11.91 ? 129 SER A N   1 
ATOM   366  C CA  . SER A 1 49  ? 4.913   -2.555  -17.147 1.00 14.05 ? 129 SER A CA  1 
ATOM   367  C C   . SER A 1 49  ? 3.454   -2.244  -16.833 1.00 13.15 ? 129 SER A C   1 
ATOM   368  O O   . SER A 1 49  ? 3.003   -1.117  -17.028 1.00 12.57 ? 129 SER A O   1 
ATOM   369  C CB  . SER A 1 49  ? 5.004   -3.241  -18.512 1.00 15.65 ? 129 SER A CB  1 
ATOM   370  O OG  . SER A 1 49  ? 6.281   -3.054  -19.093 1.00 22.76 ? 129 SER A OG  1 
ATOM   371  N N   . ARG A 1 50  ? 2.714   -3.240  -16.355 1.00 12.21 ? 130 ARG A N   1 
ATOM   372  C CA  . ARG A 1 50  ? 1.310   -3.025  -16.021 1.00 12.22 ? 130 ARG A CA  1 
ATOM   373  C C   . ARG A 1 50  ? 1.232   -2.032  -14.863 1.00 12.44 ? 130 ARG A C   1 
ATOM   374  O O   . ARG A 1 50  ? 0.384   -1.135  -14.855 1.00 12.16 ? 130 ARG A O   1 
ATOM   375  C CB  . ARG A 1 50  ? 0.637   -4.343  -15.626 1.00 15.09 ? 130 ARG A CB  1 
ATOM   376  C CG  . ARG A 1 50  ? -0.882  -4.284  -15.638 1.00 19.56 ? 130 ARG A CG  1 
ATOM   377  C CD  . ARG A 1 50  ? -1.414  -4.178  -17.062 1.00 21.89 ? 130 ARG A CD  1 
ATOM   378  N NE  . ARG A 1 50  ? -2.849  -3.911  -17.101 1.00 24.80 ? 130 ARG A NE  1 
ATOM   379  C CZ  . ARG A 1 50  ? -3.406  -2.753  -16.761 1.00 25.41 ? 130 ARG A CZ  1 
ATOM   380  N NH1 . ARG A 1 50  ? -2.649  -1.742  -16.354 1.00 26.72 ? 130 ARG A NH1 1 
ATOM   381  N NH2 . ARG A 1 50  ? -4.722  -2.605  -16.826 1.00 27.72 ? 130 ARG A NH2 1 
ATOM   382  N N   . GLY A 1 51  ? 2.120   -2.196  -13.887 1.00 11.16 ? 131 GLY A N   1 
ATOM   383  C CA  . GLY A 1 51  ? 2.142   -1.298  -12.748 1.00 11.79 ? 131 GLY A CA  1 
ATOM   384  C C   . GLY A 1 51  ? 2.448   0.116   -13.197 1.00 10.71 ? 131 GLY A C   1 
ATOM   385  O O   . GLY A 1 51  ? 1.877   1.078   -12.684 1.00 10.65 ? 131 GLY A O   1 
ATOM   386  N N   . SER A 1 52  ? 3.352   0.252   -14.161 1.00 10.40 ? 132 SER A N   1 
ATOM   387  C CA  . SER A 1 52  ? 3.705   1.567   -14.678 1.00 11.56 ? 132 SER A CA  1 
ATOM   388  C C   . SER A 1 52  ? 2.490   2.201   -15.351 1.00 11.95 ? 132 SER A C   1 
ATOM   389  O O   . SER A 1 52  ? 2.226   3.393   -15.180 1.00 11.92 ? 132 SER A O   1 
ATOM   390  C CB  . SER A 1 52  ? 4.862   1.453   -15.675 1.00 12.51 ? 132 SER A CB  1 
ATOM   391  O OG  . SER A 1 52  ? 5.220   2.725   -16.182 1.00 17.56 ? 132 SER A OG  1 
ATOM   392  N N   . GLU A 1 53  ? 1.747   1.398   -16.107 1.00 10.95 ? 133 GLU A N   1 
ATOM   393  C CA  . GLU A 1 53  ? 0.548   1.879   -16.788 1.00 11.95 ? 133 GLU A CA  1 
ATOM   394  C C   . GLU A 1 53  ? -0.478  2.341   -15.758 1.00 10.92 ? 133 GLU A C   1 
ATOM   395  O O   . GLU A 1 53  ? -1.119  3.378   -15.929 1.00 11.34 ? 133 GLU A O   1 
ATOM   396  C CB  . GLU A 1 53  ? -0.062  0.775   -17.651 1.00 13.96 ? 133 GLU A CB  1 
ATOM   397  C CG  . GLU A 1 53  ? 0.795   0.327   -18.819 1.00 22.53 ? 133 GLU A CG  1 
ATOM   398  C CD  . GLU A 1 53  ? 0.094   -0.716  -19.667 1.00 25.72 ? 133 GLU A CD  1 
ATOM   399  O OE1 . GLU A 1 53  ? -1.016  -0.426  -20.163 1.00 28.67 ? 133 GLU A OE1 1 
ATOM   400  O OE2 . GLU A 1 53  ? 0.647   -1.824  -19.833 1.00 30.09 ? 133 GLU A OE2 1 
ATOM   401  N N   . ARG A 1 54  ? -0.649  1.565   -14.693 1.00 10.53 ? 134 ARG A N   1 
ATOM   402  C CA  . ARG A 1 54  ? -1.593  1.947   -13.653 1.00 10.23 ? 134 ARG A CA  1 
ATOM   403  C C   . ARG A 1 54  ? -1.111  3.218   -12.968 1.00 9.89  ? 134 ARG A C   1 
ATOM   404  O O   . ARG A 1 54  ? -1.918  4.076   -12.605 1.00 9.77  ? 134 ARG A O   1 
ATOM   405  C CB  . ARG A 1 54  ? -1.749  0.835   -12.614 1.00 11.08 ? 134 ARG A CB  1 
ATOM   406  C CG  . ARG A 1 54  ? -2.366  -0.448  -13.153 1.00 10.93 ? 134 ARG A CG  1 
ATOM   407  C CD  . ARG A 1 54  ? -2.679  -1.418  -12.019 1.00 10.73 ? 134 ARG A CD  1 
ATOM   408  N NE  . ARG A 1 54  ? -3.030  -2.753  -12.501 1.00 12.12 ? 134 ARG A NE  1 
ATOM   409  C CZ  . ARG A 1 54  ? -4.184  -3.075  -13.078 1.00 12.40 ? 134 ARG A CZ  1 
ATOM   410  N NH1 . ARG A 1 54  ? -5.129  -2.160  -13.250 1.00 13.65 ? 134 ARG A NH1 1 
ATOM   411  N NH2 . ARG A 1 54  ? -4.389  -4.320  -13.494 1.00 14.57 ? 134 ARG A NH2 1 
ATOM   412  N N   . HIS A 1 55  ? 0.199   3.355   -12.793 1.00 9.81  ? 135 HIS A N   1 
ATOM   413  C CA  . HIS A 1 55  ? 0.709   4.549   -12.147 1.00 8.71  ? 135 HIS A CA  1 
ATOM   414  C C   . HIS A 1 55  ? 0.433   5.773   -13.018 1.00 10.30 ? 135 HIS A C   1 
ATOM   415  O O   . HIS A 1 55  ? 0.284   6.887   -12.510 1.00 10.02 ? 135 HIS A O   1 
ATOM   416  C CB  . HIS A 1 55  ? 2.205   4.434   -11.863 1.00 9.54  ? 135 HIS A CB  1 
ATOM   417  C CG  . HIS A 1 55  ? 2.666   5.349   -10.777 1.00 8.95  ? 135 HIS A CG  1 
ATOM   418  N ND1 . HIS A 1 55  ? 2.327   5.152   -9.455  1.00 9.78  ? 135 HIS A ND1 1 
ATOM   419  C CD2 . HIS A 1 55  ? 3.353   6.513   -10.823 1.00 9.94  ? 135 HIS A CD2 1 
ATOM   420  C CE1 . HIS A 1 55  ? 2.784   6.160   -8.734  1.00 11.50 ? 135 HIS A CE1 1 
ATOM   421  N NE2 . HIS A 1 55  ? 3.409   7.001   -9.539  1.00 10.78 ? 135 HIS A NE2 1 
ATOM   422  N N   . GLN A 1 56  ? 0.373   5.571   -14.332 1.00 11.43 ? 136 GLN A N   1 
ATOM   423  C CA  . GLN A 1 56  ? 0.075   6.673   -15.237 1.00 11.28 ? 136 GLN A CA  1 
ATOM   424  C C   . GLN A 1 56  ? -1.379  7.097   -15.039 1.00 11.01 ? 136 GLN A C   1 
ATOM   425  O O   . GLN A 1 56  ? -1.707  8.276   -15.175 1.00 11.72 ? 136 GLN A O   1 
ATOM   426  C CB  . GLN A 1 56  ? 0.322   6.266   -16.690 1.00 11.70 ? 136 GLN A CB  1 
ATOM   427  C CG  . GLN A 1 56  ? 1.784   5.996   -17.013 1.00 18.81 ? 136 GLN A CG  1 
ATOM   428  C CD  . GLN A 1 56  ? 2.061   6.050   -18.501 1.00 21.38 ? 136 GLN A CD  1 
ATOM   429  O OE1 . GLN A 1 56  ? 1.271   5.565   -19.308 1.00 24.79 ? 136 GLN A OE1 1 
ATOM   430  N NE2 . GLN A 1 56  ? 3.193   6.636   -18.872 1.00 24.12 ? 136 GLN A NE2 1 
ATOM   431  N N   . VAL A 1 57  ? -2.250  6.140   -14.724 1.00 10.93 ? 137 VAL A N   1 
ATOM   432  C CA  . VAL A 1 57  ? -3.651  6.461   -14.463 1.00 11.23 ? 137 VAL A CA  1 
ATOM   433  C C   . VAL A 1 57  ? -3.668  7.335   -13.206 1.00 11.14 ? 137 VAL A C   1 
ATOM   434  O O   . VAL A 1 57  ? -4.382  8.333   -13.139 1.00 11.25 ? 137 VAL A O   1 
ATOM   435  C CB  . VAL A 1 57  ? -4.491  5.184   -14.223 1.00 12.96 ? 137 VAL A CB  1 
ATOM   436  C CG1 . VAL A 1 57  ? -5.890  5.560   -13.762 1.00 14.35 ? 137 VAL A CG1 1 
ATOM   437  C CG2 . VAL A 1 57  ? -4.570  4.365   -15.502 1.00 15.81 ? 137 VAL A CG2 1 
ATOM   438  N N   . TYR A 1 58  ? -2.874  6.950   -12.209 1.00 10.22 ? 138 TYR A N   1 
ATOM   439  C CA  . TYR A 1 58  ? -2.764  7.709   -10.967 1.00 8.98  ? 138 TYR A CA  1 
ATOM   440  C C   . TYR A 1 58  ? -2.267  9.129   -11.266 1.00 9.25  ? 138 TYR A C   1 
ATOM   441  O O   . TYR A 1 58  ? -2.856  10.110  -10.804 1.00 10.02 ? 138 TYR A O   1 
ATOM   442  C CB  . TYR A 1 58  ? -1.785  7.011   -10.016 1.00 9.84  ? 138 TYR A CB  1 
ATOM   443  C CG  . TYR A 1 58  ? -1.456  7.798   -8.767  1.00 9.96  ? 138 TYR A CG  1 
ATOM   444  C CD1 . TYR A 1 58  ? -2.281  7.747   -7.646  1.00 10.64 ? 138 TYR A CD1 1 
ATOM   445  C CD2 . TYR A 1 58  ? -0.322  8.605   -8.716  1.00 10.72 ? 138 TYR A CD2 1 
ATOM   446  C CE1 . TYR A 1 58  ? -1.983  8.482   -6.500  1.00 11.98 ? 138 TYR A CE1 1 
ATOM   447  C CE2 . TYR A 1 58  ? -0.015  9.344   -7.578  1.00 11.80 ? 138 TYR A CE2 1 
ATOM   448  C CZ  . TYR A 1 58  ? -0.849  9.278   -6.476  1.00 11.30 ? 138 TYR A CZ  1 
ATOM   449  O OH  . TYR A 1 58  ? -0.548  10.016  -5.350  1.00 14.77 ? 138 TYR A OH  1 
ATOM   450  N N   . ASN A 1 59  ? -1.186  9.231   -12.038 1.00 9.29  ? 139 ASN A N   1 
ATOM   451  C CA  . ASN A 1 59  ? -0.613  10.530  -12.389 1.00 9.41  ? 139 ASN A CA  1 
ATOM   452  C C   . ASN A 1 59  ? -1.580  11.397  -13.183 1.00 8.64  ? 139 ASN A C   1 
ATOM   453  O O   . ASN A 1 59  ? -1.660  12.605  -12.953 1.00 10.27 ? 139 ASN A O   1 
ATOM   454  C CB  . ASN A 1 59  ? 0.674   10.370  -13.203 1.00 9.58  ? 139 ASN A CB  1 
ATOM   455  C CG  . ASN A 1 59  ? 1.838   9.881   -12.373 1.00 12.24 ? 139 ASN A CG  1 
ATOM   456  O OD1 . ASN A 1 59  ? 1.878   10.080  -11.160 1.00 13.24 ? 139 ASN A OD1 1 
ATOM   457  N ND2 . ASN A 1 59  ? 2.808   9.257   -13.030 1.00 11.39 ? 139 ASN A ND2 1 
ATOM   458  N N   . ASP A 1 60  ? -2.296  10.790  -14.126 1.00 9.38  ? 140 ASP A N   1 
ATOM   459  C CA  . ASP A 1 60  ? -3.260  11.532  -14.938 1.00 10.30 ? 140 ASP A CA  1 
ATOM   460  C C   . ASP A 1 60  ? -4.335  12.129  -14.042 1.00 10.50 ? 140 ASP A C   1 
ATOM   461  O O   . ASP A 1 60  ? -4.704  13.294  -14.192 1.00 10.39 ? 140 ASP A O   1 
ATOM   462  C CB  . ASP A 1 60  ? -3.927  10.618  -15.973 1.00 11.75 ? 140 ASP A CB  1 
ATOM   463  C CG  . ASP A 1 60  ? -2.979  10.178  -17.074 1.00 12.60 ? 140 ASP A CG  1 
ATOM   464  O OD1 . ASP A 1 60  ? -1.866  10.736  -17.173 1.00 14.32 ? 140 ASP A OD1 1 
ATOM   465  O OD2 . ASP A 1 60  ? -3.361  9.275   -17.848 1.00 14.96 ? 140 ASP A OD2 1 
ATOM   466  N N   . ALA A 1 61  ? -4.836  11.326  -13.110 1.00 9.66  ? 141 ALA A N   1 
ATOM   467  C CA  . ALA A 1 61  ? -5.873  11.793  -12.196 1.00 9.79  ? 141 ALA A CA  1 
ATOM   468  C C   . ALA A 1 61  ? -5.337  12.867  -11.255 1.00 9.95  ? 141 ALA A C   1 
ATOM   469  O O   . ALA A 1 61  ? -6.043  13.823  -10.930 1.00 11.66 ? 141 ALA A O   1 
ATOM   470  C CB  . ALA A 1 61  ? -6.434  10.628  -11.395 1.00 11.21 ? 141 ALA A CB  1 
ATOM   471  N N   . LEU A 1 62  ? -4.090  12.719  -10.820 1.00 9.90  ? 142 LEU A N   1 
ATOM   472  C CA  . LEU A 1 62  ? -3.494  13.703  -9.925  1.00 9.80  ? 142 LEU A CA  1 
ATOM   473  C C   . LEU A 1 62  ? -3.307  15.032  -10.650 1.00 10.57 ? 142 LEU A C   1 
ATOM   474  O O   . LEU A 1 62  ? -3.643  16.088  -10.113 1.00 10.53 ? 142 LEU A O   1 
ATOM   475  C CB  . LEU A 1 62  ? -2.145  13.210  -9.392  1.00 10.35 ? 142 LEU A CB  1 
ATOM   476  C CG  . LEU A 1 62  ? -1.415  14.176  -8.451  1.00 11.78 ? 142 LEU A CG  1 
ATOM   477  C CD1 . LEU A 1 62  ? -2.298  14.517  -7.259  1.00 13.16 ? 142 LEU A CD1 1 
ATOM   478  C CD2 . LEU A 1 62  ? -0.112  13.545  -7.986  1.00 12.81 ? 142 LEU A CD2 1 
ATOM   479  N N   . ARG A 1 63  ? -2.778  14.979  -11.870 1.00 9.75  ? 143 ARG A N   1 
ATOM   480  C CA  . ARG A 1 63  ? -2.555  16.196  -12.648 1.00 9.86  ? 143 ARG A CA  1 
ATOM   481  C C   . ARG A 1 63  ? -3.869  16.944  -12.863 1.00 9.93  ? 143 ARG A C   1 
ATOM   482  O O   . ARG A 1 63  ? -3.919  18.166  -12.737 1.00 10.54 ? 143 ARG A O   1 
ATOM   483  C CB  . ARG A 1 63  ? -1.916  15.855  -13.989 1.00 11.65 ? 143 ARG A CB  1 
ATOM   484  N N   . ALA A 1 64  ? -4.931  16.212  -13.185 1.00 10.23 ? 144 ALA A N   1 
ATOM   485  C CA  . ALA A 1 64  ? -6.235  16.835  -13.397 1.00 11.25 ? 144 ALA A CA  1 
ATOM   486  C C   . ALA A 1 64  ? -6.762  17.443  -12.095 1.00 12.75 ? 144 ALA A C   1 
ATOM   487  O O   . ALA A 1 64  ? -7.284  18.558  -12.084 1.00 13.35 ? 144 ALA A O   1 
ATOM   488  C CB  . ALA A 1 64  ? -7.228  15.806  -13.936 1.00 13.02 ? 144 ALA A CB  1 
ATOM   489  N N   . ALA A 1 65  ? -6.617  16.710  -10.995 1.00 11.56 ? 145 ALA A N   1 
ATOM   490  C CA  . ALA A 1 65  ? -7.083  17.178  -9.692  1.00 12.71 ? 145 ALA A CA  1 
ATOM   491  C C   . ALA A 1 65  ? -6.370  18.459  -9.275  1.00 13.47 ? 145 ALA A C   1 
ATOM   492  O O   . ALA A 1 65  ? -6.996  19.385  -8.758  1.00 15.01 ? 145 ALA A O   1 
ATOM   493  C CB  . ALA A 1 65  ? -6.871  16.096  -8.643  1.00 12.86 ? 145 ALA A CB  1 
ATOM   494  N N   . LEU A 1 66  ? -5.063  18.514  -9.496  1.00 11.47 ? 146 LEU A N   1 
ATOM   495  C CA  . LEU A 1 66  ? -4.293  19.700  -9.144  1.00 13.01 ? 146 LEU A CA  1 
ATOM   496  C C   . LEU A 1 66  ? -4.668  20.870  -10.048 1.00 13.66 ? 146 LEU A C   1 
ATOM   497  O O   . LEU A 1 66  ? -4.728  22.018  -9.605  1.00 15.68 ? 146 LEU A O   1 
ATOM   498  C CB  . LEU A 1 66  ? -2.791  19.406  -9.246  1.00 11.98 ? 146 LEU A CB  1 
ATOM   499  C CG  . LEU A 1 66  ? -2.251  18.407  -8.217  1.00 12.46 ? 146 LEU A CG  1 
ATOM   500  C CD1 . LEU A 1 66  ? -0.796  18.091  -8.515  1.00 14.11 ? 146 LEU A CD1 1 
ATOM   501  C CD2 . LEU A 1 66  ? -2.393  18.991  -6.820  1.00 13.01 ? 146 LEU A CD2 1 
ATOM   502  N N   . SER A 1 67  ? -4.925  20.578  -11.319 1.00 14.60 ? 147 SER A N   1 
ATOM   503  C CA  . SER A 1 67  ? -5.304  21.615  -12.273 1.00 16.74 ? 147 SER A CA  1 
ATOM   504  C C   . SER A 1 67  ? -6.681  22.180  -11.931 1.00 17.67 ? 147 SER A C   1 
ATOM   505  O O   . SER A 1 67  ? -6.945  23.363  -12.150 1.00 19.95 ? 147 SER A O   1 
ATOM   506  C CB  . SER A 1 67  ? -5.326  21.044  -13.695 1.00 17.13 ? 147 SER A CB  1 
ATOM   507  O OG  . SER A 1 67  ? -5.721  22.029  -14.634 1.00 23.14 ? 147 SER A OG  1 
ATOM   508  N N   . ASN A 1 68  ? -7.548  21.331  -11.387 1.00 18.54 ? 148 ASN A N   1 
ATOM   509  C CA  . ASN A 1 68  ? -8.905  21.727  -11.025 1.00 21.04 ? 148 ASN A CA  1 
ATOM   510  C C   . ASN A 1 68  ? -9.024  22.234  -9.589  1.00 21.75 ? 148 ASN A C   1 
ATOM   511  O O   . ASN A 1 68  ? -10.132 22.438  -9.088  1.00 22.51 ? 148 ASN A O   1 
ATOM   512  C CB  . ASN A 1 68  ? -9.858  20.545  -11.224 1.00 22.65 ? 148 ASN A CB  1 
ATOM   513  C CG  . ASN A 1 68  ? -9.973  20.128  -12.678 1.00 25.31 ? 148 ASN A CG  1 
ATOM   514  O OD1 . ASN A 1 68  ? -10.478 19.048  -12.987 1.00 28.01 ? 148 ASN A OD1 1 
ATOM   515  N ND2 . ASN A 1 68  ? -9.512  20.986  -13.579 1.00 27.20 ? 148 ASN A ND2 1 
ATOM   516  N N   . ASP A 1 69  ? -7.885  22.440  -8.935  1.00 22.21 ? 149 ASP A N   1 
ATOM   517  C CA  . ASP A 1 69  ? -7.863  22.921  -7.557  1.00 24.09 ? 149 ASP A CA  1 
ATOM   518  C C   . ASP A 1 69  ? -8.706  22.039  -6.639  1.00 24.49 ? 149 ASP A C   1 
ATOM   519  O O   . ASP A 1 69  ? -9.493  22.530  -5.827  1.00 25.27 ? 149 ASP A O   1 
ATOM   520  C CB  . ASP A 1 69  ? -8.359  24.368  -7.495  1.00 26.07 ? 149 ASP A CB  1 
ATOM   521  C CG  . ASP A 1 69  ? -7.462  25.322  -8.258  1.00 28.69 ? 149 ASP A CG  1 
ATOM   522  O OD1 . ASP A 1 69  ? -6.253  25.377  -7.949  1.00 30.60 ? 149 ASP A OD1 1 
ATOM   523  O OD2 . ASP A 1 69  ? -7.966  26.018  -9.165  1.00 31.22 ? 149 ASP A OD2 1 
ATOM   524  N N   . ASP A 1 70  ? -8.532  20.728  -6.782  1.00 23.34 ? 150 ASP A N   1 
ATOM   525  C CA  . ASP A 1 70  ? -9.253  19.747  -5.981  1.00 23.41 ? 150 ASP A CA  1 
ATOM   526  C C   . ASP A 1 70  ? -8.882  19.930  -4.511  1.00 22.07 ? 150 ASP A C   1 
ATOM   527  O O   . ASP A 1 70  ? -7.728  20.210  -4.188  1.00 22.22 ? 150 ASP A O   1 
ATOM   528  C CB  . ASP A 1 70  ? -8.870  18.337  -6.439  1.00 24.01 ? 150 ASP A CB  1 
ATOM   529  C CG  . ASP A 1 70  ? -9.734  17.257  -5.813  1.00 25.70 ? 150 ASP A CG  1 
ATOM   530  O OD1 . ASP A 1 70  ? -9.939  17.290  -4.582  1.00 26.84 ? 150 ASP A OD1 1 
ATOM   531  O OD2 . ASP A 1 70  ? -10.198 16.365  -6.554  1.00 27.37 ? 150 ASP A OD2 1 
ATOM   532  N N   . GLU A 1 71  ? -9.862  19.775  -3.626  1.00 22.55 ? 151 GLU A N   1 
ATOM   533  C CA  . GLU A 1 71  ? -9.631  19.921  -2.192  1.00 22.48 ? 151 GLU A CA  1 
ATOM   534  C C   . GLU A 1 71  ? -8.774  18.775  -1.657  1.00 21.11 ? 151 GLU A C   1 
ATOM   535  O O   . GLU A 1 71  ? -8.002  18.952  -0.714  1.00 22.69 ? 151 GLU A O   1 
ATOM   536  C CB  . GLU A 1 71  ? -10.963 19.967  -1.451  1.00 23.80 ? 151 GLU A CB  1 
ATOM   537  N N   . ALA A 1 72  ? -8.918  17.602  -2.268  1.00 19.57 ? 152 ALA A N   1 
ATOM   538  C CA  . ALA A 1 72  ? -8.162  16.421  -1.868  1.00 17.15 ? 152 ALA A CA  1 
ATOM   539  C C   . ALA A 1 72  ? -7.638  15.709  -3.114  1.00 16.09 ? 152 ALA A C   1 
ATOM   540  O O   . ALA A 1 72  ? -8.084  14.610  -3.447  1.00 15.45 ? 152 ALA A O   1 
ATOM   541  C CB  . ALA A 1 72  ? -9.051  15.481  -1.056  1.00 18.23 ? 152 ALA A CB  1 
ATOM   542  N N   . PRO A 1 73  ? -6.660  16.317  -3.805  1.00 14.52 ? 153 PRO A N   1 
ATOM   543  C CA  . PRO A 1 73  ? -6.080  15.743  -5.023  1.00 12.60 ? 153 PRO A CA  1 
ATOM   544  C C   . PRO A 1 73  ? -5.484  14.346  -4.926  1.00 11.73 ? 153 PRO A C   1 
ATOM   545  O O   . PRO A 1 73  ? -5.630  13.550  -5.851  1.00 10.92 ? 153 PRO A O   1 
ATOM   546  C CB  . PRO A 1 73  ? -5.050  16.790  -5.447  1.00 13.53 ? 153 PRO A CB  1 
ATOM   547  C CG  . PRO A 1 73  ? -4.646  17.423  -4.148  1.00 13.02 ? 153 PRO A CG  1 
ATOM   548  C CD  . PRO A 1 73  ? -5.971  17.569  -3.441  1.00 14.64 ? 153 PRO A CD  1 
ATOM   549  N N   . PHE A 1 74  ? -4.809  14.044  -3.823  1.00 11.93 ? 154 PHE A N   1 
ATOM   550  C CA  . PHE A 1 74  ? -4.208  12.729  -3.658  1.00 11.08 ? 154 PHE A CA  1 
ATOM   551  C C   . PHE A 1 74  ? -5.261  11.660  -3.387  1.00 12.03 ? 154 PHE A C   1 
ATOM   552  O O   . PHE A 1 74  ? -5.122  10.527  -3.839  1.00 12.40 ? 154 PHE A O   1 
ATOM   553  C CB  . PHE A 1 74  ? -3.140  12.763  -2.562  1.00 11.28 ? 154 PHE A CB  1 
ATOM   554  C CG  . PHE A 1 74  ? -2.001  13.695  -2.873  1.00 12.05 ? 154 PHE A CG  1 
ATOM   555  C CD1 . PHE A 1 74  ? -1.969  14.981  -2.347  1.00 15.30 ? 154 PHE A CD1 1 
ATOM   556  C CD2 . PHE A 1 74  ? -0.991  13.306  -3.746  1.00 12.06 ? 154 PHE A CD2 1 
ATOM   557  C CE1 . PHE A 1 74  ? -0.952  15.868  -2.683  1.00 15.78 ? 154 PHE A CE1 1 
ATOM   558  C CE2 . PHE A 1 74  ? 0.033   14.187  -4.091  1.00 13.28 ? 154 PHE A CE2 1 
ATOM   559  C CZ  . PHE A 1 74  ? 0.052   15.471  -3.559  1.00 13.49 ? 154 PHE A CZ  1 
ATOM   560  N N   . PHE A 1 75  ? -6.317  12.018  -2.661  1.00 11.06 ? 155 PHE A N   1 
ATOM   561  C CA  . PHE A 1 75  ? -7.394  11.068  -2.407  1.00 11.82 ? 155 PHE A CA  1 
ATOM   562  C C   . PHE A 1 75  ? -8.061  10.784  -3.748  1.00 12.20 ? 155 PHE A C   1 
ATOM   563  O O   . PHE A 1 75  ? -8.440  9.655   -4.038  1.00 12.13 ? 155 PHE A O   1 
ATOM   564  C CB  . PHE A 1 75  ? -8.433  11.648  -1.439  1.00 12.98 ? 155 PHE A CB  1 
ATOM   565  C CG  . PHE A 1 75  ? -8.040  11.562  0.013   1.00 13.75 ? 155 PHE A CG  1 
ATOM   566  C CD1 . PHE A 1 75  ? -8.969  11.852  1.006   1.00 16.74 ? 155 PHE A CD1 1 
ATOM   567  C CD2 . PHE A 1 75  ? -6.746  11.202  0.390   1.00 13.55 ? 155 PHE A CD2 1 
ATOM   568  C CE1 . PHE A 1 75  ? -8.622  11.786  2.352   1.00 16.83 ? 155 PHE A CE1 1 
ATOM   569  C CE2 . PHE A 1 75  ? -6.390  11.134  1.738   1.00 14.15 ? 155 PHE A CE2 1 
ATOM   570  C CZ  . PHE A 1 75  ? -7.331  11.427  2.717   1.00 16.52 ? 155 PHE A CZ  1 
ATOM   571  N N   . THR A 1 76  ? -8.200  11.821  -4.566  1.00 11.92 ? 156 THR A N   1 
ATOM   572  C CA  . THR A 1 76  ? -8.818  11.678  -5.875  1.00 12.32 ? 156 THR A CA  1 
ATOM   573  C C   . THR A 1 76  ? -7.984  10.776  -6.784  1.00 11.59 ? 156 THR A C   1 
ATOM   574  O O   . THR A 1 76  ? -8.519  9.894   -7.455  1.00 12.22 ? 156 THR A O   1 
ATOM   575  C CB  . THR A 1 76  ? -9.002  13.059  -6.537  1.00 12.53 ? 156 THR A CB  1 
ATOM   576  O OG1 . THR A 1 76  ? -9.921  13.834  -5.757  1.00 15.25 ? 156 THR A OG1 1 
ATOM   577  C CG2 . THR A 1 76  ? -9.536  12.916  -7.957  1.00 14.57 ? 156 THR A CG2 1 
ATOM   578  N N   . ALA A 1 77  ? -6.672  10.990  -6.794  1.00 10.44 ? 157 ALA A N   1 
ATOM   579  C CA  . ALA A 1 77  ? -5.770  10.194  -7.622  1.00 10.23 ? 157 ALA A CA  1 
ATOM   580  C C   . ALA A 1 77  ? -5.746  8.727   -7.190  1.00 9.33  ? 157 ALA A C   1 
ATOM   581  O O   . ALA A 1 77  ? -5.793  7.826   -8.029  1.00 9.90  ? 157 ALA A O   1 
ATOM   582  C CB  . ALA A 1 77  ? -4.363  10.785  -7.571  1.00 11.34 ? 157 ALA A CB  1 
ATOM   583  N N   . SER A 1 78  ? -5.667  8.487   -5.885  1.00 10.51 ? 158 SER A N   1 
ATOM   584  C CA  . SER A 1 78  ? -5.645  7.123   -5.373  1.00 10.31 ? 158 SER A CA  1 
ATOM   585  C C   . SER A 1 78  ? -6.956  6.418   -5.694  1.00 11.17 ? 158 SER A C   1 
ATOM   586  O O   . SER A 1 78  ? -6.972  5.227   -6.013  1.00 11.51 ? 158 SER A O   1 
ATOM   587  C CB  . SER A 1 78  ? -5.404  7.126   -3.863  1.00 11.23 ? 158 SER A CB  1 
ATOM   588  O OG  . SER A 1 78  ? -4.088  7.554   -3.572  1.00 13.88 ? 158 SER A OG  1 
ATOM   589  N N   . THR A 1 79  ? -8.059  7.153   -5.611  1.00 10.73 ? 159 THR A N   1 
ATOM   590  C CA  . THR A 1 79  ? -9.361  6.576   -5.920  1.00 12.37 ? 159 THR A CA  1 
ATOM   591  C C   . THR A 1 79  ? -9.423  6.212   -7.403  1.00 12.11 ? 159 THR A C   1 
ATOM   592  O O   . THR A 1 79  ? -9.955  5.170   -7.772  1.00 11.94 ? 159 THR A O   1 
ATOM   593  C CB  . THR A 1 79  ? -10.500 7.565   -5.590  1.00 12.42 ? 159 THR A CB  1 
ATOM   594  O OG1 . THR A 1 79  ? -10.489 7.850   -4.187  1.00 14.64 ? 159 THR A OG1 1 
ATOM   595  C CG2 . THR A 1 79  ? -11.855 6.976   -5.965  1.00 14.49 ? 159 THR A CG2 1 
ATOM   596  N N   . ALA A 1 80  ? -8.861  7.069   -8.249  1.00 12.08 ? 160 ALA A N   1 
ATOM   597  C CA  . ALA A 1 80  ? -8.870  6.835   -9.687  1.00 10.89 ? 160 ALA A CA  1 
ATOM   598  C C   . ALA A 1 80  ? -8.121  5.566   -10.081 1.00 11.40 ? 160 ALA A C   1 
ATOM   599  O O   . ALA A 1 80  ? -8.602  4.789   -10.905 1.00 12.09 ? 160 ALA A O   1 
ATOM   600  C CB  . ALA A 1 80  ? -8.276  8.038   -10.420 1.00 12.12 ? 160 ALA A CB  1 
ATOM   601  N N   . VAL A 1 81  ? -6.950  5.339   -9.492  1.00 11.36 ? 161 VAL A N   1 
ATOM   602  C CA  . VAL A 1 81  ? -6.191  4.151   -9.852  1.00 11.16 ? 161 VAL A CA  1 
ATOM   603  C C   . VAL A 1 81  ? -6.861  2.861   -9.388  1.00 10.84 ? 161 VAL A C   1 
ATOM   604  O O   . VAL A 1 81  ? -6.804  1.853   -10.093 1.00 10.53 ? 161 VAL A O   1 
ATOM   605  C CB  . VAL A 1 81  ? -4.724  4.225   -9.337  1.00 10.44 ? 161 VAL A CB  1 
ATOM   606  C CG1 . VAL A 1 81  ? -4.669  4.109   -7.823  1.00 12.16 ? 161 VAL A CG1 1 
ATOM   607  C CG2 . VAL A 1 81  ? -3.891  3.135   -10.003 1.00 12.18 ? 161 VAL A CG2 1 
ATOM   608  N N   . ILE A 1 82  ? -7.518  2.873   -8.232  1.00 10.50 ? 162 ILE A N   1 
ATOM   609  C CA  . ILE A 1 82  ? -8.169  1.641   -7.801  1.00 11.67 ? 162 ILE A CA  1 
ATOM   610  C C   . ILE A 1 82  ? -9.452  1.387   -8.592  1.00 11.80 ? 162 ILE A C   1 
ATOM   611  O O   . ILE A 1 82  ? -9.799  0.235   -8.853  1.00 12.94 ? 162 ILE A O   1 
ATOM   612  C CB  . ILE A 1 82  ? -8.436  1.611   -6.257  1.00 11.22 ? 162 ILE A CB  1 
ATOM   613  C CG1 . ILE A 1 82  ? -9.443  2.682   -5.838  1.00 12.72 ? 162 ILE A CG1 1 
ATOM   614  C CG2 . ILE A 1 82  ? -7.120  1.776   -5.514  1.00 12.80 ? 162 ILE A CG2 1 
ATOM   615  C CD1 . ILE A 1 82  ? -10.888 2.209   -5.885  1.00 13.38 ? 162 ILE A CD1 1 
ATOM   616  N N   . GLU A 1 83  ? -10.148 2.446   -8.999  1.00 12.46 ? 163 GLU A N   1 
ATOM   617  C CA  . GLU A 1 83  ? -11.368 2.264   -9.787  1.00 12.95 ? 163 GLU A CA  1 
ATOM   618  C C   . GLU A 1 83  ? -11.009 1.750   -11.179 1.00 12.90 ? 163 GLU A C   1 
ATOM   619  O O   . GLU A 1 83  ? -11.740 0.948   -11.761 1.00 13.95 ? 163 GLU A O   1 
ATOM   620  C CB  . GLU A 1 83  ? -12.151 3.571   -9.899  1.00 14.42 ? 163 GLU A CB  1 
ATOM   621  C CG  . GLU A 1 83  ? -12.678 4.068   -8.570  1.00 16.26 ? 163 GLU A CG  1 
ATOM   622  C CD  . GLU A 1 83  ? -13.642 5.226   -8.714  1.00 16.89 ? 163 GLU A CD  1 
ATOM   623  O OE1 . GLU A 1 83  ? -13.463 6.037   -9.647  1.00 20.22 ? 163 GLU A OE1 1 
ATOM   624  O OE2 . GLU A 1 83  ? -14.568 5.331   -7.884  1.00 20.11 ? 163 GLU A OE2 1 
ATOM   625  N N   . ASP A 1 84  ? -9.878  2.208   -11.705 1.00 12.81 ? 164 ASP A N   1 
ATOM   626  C CA  . ASP A 1 84  ? -9.416  1.777   -13.019 1.00 13.21 ? 164 ASP A CA  1 
ATOM   627  C C   . ASP A 1 84  ? -9.136  0.277   -13.000 1.00 13.67 ? 164 ASP A C   1 
ATOM   628  O O   . ASP A 1 84  ? -9.249  -0.397  -14.027 1.00 15.13 ? 164 ASP A O   1 
ATOM   629  C CB  . ASP A 1 84  ? -8.136  2.526   -13.400 1.00 13.23 ? 164 ASP A CB  1 
ATOM   630  C CG  . ASP A 1 84  ? -7.519  2.017   -14.691 1.00 15.07 ? 164 ASP A CG  1 
ATOM   631  O OD1 . ASP A 1 84  ? -8.106  2.251   -15.769 1.00 16.99 ? 164 ASP A OD1 1 
ATOM   632  O OD2 . ASP A 1 84  ? -6.448  1.378   -14.627 1.00 17.32 ? 164 ASP A OD2 1 
ATOM   633  N N   . ALA A 1 85  ? -8.770  -0.236  -11.828 1.00 14.22 ? 165 ALA A N   1 
ATOM   634  C CA  . ALA A 1 85  ? -8.459  -1.650  -11.653 1.00 14.36 ? 165 ALA A CA  1 
ATOM   635  C C   . ALA A 1 85  ? -9.697  -2.504  -11.389 1.00 14.76 ? 165 ALA A C   1 
ATOM   636  O O   . ALA A 1 85  ? -9.588  -3.715  -11.181 1.00 17.38 ? 165 ALA A O   1 
ATOM   637  C CB  . ALA A 1 85  ? -7.458  -1.821  -10.516 1.00 14.52 ? 165 ALA A CB  1 
ATOM   638  N N   . GLY A 1 86  ? -10.868 -1.878  -11.388 1.00 14.12 ? 166 GLY A N   1 
ATOM   639  C CA  . GLY A 1 86  ? -12.095 -2.623  -11.162 1.00 14.68 ? 166 GLY A CA  1 
ATOM   640  C C   . GLY A 1 86  ? -12.610 -2.627  -9.735  1.00 14.97 ? 166 GLY A C   1 
ATOM   641  O O   . GLY A 1 86  ? -13.580 -3.321  -9.424  1.00 16.08 ? 166 GLY A O   1 
ATOM   642  N N   . PHE A 1 87  ? -11.963 -1.862  -8.861  1.00 13.45 ? 167 PHE A N   1 
ATOM   643  C CA  . PHE A 1 87  ? -12.381 -1.783  -7.466  1.00 13.67 ? 167 PHE A CA  1 
ATOM   644  C C   . PHE A 1 87  ? -13.241 -0.553  -7.243  1.00 14.04 ? 167 PHE A C   1 
ATOM   645  O O   . PHE A 1 87  ? -13.326 0.330   -8.095  1.00 14.78 ? 167 PHE A O   1 
ATOM   646  C CB  . PHE A 1 87  ? -11.184 -1.656  -6.514  1.00 13.80 ? 167 PHE A CB  1 
ATOM   647  C CG  . PHE A 1 87  ? -10.211 -2.795  -6.578  1.00 12.86 ? 167 PHE A CG  1 
ATOM   648  C CD1 . PHE A 1 87  ? -8.990  -2.639  -7.222  1.00 14.08 ? 167 PHE A CD1 1 
ATOM   649  C CD2 . PHE A 1 87  ? -10.495 -4.010  -5.962  1.00 14.83 ? 167 PHE A CD2 1 
ATOM   650  C CE1 . PHE A 1 87  ? -8.057  -3.673  -7.250  1.00 14.42 ? 167 PHE A CE1 1 
ATOM   651  C CE2 . PHE A 1 87  ? -9.567  -5.053  -5.984  1.00 14.32 ? 167 PHE A CE2 1 
ATOM   652  C CZ  . PHE A 1 87  ? -8.346  -4.883  -6.629  1.00 13.89 ? 167 PHE A CZ  1 
ATOM   653  N N   . SER A 1 88  ? -13.862 -0.501  -6.072  1.00 15.37 ? 168 SER A N   1 
ATOM   654  C CA  . SER A 1 88  ? -14.675 0.637   -5.679  1.00 16.24 ? 168 SER A CA  1 
ATOM   655  C C   . SER A 1 88  ? -14.346 0.931   -4.219  1.00 15.85 ? 168 SER A C   1 
ATOM   656  O O   . SER A 1 88  ? -14.018 0.020   -3.460  1.00 16.34 ? 168 SER A O   1 
ATOM   657  C CB  . SER A 1 88  ? -16.164 0.315   -5.828  1.00 19.19 ? 168 SER A CB  1 
ATOM   658  O OG  . SER A 1 88  ? -16.525 -0.816  -5.060  1.00 22.58 ? 168 SER A OG  1 
ATOM   659  N N   . LEU A 1 89  ? -14.403 2.202   -3.835  1.00 17.72 ? 169 LEU A N   1 
ATOM   660  C CA  . LEU A 1 89  ? -14.133 2.584   -2.451  1.00 18.18 ? 169 LEU A CA  1 
ATOM   661  C C   . LEU A 1 89  ? -15.302 2.149   -1.582  1.00 19.45 ? 169 LEU A C   1 
ATOM   662  O O   . LEU A 1 89  ? -16.455 2.435   -1.900  1.00 20.51 ? 169 LEU A O   1 
ATOM   663  C CB  . LEU A 1 89  ? -13.965 4.100   -2.321  1.00 20.63 ? 169 LEU A CB  1 
ATOM   664  C CG  . LEU A 1 89  ? -12.584 4.716   -2.530  1.00 20.51 ? 169 LEU A CG  1 
ATOM   665  C CD1 . LEU A 1 89  ? -12.680 6.221   -2.353  1.00 20.42 ? 169 LEU A CD1 1 
ATOM   666  C CD2 . LEU A 1 89  ? -11.598 4.131   -1.530  1.00 19.25 ? 169 LEU A CD2 1 
ATOM   667  N N   . ARG A 1 90  ? -15.004 1.462   -0.486  1.00 19.75 ? 170 ARG A N   1 
ATOM   668  C CA  . ARG A 1 90  ? -16.039 0.991   0.427   1.00 20.67 ? 170 ARG A CA  1 
ATOM   669  C C   . ARG A 1 90  ? -16.323 2.012   1.521   1.00 21.16 ? 170 ARG A C   1 
ATOM   670  O O   . ARG A 1 90  ? -17.407 2.032   2.105   1.00 22.22 ? 170 ARG A O   1 
ATOM   671  C CB  . ARG A 1 90  ? -15.617 -0.332  1.071   1.00 23.34 ? 170 ARG A CB  1 
ATOM   672  C CG  . ARG A 1 90  ? -15.586 -1.526  0.127   1.00 27.05 ? 170 ARG A CG  1 
ATOM   673  C CD  . ARG A 1 90  ? -16.979 -1.887  -0.372  1.00 31.01 ? 170 ARG A CD  1 
ATOM   674  N NE  . ARG A 1 90  ? -17.501 -0.903  -1.314  1.00 33.91 ? 170 ARG A NE  1 
ATOM   675  C CZ  . ARG A 1 90  ? -18.698 -0.977  -1.888  1.00 34.73 ? 170 ARG A CZ  1 
ATOM   676  N NH1 . ARG A 1 90  ? -19.504 -1.994  -1.615  1.00 36.18 ? 170 ARG A NH1 1 
ATOM   677  N NH2 . ARG A 1 90  ? -19.087 -0.036  -2.737  1.00 36.06 ? 170 ARG A NH2 1 
ATOM   678  N N   . ARG A 1 91  ? -15.342 2.861   1.798   1.00 20.73 ? 171 ARG A N   1 
ATOM   679  C CA  . ARG A 1 91  ? -15.483 3.875   2.832   1.00 20.70 ? 171 ARG A CA  1 
ATOM   680  C C   . ARG A 1 91  ? -14.722 5.129   2.459   1.00 20.29 ? 171 ARG A C   1 
ATOM   681  O O   . ARG A 1 91  ? -13.915 5.131   1.532   1.00 19.24 ? 171 ARG A O   1 
ATOM   682  C CB  . ARG A 1 91  ? -14.923 3.361   4.162   1.00 21.43 ? 171 ARG A CB  1 
ATOM   683  C CG  . ARG A 1 91  ? -15.707 2.249   4.822   1.00 22.08 ? 171 ARG A CG  1 
ATOM   684  C CD  . ARG A 1 91  ? -16.972 2.773   5.480   1.00 23.58 ? 171 ARG A CD  1 
ATOM   685  N NE  . ARG A 1 91  ? -17.563 1.773   6.363   1.00 23.82 ? 171 ARG A NE  1 
ATOM   686  C CZ  . ARG A 1 91  ? -18.036 0.600   5.957   1.00 24.27 ? 171 ARG A CZ  1 
ATOM   687  N NH1 . ARG A 1 91  ? -17.993 0.272   4.673   1.00 24.33 ? 171 ARG A NH1 1 
ATOM   688  N NH2 . ARG A 1 91  ? -18.544 -0.252  6.836   1.00 24.53 ? 171 ARG A NH2 1 
ATOM   689  N N   . GLU A 1 92  ? -14.989 6.200   3.196   1.00 19.97 ? 172 GLU A N   1 
ATOM   690  C CA  . GLU A 1 92  ? -14.301 7.461   2.989   1.00 20.26 ? 172 GLU A CA  1 
ATOM   691  C C   . GLU A 1 92  ? -12.858 7.179   3.394   1.00 18.09 ? 172 GLU A C   1 
ATOM   692  O O   . GLU A 1 92  ? -12.619 6.463   4.365   1.00 18.65 ? 172 GLU A O   1 
ATOM   693  C CB  . GLU A 1 92  ? -14.899 8.530   3.908   1.00 22.62 ? 172 GLU A CB  1 
ATOM   694  C CG  . GLU A 1 92  ? -14.178 9.866   3.899   1.00 25.58 ? 172 GLU A CG  1 
ATOM   695  C CD  . GLU A 1 92  ? -14.176 10.514  2.532   1.00 27.81 ? 172 GLU A CD  1 
ATOM   696  O OE1 . GLU A 1 92  ? -15.229 10.489  1.863   1.00 29.61 ? 172 GLU A OE1 1 
ATOM   697  O OE2 . GLU A 1 92  ? -13.125 11.055  2.129   1.00 31.61 ? 172 GLU A OE2 1 
ATOM   698  N N   . PRO A 1 93  ? -11.880 7.707   2.642   1.00 16.89 ? 173 PRO A N   1 
ATOM   699  C CA  . PRO A 1 93  ? -10.490 7.446   3.027   1.00 16.99 ? 173 PRO A CA  1 
ATOM   700  C C   . PRO A 1 93  ? -10.258 7.862   4.478   1.00 17.29 ? 173 PRO A C   1 
ATOM   701  O O   . PRO A 1 93  ? -10.664 8.950   4.892   1.00 19.24 ? 173 PRO A O   1 
ATOM   702  C CB  . PRO A 1 93  ? -9.698  8.297   2.043   1.00 16.93 ? 173 PRO A CB  1 
ATOM   703  C CG  . PRO A 1 93  ? -10.547 8.240   0.809   1.00 17.69 ? 173 PRO A CG  1 
ATOM   704  C CD  . PRO A 1 93  ? -11.944 8.439   1.365   1.00 17.51 ? 173 PRO A CD  1 
ATOM   705  N N   . LYS A 1 94  ? -9.614  6.992   5.246   1.00 16.75 ? 174 LYS A N   1 
ATOM   706  C CA  . LYS A 1 94  ? -9.345  7.274   6.649   1.00 17.16 ? 174 LYS A CA  1 
ATOM   707  C C   . LYS A 1 94  ? -7.897  7.683   6.868   1.00 18.28 ? 174 LYS A C   1 
ATOM   708  O O   . LYS A 1 94  ? -6.984  7.112   6.276   1.00 19.62 ? 174 LYS A O   1 
ATOM   709  C CB  . LYS A 1 94  ? -9.662  6.045   7.500   1.00 17.92 ? 174 LYS A CB  1 
ATOM   710  C CG  . LYS A 1 94  ? -9.421  6.252   8.983   1.00 19.67 ? 174 LYS A CG  1 
ATOM   711  C CD  . LYS A 1 94  ? -9.779  5.009   9.775   1.00 19.65 ? 174 LYS A CD  1 
ATOM   712  C CE  . LYS A 1 94  ? -9.495  5.206   11.252  1.00 19.64 ? 174 LYS A CE  1 
ATOM   713  N NZ  . LYS A 1 94  ? -9.838  3.995   12.039  1.00 22.52 ? 174 LYS A NZ  1 
ATOM   714  N N   . THR A 1 95  ? -7.689  8.678   7.723   1.00 16.63 ? 175 THR A N   1 
ATOM   715  C CA  . THR A 1 95  ? -6.350  9.158   8.025   1.00 17.43 ? 175 THR A CA  1 
ATOM   716  C C   . THR A 1 95  ? -5.995  8.856   9.475   1.00 17.63 ? 175 THR A C   1 
ATOM   717  O O   . THR A 1 95  ? -6.660  9.330   10.396  1.00 20.09 ? 175 THR A O   1 
ATOM   718  C CB  . THR A 1 95  ? -6.232  10.680  7.803   1.00 18.72 ? 175 THR A CB  1 
ATOM   719  O OG1 . THR A 1 95  ? -6.558  10.996  6.446   1.00 20.43 ? 175 THR A OG1 1 
ATOM   720  C CG2 . THR A 1 95  ? -4.820  11.154  8.101   1.00 18.73 ? 175 THR A CG2 1 
ATOM   721  N N   . VAL A 1 96  ? -4.952  8.060   9.673   1.00 15.75 ? 176 VAL A N   1 
ATOM   722  C CA  . VAL A 1 96  ? -4.505  7.722   11.016  1.00 16.72 ? 176 VAL A CA  1 
ATOM   723  C C   . VAL A 1 96  ? -3.200  8.470   11.251  1.00 17.27 ? 176 VAL A C   1 
ATOM   724  O O   . VAL A 1 96  ? -2.217  8.258   10.537  1.00 16.34 ? 176 VAL A O   1 
ATOM   725  C CB  . VAL A 1 96  ? -4.261  6.202   11.172  1.00 15.23 ? 176 VAL A CB  1 
ATOM   726  C CG1 . VAL A 1 96  ? -3.876  5.882   12.610  1.00 16.70 ? 176 VAL A CG1 1 
ATOM   727  C CG2 . VAL A 1 96  ? -5.512  5.430   10.780  1.00 16.62 ? 176 VAL A CG2 1 
ATOM   728  N N   . HIS A 1 97  ? -3.197  9.359   12.240  1.00 17.71 ? 177 HIS A N   1 
ATOM   729  C CA  . HIS A 1 97  ? -2.009  10.147  12.549  1.00 19.49 ? 177 HIS A CA  1 
ATOM   730  C C   . HIS A 1 97  ? -1.040  9.402   13.455  1.00 20.39 ? 177 HIS A C   1 
ATOM   731  O O   . HIS A 1 97  ? -1.439  8.551   14.245  1.00 20.61 ? 177 HIS A O   1 
ATOM   732  C CB  . HIS A 1 97  ? -2.407  11.480  13.192  1.00 20.89 ? 177 HIS A CB  1 
ATOM   733  C CG  . HIS A 1 97  ? -3.276  12.332  12.321  1.00 21.36 ? 177 HIS A CG  1 
ATOM   734  N ND1 . HIS A 1 97  ? -4.637  12.146  12.215  1.00 23.89 ? 177 HIS A ND1 1 
ATOM   735  C CD2 . HIS A 1 97  ? -2.970  13.352  11.485  1.00 24.12 ? 177 HIS A CD2 1 
ATOM   736  C CE1 . HIS A 1 97  ? -5.133  13.015  11.352  1.00 24.23 ? 177 HIS A CE1 1 
ATOM   737  N NE2 . HIS A 1 97  ? -4.143  13.758  10.894  1.00 24.51 ? 177 HIS A NE2 1 
ATOM   738  N N   . ALA A 1 98  ? 0.240   9.740   13.333  1.00 22.23 ? 178 ALA A N   1 
ATOM   739  C CA  . ALA A 1 98  ? 1.290   9.100   14.118  1.00 25.80 ? 178 ALA A CA  1 
ATOM   740  C C   . ALA A 1 98  ? 1.330   9.543   15.577  1.00 28.21 ? 178 ALA A C   1 
ATOM   741  O O   . ALA A 1 98  ? 2.295   9.254   16.285  1.00 30.09 ? 178 ALA A O   1 
ATOM   742  C CB  . ALA A 1 98  ? 2.643   9.351   13.465  1.00 26.32 ? 178 ALA A CB  1 
ATOM   743  N N   . SER A 1 99  ? 0.289   10.237  16.023  1.00 29.76 ? 179 SER A N   1 
ATOM   744  C CA  . SER A 1 99  ? 0.216   10.708  17.405  1.00 31.45 ? 179 SER A CA  1 
ATOM   745  C C   . SER A 1 99  ? 0.424   9.550   18.376  1.00 31.73 ? 179 SER A C   1 
ATOM   746  O O   . SER A 1 99  ? -0.472  8.730   18.580  1.00 33.86 ? 179 SER A O   1 
ATOM   747  C CB  . SER A 1 99  ? -1.143  11.359  17.669  1.00 31.61 ? 179 SER A CB  1 
ATOM   748  O OG  . SER A 1 99  ? -2.198  10.432  17.486  1.00 32.79 ? 179 SER A OG  1 
ATOM   749  N N   . GLY A 1 100 ? 1.610   9.488   18.972  1.00 32.51 ? 180 GLY A N   1 
ATOM   750  C CA  . GLY A 1 100 ? 1.914   8.420   19.908  1.00 31.94 ? 180 GLY A CA  1 
ATOM   751  C C   . GLY A 1 100 ? 2.961   7.472   19.353  1.00 31.83 ? 180 GLY A C   1 
ATOM   752  O O   . GLY A 1 100 ? 3.556   7.738   18.310  1.00 32.42 ? 180 GLY A O   1 
ATOM   753  N N   . GLY A 1 101 ? 3.185   6.361   20.049  1.00 30.81 ? 181 GLY A N   1 
ATOM   754  C CA  . GLY A 1 101 ? 4.170   5.394   19.597  1.00 29.45 ? 181 GLY A CA  1 
ATOM   755  C C   . GLY A 1 101 ? 3.784   4.706   18.300  1.00 27.96 ? 181 GLY A C   1 
ATOM   756  O O   . GLY A 1 101 ? 2.651   4.832   17.832  1.00 28.98 ? 181 GLY A O   1 
ATOM   757  N N   . SER A 1 102 ? 4.728   3.974   17.717  1.00 25.77 ? 182 SER A N   1 
ATOM   758  C CA  . SER A 1 102 ? 4.479   3.265   16.470  1.00 23.76 ? 182 SER A CA  1 
ATOM   759  C C   . SER A 1 102 ? 3.587   2.048   16.707  1.00 22.51 ? 182 SER A C   1 
ATOM   760  O O   . SER A 1 102 ? 2.957   1.535   15.781  1.00 21.05 ? 182 SER A O   1 
ATOM   761  C CB  . SER A 1 102 ? 5.806   2.838   15.831  1.00 21.12 ? 182 SER A CB  1 
ATOM   762  O OG  . SER A 1 102 ? 6.558   2.006   16.696  1.00 23.19 ? 182 SER A OG  1 
ATOM   763  N N   . ALA A 1 103 ? 3.531   1.590   17.952  1.00 21.84 ? 183 ALA A N   1 
ATOM   764  C CA  . ALA A 1 103 ? 2.696   0.446   18.293  1.00 21.35 ? 183 ALA A CA  1 
ATOM   765  C C   . ALA A 1 103 ? 1.235   0.865   18.195  1.00 21.69 ? 183 ALA A C   1 
ATOM   766  O O   . ALA A 1 103 ? 0.398   0.110   17.704  1.00 19.73 ? 183 ALA A O   1 
ATOM   767  C CB  . ALA A 1 103 ? 3.010   -0.040  19.702  1.00 22.00 ? 183 ALA A CB  1 
ATOM   768  N N   . GLN A 1 104 ? 0.936   2.075   18.660  1.00 21.92 ? 184 GLN A N   1 
ATOM   769  C CA  . GLN A 1 104 ? -0.427  2.593   18.615  1.00 22.85 ? 184 GLN A CA  1 
ATOM   770  C C   . GLN A 1 104 ? -0.878  2.760   17.170  1.00 21.95 ? 184 GLN A C   1 
ATOM   771  O O   . GLN A 1 104 ? -1.983  2.357   16.804  1.00 21.77 ? 184 GLN A O   1 
ATOM   772  C CB  . GLN A 1 104 ? -0.516  3.941   19.336  1.00 25.28 ? 184 GLN A CB  1 
ATOM   773  C CG  . GLN A 1 104 ? -1.925  4.516   19.383  1.00 28.81 ? 184 GLN A CG  1 
ATOM   774  C CD  . GLN A 1 104 ? -1.983  5.883   20.038  1.00 30.18 ? 184 GLN A CD  1 
ATOM   775  O OE1 . GLN A 1 104 ? -1.565  6.056   21.182  1.00 31.74 ? 184 GLN A OE1 1 
ATOM   776  N NE2 . GLN A 1 104 ? -2.508  6.864   19.311  1.00 31.65 ? 184 GLN A NE2 1 
ATOM   777  N N   . LEU A 1 105 ? -0.021  3.360   16.349  1.00 21.11 ? 185 LEU A N   1 
ATOM   778  C CA  . LEU A 1 105 ? -0.334  3.568   14.941  1.00 19.66 ? 185 LEU A CA  1 
ATOM   779  C C   . LEU A 1 105 ? -0.559  2.217   14.271  1.00 17.61 ? 185 LEU A C   1 
ATOM   780  O O   . LEU A 1 105 ? -1.549  2.019   13.567  1.00 16.89 ? 185 LEU A O   1 
ATOM   781  C CB  . LEU A 1 105 ? 0.808   4.316   14.248  1.00 20.62 ? 185 LEU A CB  1 
ATOM   782  C CG  . LEU A 1 105 ? 0.703   4.508   12.731  1.00 21.58 ? 185 LEU A CG  1 
ATOM   783  C CD1 . LEU A 1 105 ? -0.607  5.190   12.383  1.00 22.46 ? 185 LEU A CD1 1 
ATOM   784  C CD2 . LEU A 1 105 ? 1.884   5.333   12.242  1.00 22.28 ? 185 LEU A CD2 1 
ATOM   785  N N   . GLY A 1 106 ? 0.366   1.292   14.505  1.00 16.61 ? 186 GLY A N   1 
ATOM   786  C CA  . GLY A 1 106 ? 0.251   -0.035  13.927  1.00 16.95 ? 186 GLY A CA  1 
ATOM   787  C C   . GLY A 1 106 ? -1.021  -0.736  14.361  1.00 17.35 ? 186 GLY A C   1 
ATOM   788  O O   . GLY A 1 106 ? -1.655  -1.428  13.569  1.00 18.56 ? 186 GLY A O   1 
ATOM   789  N N   . GLN A 1 107 ? -1.397  -0.557  15.624  1.00 17.00 ? 187 GLN A N   1 
ATOM   790  C CA  . GLN A 1 107 ? -2.603  -1.180  16.156  1.00 18.17 ? 187 GLN A CA  1 
ATOM   791  C C   . GLN A 1 107 ? -3.865  -0.625  15.505  1.00 15.68 ? 187 GLN A C   1 
ATOM   792  O O   . GLN A 1 107 ? -4.749  -1.384  15.101  1.00 15.68 ? 187 GLN A O   1 
ATOM   793  C CB  . GLN A 1 107 ? -2.679  -0.977  17.672  1.00 20.28 ? 187 GLN A CB  1 
ATOM   794  C CG  . GLN A 1 107 ? -3.948  -1.528  18.304  1.00 24.26 ? 187 GLN A CG  1 
ATOM   795  C CD  . GLN A 1 107 ? -4.127  -3.011  18.045  1.00 26.39 ? 187 GLN A CD  1 
ATOM   796  O OE1 . GLN A 1 107 ? -3.293  -3.827  18.439  1.00 29.47 ? 187 GLN A OE1 1 
ATOM   797  N NE2 . GLN A 1 107 ? -5.219  -3.367  17.377  1.00 26.70 ? 187 GLN A NE2 1 
ATOM   798  N N   . THR A 1 108 ? -3.951  0.697   15.406  1.00 15.34 ? 188 THR A N   1 
ATOM   799  C CA  . THR A 1 108 ? -5.117  1.332   14.807  1.00 14.93 ? 188 THR A CA  1 
ATOM   800  C C   . THR A 1 108 ? -5.275  0.922   13.349  1.00 14.75 ? 188 THR A C   1 
ATOM   801  O O   . THR A 1 108 ? -6.367  0.561   12.912  1.00 16.63 ? 188 THR A O   1 
ATOM   802  C CB  . THR A 1 108 ? -5.024  2.868   14.890  1.00 15.75 ? 188 THR A CB  1 
ATOM   803  O OG1 . THR A 1 108 ? -4.933  3.261   16.266  1.00 18.26 ? 188 THR A OG1 1 
ATOM   804  C CG2 . THR A 1 108 ? -6.253  3.513   14.265  1.00 16.46 ? 188 THR A CG2 1 
ATOM   805  N N   . VAL A 1 109 ? -4.183  0.977   12.595  1.00 13.96 ? 189 VAL A N   1 
ATOM   806  C CA  . VAL A 1 109 ? -4.229  0.605   11.188  1.00 14.06 ? 189 VAL A CA  1 
ATOM   807  C C   . VAL A 1 109 ? -4.563  -0.878  11.033  1.00 13.51 ? 189 VAL A C   1 
ATOM   808  O O   . VAL A 1 109 ? -5.354  -1.254  10.172  1.00 13.95 ? 189 VAL A O   1 
ATOM   809  C CB  . VAL A 1 109 ? -2.886  0.920   10.485  1.00 11.87 ? 189 VAL A CB  1 
ATOM   810  C CG1 . VAL A 1 109 ? -2.915  0.412   9.048   1.00 15.04 ? 189 VAL A CG1 1 
ATOM   811  C CG2 . VAL A 1 109 ? -2.639  2.425   10.499  1.00 14.02 ? 189 VAL A CG2 1 
ATOM   812  N N   . ALA A 1 110 ? -3.970  -1.717  11.876  1.00 13.86 ? 190 ALA A N   1 
ATOM   813  C CA  . ALA A 1 110 ? -4.227  -3.153  11.820  1.00 13.96 ? 190 ALA A CA  1 
ATOM   814  C C   . ALA A 1 110 ? -5.704  -3.452  12.057  1.00 15.04 ? 190 ALA A C   1 
ATOM   815  O O   . ALA A 1 110 ? -6.284  -4.320  11.405  1.00 15.30 ? 190 ALA A O   1 
ATOM   816  C CB  . ALA A 1 110 ? -3.376  -3.878  12.856  1.00 14.71 ? 190 ALA A CB  1 
ATOM   817  N N   . HIS A 1 111 ? -6.311  -2.737  12.997  1.00 15.80 ? 191 HIS A N   1 
ATOM   818  C CA  . HIS A 1 111 ? -7.723  -2.941  13.294  1.00 17.39 ? 191 HIS A CA  1 
ATOM   819  C C   . HIS A 1 111 ? -8.565  -2.637  12.061  1.00 16.92 ? 191 HIS A C   1 
ATOM   820  O O   . HIS A 1 111 ? -9.611  -3.253  11.839  1.00 17.44 ? 191 HIS A O   1 
ATOM   821  C CB  . HIS A 1 111 ? -8.163  -2.039  14.448  1.00 18.79 ? 191 HIS A CB  1 
ATOM   822  C CG  . HIS A 1 111 ? -9.627  -2.122  14.750  1.00 21.05 ? 191 HIS A CG  1 
ATOM   823  N ND1 . HIS A 1 111 ? -10.232 -3.275  15.203  1.00 22.35 ? 191 HIS A ND1 1 
ATOM   824  C CD2 . HIS A 1 111 ? -10.609 -1.195  14.653  1.00 23.22 ? 191 HIS A CD2 1 
ATOM   825  C CE1 . HIS A 1 111 ? -11.524 -3.054  15.372  1.00 22.81 ? 191 HIS A CE1 1 
ATOM   826  N NE2 . HIS A 1 111 ? -11.778 -1.800  15.046  1.00 23.71 ? 191 HIS A NE2 1 
ATOM   827  N N   . ASP A 1 112 ? -8.100  -1.691  11.251  1.00 15.20 ? 192 ASP A N   1 
ATOM   828  C CA  . ASP A 1 112 ? -8.828  -1.311  10.047  1.00 15.03 ? 192 ASP A CA  1 
ATOM   829  C C   . ASP A 1 112 ? -8.572  -2.229  8.855   1.00 13.53 ? 192 ASP A C   1 
ATOM   830  O O   . ASP A 1 112 ? -9.496  -2.546  8.106   1.00 14.95 ? 192 ASP A O   1 
ATOM   831  C CB  . ASP A 1 112 ? -8.471  0.120   9.619   1.00 15.52 ? 192 ASP A CB  1 
ATOM   832  C CG  . ASP A 1 112 ? -8.801  1.157   10.675  1.00 16.49 ? 192 ASP A CG  1 
ATOM   833  O OD1 . ASP A 1 112 ? -9.848  1.025   11.341  1.00 18.95 ? 192 ASP A OD1 1 
ATOM   834  O OD2 . ASP A 1 112 ? -8.017  2.120   10.820  1.00 17.27 ? 192 ASP A OD2 1 
ATOM   835  N N   . VAL A 1 113 ? -7.326  -2.666  8.689   1.00 11.71 ? 193 VAL A N   1 
ATOM   836  C CA  . VAL A 1 113 ? -6.965  -3.476  7.532   1.00 11.96 ? 193 VAL A CA  1 
ATOM   837  C C   . VAL A 1 113 ? -6.858  -4.980  7.711   1.00 10.77 ? 193 VAL A C   1 
ATOM   838  O O   . VAL A 1 113 ? -6.997  -5.728  6.742   1.00 12.06 ? 193 VAL A O   1 
ATOM   839  C CB  . VAL A 1 113 ? -5.639  -2.958  6.906   1.00 11.26 ? 193 VAL A CB  1 
ATOM   840  C CG1 . VAL A 1 113 ? -5.737  -1.457  6.670   1.00 12.40 ? 193 VAL A CG1 1 
ATOM   841  C CG2 . VAL A 1 113 ? -4.454  -3.282  7.809   1.00 12.66 ? 193 VAL A CG2 1 
ATOM   842  N N   . ALA A 1 114 ? -6.608  -5.428  8.937   1.00 12.03 ? 194 ALA A N   1 
ATOM   843  C CA  . ALA A 1 114 ? -6.483  -6.854  9.199   1.00 12.93 ? 194 ALA A CA  1 
ATOM   844  C C   . ALA A 1 114 ? -7.816  -7.489  9.584   1.00 13.67 ? 194 ALA A C   1 
ATOM   845  O O   . ALA A 1 114 ? -7.961  -8.046  10.672  1.00 16.29 ? 194 ALA A O   1 
ATOM   846  C CB  . ALA A 1 114 ? -5.450  -7.096  10.292  1.00 14.93 ? 194 ALA A CB  1 
ATOM   847  N N   . GLN A 1 115 ? -8.792  -7.385  8.687   1.00 13.28 ? 195 GLN A N   1 
ATOM   848  C CA  . GLN A 1 115 ? -10.111 -7.979  8.893   1.00 12.49 ? 195 GLN A CA  1 
ATOM   849  C C   . GLN A 1 115 ? -10.340 -8.830  7.649   1.00 11.97 ? 195 GLN A C   1 
ATOM   850  O O   . GLN A 1 115 ? -10.101 -8.382  6.526   1.00 11.97 ? 195 GLN A O   1 
ATOM   851  C CB  . GLN A 1 115 ? -11.193 -6.898  9.004   1.00 13.26 ? 195 GLN A CB  1 
ATOM   852  C CG  . GLN A 1 115 ? -10.942 -5.862  10.098  1.00 16.84 ? 195 GLN A CG  1 
ATOM   853  C CD  . GLN A 1 115 ? -11.094 -6.410  11.508  1.00 18.17 ? 195 GLN A CD  1 
ATOM   854  O OE1 . GLN A 1 115 ? -10.746 -5.740  12.483  1.00 21.56 ? 195 GLN A OE1 1 
ATOM   855  N NE2 . GLN A 1 115 ? -11.624 -7.621  11.627  1.00 15.66 ? 195 GLN A NE2 1 
ATOM   856  N N   . SER A 1 116 ? -10.792 -10.061 7.848   1.00 11.91 ? 196 SER A N   1 
ATOM   857  C CA  . SER A 1 116 ? -11.007 -10.972 6.736   1.00 11.77 ? 196 SER A CA  1 
ATOM   858  C C   . SER A 1 116 ? -11.790 -10.366 5.576   1.00 11.87 ? 196 SER A C   1 
ATOM   859  O O   . SER A 1 116 ? -12.827 -9.728  5.771   1.00 12.58 ? 196 SER A O   1 
ATOM   860  C CB  . SER A 1 116 ? -11.709 -12.238 7.230   1.00 13.54 ? 196 SER A CB  1 
ATOM   861  O OG  . SER A 1 116 ? -11.750 -13.211 6.207   1.00 15.57 ? 196 SER A OG  1 
ATOM   862  N N   . GLY A 1 117 ? -11.267 -10.562 4.367   1.00 11.28 ? 197 GLY A N   1 
ATOM   863  C CA  . GLY A 1 117 ? -11.916 -10.064 3.170   1.00 12.22 ? 197 GLY A CA  1 
ATOM   864  C C   . GLY A 1 117 ? -11.581 -8.644  2.754   1.00 12.76 ? 197 GLY A C   1 
ATOM   865  O O   . GLY A 1 117 ? -11.869 -8.251  1.626   1.00 15.69 ? 197 GLY A O   1 
ATOM   866  N N   . ARG A 1 118 ? -10.970 -7.869  3.643   1.00 11.86 ? 198 ARG A N   1 
ATOM   867  C CA  . ARG A 1 118 ? -10.641 -6.486  3.311   1.00 11.65 ? 198 ARG A CA  1 
ATOM   868  C C   . ARG A 1 118 ? -9.372  -6.302  2.496   1.00 11.45 ? 198 ARG A C   1 
ATOM   869  O O   . ARG A 1 118 ? -8.375  -7.003  2.686   1.00 11.88 ? 198 ARG A O   1 
ATOM   870  C CB  . ARG A 1 118 ? -10.539 -5.638  4.581   1.00 11.65 ? 198 ARG A CB  1 
ATOM   871  C CG  . ARG A 1 118 ? -11.840 -5.522  5.360   1.00 14.17 ? 198 ARG A CG  1 
ATOM   872  C CD  . ARG A 1 118 ? -11.753 -4.443  6.432   1.00 14.87 ? 198 ARG A CD  1 
ATOM   873  N NE  . ARG A 1 118 ? -12.981 -4.361  7.220   1.00 13.74 ? 198 ARG A NE  1 
ATOM   874  C CZ  . ARG A 1 118 ? -13.189 -3.489  8.201   1.00 16.00 ? 198 ARG A CZ  1 
ATOM   875  N NH1 . ARG A 1 118 ? -12.250 -2.611  8.524   1.00 16.39 ? 198 ARG A NH1 1 
ATOM   876  N NH2 . ARG A 1 118 ? -14.339 -3.496  8.865   1.00 16.46 ? 198 ARG A NH2 1 
ATOM   877  N N   . LYS A 1 119 ? -9.433  -5.345  1.578   1.00 10.38 ? 199 LYS A N   1 
ATOM   878  C CA  . LYS A 1 119 ? -8.307  -4.994  0.724   1.00 10.96 ? 199 LYS A CA  1 
ATOM   879  C C   . LYS A 1 119 ? -8.111  -3.494  0.840   1.00 10.07 ? 199 LYS A C   1 
ATOM   880  O O   . LYS A 1 119 ? -9.084  -2.745  0.926   1.00 10.32 ? 199 LYS A O   1 
ATOM   881  C CB  . LYS A 1 119 ? -8.588  -5.361  -0.734  1.00 12.25 ? 199 LYS A CB  1 
ATOM   882  C CG  . LYS A 1 119 ? -8.501  -6.845  -1.022  1.00 13.73 ? 199 LYS A CG  1 
ATOM   883  C CD  . LYS A 1 119 ? -8.503  -7.115  -2.518  1.00 18.87 ? 199 LYS A CD  1 
ATOM   884  C CE  . LYS A 1 119 ? -8.320  -8.598  -2.815  1.00 22.41 ? 199 LYS A CE  1 
ATOM   885  N NZ  . LYS A 1 119 ? -9.479  -9.399  -2.347  1.00 25.74 ? 199 LYS A NZ  1 
ATOM   886  N N   . HIS A 1 120 ? -6.859  -3.054  0.850   1.00 8.84  ? 200 HIS A N   1 
ATOM   887  C CA  . HIS A 1 120 ? -6.575  -1.628  0.960   1.00 9.81  ? 200 HIS A CA  1 
ATOM   888  C C   . HIS A 1 120 ? -5.376  -1.180  0.164   1.00 9.43  ? 200 HIS A C   1 
ATOM   889  O O   . HIS A 1 120 ? -4.413  -1.924  -0.022  1.00 9.31  ? 200 HIS A O   1 
ATOM   890  C CB  . HIS A 1 120 ? -6.247  -1.216  2.403   1.00 9.60  ? 200 HIS A CB  1 
ATOM   891  C CG  . HIS A 1 120 ? -7.389  -1.316  3.359   1.00 10.08 ? 200 HIS A CG  1 
ATOM   892  N ND1 . HIS A 1 120 ? -8.121  -0.223  3.773   1.00 13.02 ? 200 HIS A ND1 1 
ATOM   893  C CD2 . HIS A 1 120 ? -7.897  -2.381  4.018   1.00 8.62  ? 200 HIS A CD2 1 
ATOM   894  C CE1 . HIS A 1 120 ? -9.029  -0.614  4.650   1.00 11.03 ? 200 HIS A CE1 1 
ATOM   895  N NE2 . HIS A 1 120 ? -8.914  -1.919  4.815   1.00 13.29 ? 200 HIS A NE2 1 
ATOM   896  N N   . LEU A 1 121 ? -5.456  0.059   -0.297  1.00 9.78  ? 201 LEU A N   1 
ATOM   897  C CA  . LEU A 1 121 ? -4.326  0.722   -0.922  1.00 9.72  ? 201 LEU A CA  1 
ATOM   898  C C   . LEU A 1 121 ? -4.043  1.666   0.249   1.00 10.64 ? 201 LEU A C   1 
ATOM   899  O O   . LEU A 1 121 ? -4.972  2.275   0.791   1.00 10.56 ? 201 LEU A O   1 
ATOM   900  C CB  . LEU A 1 121 ? -4.725  1.540   -2.154  1.00 11.28 ? 201 LEU A CB  1 
ATOM   901  C CG  . LEU A 1 121 ? -3.580  2.396   -2.717  1.00 10.41 ? 201 LEU A CG  1 
ATOM   902  C CD1 . LEU A 1 121 ? -2.470  1.509   -3.267  1.00 12.88 ? 201 LEU A CD1 1 
ATOM   903  C CD2 . LEU A 1 121 ? -4.125  3.300   -3.811  1.00 12.92 ? 201 LEU A CD2 1 
ATOM   904  N N   . LEU A 1 122 ? -2.792  1.760   0.680   1.00 10.32 ? 202 LEU A N   1 
ATOM   905  C CA  . LEU A 1 122 ? -2.451  2.635   1.793   1.00 11.67 ? 202 LEU A CA  1 
ATOM   906  C C   . LEU A 1 122 ? -1.402  3.634   1.350   1.00 11.33 ? 202 LEU A C   1 
ATOM   907  O O   . LEU A 1 122 ? -0.531  3.314   0.545   1.00 13.26 ? 202 LEU A O   1 
ATOM   908  C CB  . LEU A 1 122 ? -1.892  1.830   2.970   1.00 10.12 ? 202 LEU A CB  1 
ATOM   909  C CG  . LEU A 1 122 ? -2.723  0.684   3.551   1.00 11.02 ? 202 LEU A CG  1 
ATOM   910  C CD1 . LEU A 1 122 ? -1.913  -0.040  4.611   1.00 12.42 ? 202 LEU A CD1 1 
ATOM   911  C CD2 . LEU A 1 122 ? -4.016  1.221   4.142   1.00 13.17 ? 202 LEU A CD2 1 
ATOM   912  N N   . SER A 1 123 ? -1.483  4.850   1.866   1.00 11.80 ? 203 SER A N   1 
ATOM   913  C CA  . SER A 1 123 ? -0.493  5.852   1.520   1.00 12.76 ? 203 SER A CA  1 
ATOM   914  C C   . SER A 1 123 ? 0.225   6.303   2.783   1.00 12.87 ? 203 SER A C   1 
ATOM   915  O O   . SER A 1 123 ? -0.408  6.601   3.796   1.00 13.51 ? 203 SER A O   1 
ATOM   916  C CB  . SER A 1 123 ? -1.151  7.045   0.812   1.00 14.03 ? 203 SER A CB  1 
ATOM   917  O OG  . SER A 1 123 ? -2.222  7.577   1.569   1.00 22.30 ? 203 SER A OG  1 
ATOM   918  N N   . LEU A 1 124 ? 1.553   6.305   2.730   1.00 14.09 ? 204 LEU A N   1 
ATOM   919  C CA  . LEU A 1 124 ? 2.371   6.738   3.855   1.00 14.77 ? 204 LEU A CA  1 
ATOM   920  C C   . LEU A 1 124 ? 2.775   8.171   3.565   1.00 15.30 ? 204 LEU A C   1 
ATOM   921  O O   . LEU A 1 124 ? 3.365   8.453   2.522   1.00 16.97 ? 204 LEU A O   1 
ATOM   922  C CB  . LEU A 1 124 ? 3.622   5.866   3.992   1.00 14.99 ? 204 LEU A CB  1 
ATOM   923  C CG  . LEU A 1 124 ? 3.411   4.358   4.131   1.00 17.25 ? 204 LEU A CG  1 
ATOM   924  C CD1 . LEU A 1 124 ? 4.756   3.669   4.304   1.00 18.81 ? 204 LEU A CD1 1 
ATOM   925  C CD2 . LEU A 1 124 ? 2.514   4.072   5.321   1.00 18.25 ? 204 LEU A CD2 1 
ATOM   926  N N   . ARG A 1 125 ? 2.437   9.078   4.475   1.00 16.35 ? 205 ARG A N   1 
ATOM   927  C CA  . ARG A 1 125 ? 2.770   10.485  4.308   1.00 19.77 ? 205 ARG A CA  1 
ATOM   928  C C   . ARG A 1 125 ? 4.009   10.829  5.119   1.00 21.65 ? 205 ARG A C   1 
ATOM   929  O O   . ARG A 1 125 ? 3.925   11.107  6.314   1.00 23.60 ? 205 ARG A O   1 
ATOM   930  C CB  . ARG A 1 125 ? 1.603   11.351  4.745   1.00 18.68 ? 205 ARG A CB  1 
ATOM   931  N N   . PHE A 1 126 ? 5.159   10.797  4.459   1.00 24.13 ? 206 PHE A N   1 
ATOM   932  C CA  . PHE A 1 126 ? 6.423   11.108  5.109   1.00 27.32 ? 206 PHE A CA  1 
ATOM   933  C C   . PHE A 1 126 ? 6.455   12.590  5.470   1.00 29.44 ? 206 PHE A C   1 
ATOM   934  O O   . PHE A 1 126 ? 6.202   13.448  4.623   1.00 31.99 ? 206 PHE A O   1 
ATOM   935  C CB  . PHE A 1 126 ? 7.580   10.756  4.173   1.00 26.43 ? 206 PHE A CB  1 
ATOM   936  C CG  . PHE A 1 126 ? 7.672   9.287   3.850   1.00 26.59 ? 206 PHE A CG  1 
ATOM   937  C CD1 . PHE A 1 126 ? 8.164   8.863   2.620   1.00 26.90 ? 206 PHE A CD1 1 
ATOM   938  C CD2 . PHE A 1 126 ? 7.276   8.329   4.779   1.00 25.65 ? 206 PHE A CD2 1 
ATOM   939  C CE1 . PHE A 1 126 ? 8.258   7.505   2.318   1.00 26.03 ? 206 PHE A CE1 1 
ATOM   940  C CE2 . PHE A 1 126 ? 7.366   6.969   4.487   1.00 25.19 ? 206 PHE A CE2 1 
ATOM   941  C CZ  . PHE A 1 126 ? 7.859   6.557   3.253   1.00 26.64 ? 206 PHE A CZ  1 
ATOM   942  N N   . ALA A 1 127 ? 6.754   12.874  6.735   1.00 31.55 ? 207 ALA A N   1 
ATOM   943  C CA  . ALA A 1 127 ? 6.818   14.240  7.247   1.00 32.86 ? 207 ALA A CA  1 
ATOM   944  C C   . ALA A 1 127 ? 7.361   15.224  6.218   1.00 33.57 ? 207 ALA A C   1 
ATOM   945  O O   . ALA A 1 127 ? 6.969   16.391  6.197   1.00 34.47 ? 207 ALA A O   1 
ATOM   946  C CB  . ALA A 1 127 ? 7.674   14.280  8.509   1.00 33.37 ? 207 ALA A CB  1 
ATOM   947  N N   . ASN A 1 128 ? 8.267   14.749  5.368   1.00 34.02 ? 208 ASN A N   1 
ATOM   948  C CA  . ASN A 1 128 ? 8.855   15.588  4.332   1.00 34.28 ? 208 ASN A CA  1 
ATOM   949  C C   . ASN A 1 128 ? 7.942   15.656  3.107   1.00 34.24 ? 208 ASN A C   1 
ATOM   950  O O   . ASN A 1 128 ? 8.404   15.559  1.970   1.00 35.20 ? 208 ASN A O   1 
ATOM   951  C CB  . ASN A 1 128 ? 10.223  15.047  3.940   1.00 35.40 ? 208 ASN A CB  1 
ATOM   952  N N   . VAL A 1 129 ? 6.646   15.817  3.363   1.00 33.45 ? 209 VAL A N   1 
ATOM   953  C CA  . VAL A 1 129 ? 5.612   15.915  2.332   1.00 32.28 ? 209 VAL A CA  1 
ATOM   954  C C   . VAL A 1 129 ? 5.651   14.860  1.224   1.00 30.75 ? 209 VAL A C   1 
ATOM   955  O O   . VAL A 1 129 ? 4.836   14.901  0.300   1.00 30.20 ? 209 VAL A O   1 
ATOM   956  C CB  . VAL A 1 129 ? 5.604   17.321  1.668   1.00 32.92 ? 209 VAL A CB  1 
ATOM   957  C CG1 . VAL A 1 129 ? 5.508   18.395  2.734   1.00 32.90 ? 209 VAL A CG1 1 
ATOM   958  C CG2 . VAL A 1 129 ? 6.844   17.521  0.815   1.00 33.59 ? 209 VAL A CG2 1 
ATOM   959  N N   . GLN A 1 130 ? 6.584   13.917  1.309   1.00 28.87 ? 210 GLN A N   1 
ATOM   960  C CA  . GLN A 1 130 ? 6.684   12.868  0.297   1.00 26.43 ? 210 GLN A CA  1 
ATOM   961  C C   . GLN A 1 130 ? 5.743   11.720  0.634   1.00 25.35 ? 210 GLN A C   1 
ATOM   962  O O   . GLN A 1 130 ? 5.568   11.367  1.803   1.00 26.12 ? 210 GLN A O   1 
ATOM   963  C CB  . GLN A 1 130 ? 8.116   12.335  0.204   1.00 26.65 ? 210 GLN A CB  1 
ATOM   964  C CG  . GLN A 1 130 ? 8.271   11.168  -0.767  1.00 25.74 ? 210 GLN A CG  1 
ATOM   965  C CD  . GLN A 1 130 ? 9.682   10.611  -0.812  1.00 26.73 ? 210 GLN A CD  1 
ATOM   966  O OE1 . GLN A 1 130 ? 9.942   9.605   -1.472  1.00 26.90 ? 210 GLN A OE1 1 
ATOM   967  N NE2 . GLN A 1 130 ? 10.602  11.265  -0.115  1.00 26.07 ? 210 GLN A NE2 1 
ATOM   968  N N   . GLY A 1 131 ? 5.141   11.140  -0.395  1.00 23.10 ? 211 GLY A N   1 
ATOM   969  C CA  . GLY A 1 131 ? 4.228   10.038  -0.185  1.00 20.25 ? 211 GLY A CA  1 
ATOM   970  C C   . GLY A 1 131 ? 4.772   8.725   -0.708  1.00 16.67 ? 211 GLY A C   1 
ATOM   971  O O   . GLY A 1 131 ? 5.727   8.691   -1.490  1.00 17.06 ? 211 GLY A O   1 
ATOM   972  N N   . HIS A 1 132 ? 4.158   7.639   -0.255  1.00 12.97 ? 212 HIS A N   1 
ATOM   973  C CA  . HIS A 1 132 ? 4.540   6.296   -0.668  1.00 11.21 ? 212 HIS A CA  1 
ATOM   974  C C   . HIS A 1 132 ? 3.373   5.335   -0.486  1.00 13.28 ? 212 HIS A C   1 
ATOM   975  O O   . HIS A 1 132 ? 2.854   5.158   0.620   1.00 15.46 ? 212 HIS A O   1 
ATOM   976  C CB  . HIS A 1 132 ? 5.732   5.789   0.130   1.00 10.73 ? 212 HIS A CB  1 
ATOM   977  C CG  . HIS A 1 132 ? 6.138   4.399   -0.240  1.00 10.16 ? 212 HIS A CG  1 
ATOM   978  N ND1 . HIS A 1 132 ? 6.518   4.058   -1.520  1.00 11.44 ? 212 HIS A ND1 1 
ATOM   979  C CD2 . HIS A 1 132 ? 6.199   3.259   0.489   1.00 10.29 ? 212 HIS A CD2 1 
ATOM   980  C CE1 . HIS A 1 132 ? 6.796   2.768   -1.563  1.00 9.97  ? 212 HIS A CE1 1 
ATOM   981  N NE2 . HIS A 1 132 ? 6.611   2.259   -0.359  1.00 9.86  ? 212 HIS A NE2 1 
ATOM   982  N N   . ALA A 1 133 ? 2.988   4.688   -1.575  1.00 9.95  ? 213 ALA A N   1 
ATOM   983  C CA  . ALA A 1 133 ? 1.863   3.774   -1.559  1.00 9.34  ? 213 ALA A CA  1 
ATOM   984  C C   . ALA A 1 133 ? 2.253   2.317   -1.375  1.00 8.98  ? 213 ALA A C   1 
ATOM   985  O O   . ALA A 1 133 ? 3.253   1.855   -1.924  1.00 9.93  ? 213 ALA A O   1 
ATOM   986  C CB  . ALA A 1 133 ? 1.073   3.933   -2.844  1.00 10.90 ? 213 ALA A CB  1 
ATOM   987  N N   . ILE A 1 134 ? 1.457   1.611   -0.580  1.00 8.18  ? 214 ILE A N   1 
ATOM   988  C CA  . ILE A 1 134 ? 1.640   0.188   -0.336  1.00 8.59  ? 214 ILE A CA  1 
ATOM   989  C C   . ILE A 1 134 ? 0.239   -0.417  -0.391  1.00 7.41  ? 214 ILE A C   1 
ATOM   990  O O   . ILE A 1 134 ? -0.752  0.304   -0.521  1.00 7.77  ? 214 ILE A O   1 
ATOM   991  C CB  . ILE A 1 134 ? 2.302   -0.096  1.041   1.00 8.82  ? 214 ILE A CB  1 
ATOM   992  C CG1 . ILE A 1 134 ? 1.421   0.405   2.189   1.00 9.78  ? 214 ILE A CG1 1 
ATOM   993  C CG2 . ILE A 1 134 ? 3.678   0.557   1.087   1.00 10.03 ? 214 ILE A CG2 1 
ATOM   994  C CD1 . ILE A 1 134 ? 1.970   0.088   3.572   1.00 11.68 ? 214 ILE A CD1 1 
ATOM   995  N N   . ALA A 1 135 ? 0.140   -1.737  -0.308  1.00 8.19  ? 215 ALA A N   1 
ATOM   996  C CA  . ALA A 1 135 ? -1.167  -2.376  -0.365  1.00 8.35  ? 215 ALA A CA  1 
ATOM   997  C C   . ALA A 1 135 ? -1.231  -3.578  0.553   1.00 8.08  ? 215 ALA A C   1 
ATOM   998  O O   . ALA A 1 135 ? -0.211  -4.119  0.972   1.00 8.61  ? 215 ALA A O   1 
ATOM   999  C CB  . ALA A 1 135 ? -1.483  -2.800  -1.804  1.00 9.63  ? 215 ALA A CB  1 
ATOM   1000 N N   . CYS A 1 136 ? -2.444  -3.997  0.875   1.00 8.02  ? 216 CYS A N   1 
ATOM   1001 C CA  . CYS A 1 136 ? -2.612  -5.163  1.723   1.00 9.41  ? 216 CYS A CA  1 
ATOM   1002 C C   . CYS A 1 136 ? -3.945  -5.836  1.445   1.00 9.35  ? 216 CYS A C   1 
ATOM   1003 O O   . CYS A 1 136 ? -4.885  -5.213  0.945   1.00 9.79  ? 216 CYS A O   1 
ATOM   1004 C CB  . CYS A 1 136 ? -2.483  -4.795  3.211   1.00 9.40  ? 216 CYS A CB  1 
ATOM   1005 S SG  . CYS A 1 136 ? -3.654  -3.573  3.835   1.00 10.18 ? 216 CYS A SG  1 
ATOM   1006 N N   . SER A 1 137 ? -4.000  -7.127  1.747   1.00 10.05 ? 217 SER A N   1 
ATOM   1007 C CA  . SER A 1 137 ? -5.194  -7.925  1.536   1.00 10.68 ? 217 SER A CA  1 
ATOM   1008 C C   . SER A 1 137 ? -5.255  -8.966  2.634   1.00 10.43 ? 217 SER A C   1 
ATOM   1009 O O   . SER A 1 137 ? -4.258  -9.625  2.935   1.00 12.08 ? 217 SER A O   1 
ATOM   1010 C CB  . SER A 1 137 ? -5.133  -8.610  0.173   1.00 10.52 ? 217 SER A CB  1 
ATOM   1011 O OG  . SER A 1 137 ? -6.254  -9.457  -0.023  1.00 13.32 ? 217 SER A OG  1 
ATOM   1012 N N   . CYS A 1 138 ? -6.427  -9.105  3.237   1.00 10.15 ? 218 CYS A N   1 
ATOM   1013 C CA  . CYS A 1 138 ? -6.607  -10.067 4.306   1.00 12.32 ? 218 CYS A CA  1 
ATOM   1014 C C   . CYS A 1 138 ? -7.501  -11.186 3.800   1.00 13.82 ? 218 CYS A C   1 
ATOM   1015 O O   . CYS A 1 138 ? -8.677  -10.969 3.499   1.00 14.46 ? 218 CYS A O   1 
ATOM   1016 C CB  . CYS A 1 138 ? -7.231  -9.381  5.521   1.00 11.95 ? 218 CYS A CB  1 
ATOM   1017 S SG  . CYS A 1 138 ? -7.134  -10.328 7.050   1.00 14.91 ? 218 CYS A SG  1 
ATOM   1018 N N   . GLU A 1 139 ? -6.910  -12.372 3.675   1.00 16.40 ? 219 GLU A N   1 
ATOM   1019 C CA  . GLU A 1 139 ? -7.601  -13.570 3.206   1.00 17.69 ? 219 GLU A CA  1 
ATOM   1020 C C   . GLU A 1 139 ? -7.794  -14.511 4.392   1.00 18.74 ? 219 GLU A C   1 
ATOM   1021 O O   . GLU A 1 139 ? -6.890  -15.266 4.742   1.00 17.92 ? 219 GLU A O   1 
ATOM   1022 C CB  . GLU A 1 139 ? -6.765  -14.273 2.129   1.00 20.34 ? 219 GLU A CB  1 
ATOM   1023 C CG  . GLU A 1 139 ? -6.694  -13.546 0.793   1.00 23.59 ? 219 GLU A CG  1 
ATOM   1024 C CD  . GLU A 1 139 ? -5.722  -14.200 -0.181  1.00 25.91 ? 219 GLU A CD  1 
ATOM   1025 O OE1 . GLU A 1 139 ? -5.727  -15.444 -0.293  1.00 28.97 ? 219 GLU A OE1 1 
ATOM   1026 O OE2 . GLU A 1 139 ? -4.960  -13.468 -0.845  1.00 26.51 ? 219 GLU A OE2 1 
ATOM   1027 N N   . GLY A 1 140 ? -8.970  -14.465 5.010   1.00 17.82 ? 220 GLY A N   1 
ATOM   1028 C CA  . GLY A 1 140 ? -9.221  -15.317 6.158   1.00 17.71 ? 220 GLY A CA  1 
ATOM   1029 C C   . GLY A 1 140 ? -8.300  -14.938 7.303   1.00 17.06 ? 220 GLY A C   1 
ATOM   1030 O O   . GLY A 1 140 ? -8.301  -13.792 7.746   1.00 18.84 ? 220 GLY A O   1 
ATOM   1031 N N   . SER A 1 141 ? -7.503  -15.891 7.777   1.00 17.05 ? 221 SER A N   1 
ATOM   1032 C CA  . SER A 1 141 ? -6.574  -15.626 8.873   1.00 16.96 ? 221 SER A CA  1 
ATOM   1033 C C   . SER A 1 141 ? -5.245  -15.057 8.374   1.00 16.61 ? 221 SER A C   1 
ATOM   1034 O O   . SER A 1 141 ? -4.436  -14.572 9.162   1.00 17.62 ? 221 SER A O   1 
ATOM   1035 C CB  . SER A 1 141 ? -6.307  -16.913 9.659   1.00 17.21 ? 221 SER A CB  1 
ATOM   1036 O OG  . SER A 1 141 ? -5.351  -16.691 10.682  1.00 20.29 ? 221 SER A OG  1 
ATOM   1037 N N   . GLN A 1 142 ? -5.039  -15.107 7.063   1.00 15.69 ? 222 GLN A N   1 
ATOM   1038 C CA  . GLN A 1 142 ? -3.802  -14.636 6.443   1.00 15.68 ? 222 GLN A CA  1 
ATOM   1039 C C   . GLN A 1 142 ? -3.803  -13.168 6.003   1.00 14.67 ? 222 GLN A C   1 
ATOM   1040 O O   . GLN A 1 142 ? -4.564  -12.775 5.118   1.00 18.13 ? 222 GLN A O   1 
ATOM   1041 C CB  . GLN A 1 142 ? -3.479  -15.530 5.242   1.00 17.13 ? 222 GLN A CB  1 
ATOM   1042 C CG  . GLN A 1 142 ? -2.266  -15.108 4.424   1.00 20.14 ? 222 GLN A CG  1 
ATOM   1043 C CD  . GLN A 1 142 ? -2.054  -16.002 3.217   1.00 20.65 ? 222 GLN A CD  1 
ATOM   1044 O OE1 . GLN A 1 142 ? -2.990  -16.282 2.466   1.00 23.95 ? 222 GLN A OE1 1 
ATOM   1045 N NE2 . GLN A 1 142 ? -0.820  -16.450 3.019   1.00 22.84 ? 222 GLN A NE2 1 
ATOM   1046 N N   . PHE A 1 143 ? -2.940  -12.368 6.621   1.00 11.86 ? 223 PHE A N   1 
ATOM   1047 C CA  . PHE A 1 143 ? -2.816  -10.954 6.276   1.00 11.61 ? 223 PHE A CA  1 
ATOM   1048 C C   . PHE A 1 143 ? -1.583  -10.774 5.391   1.00 11.24 ? 223 PHE A C   1 
ATOM   1049 O O   . PHE A 1 143 ? -0.471  -11.121 5.790   1.00 11.76 ? 223 PHE A O   1 
ATOM   1050 C CB  . PHE A 1 143 ? -2.676  -10.096 7.534   1.00 12.03 ? 223 PHE A CB  1 
ATOM   1051 C CG  . PHE A 1 143 ? -2.480  -8.633  7.246   1.00 10.64 ? 223 PHE A CG  1 
ATOM   1052 C CD1 . PHE A 1 143 ? -3.491  -7.887  6.647   1.00 11.82 ? 223 PHE A CD1 1 
ATOM   1053 C CD2 . PHE A 1 143 ? -1.273  -8.007  7.548   1.00 11.04 ? 223 PHE A CD2 1 
ATOM   1054 C CE1 . PHE A 1 143 ? -3.302  -6.537  6.350   1.00 11.47 ? 223 PHE A CE1 1 
ATOM   1055 C CE2 . PHE A 1 143 ? -1.077  -6.657  7.254   1.00 11.39 ? 223 PHE A CE2 1 
ATOM   1056 C CZ  . PHE A 1 143 ? -2.094  -5.921  6.654   1.00 11.17 ? 223 PHE A CZ  1 
ATOM   1057 N N   . LYS A 1 144 ? -1.792  -10.242 4.190   1.00 10.46 ? 224 LYS A N   1 
ATOM   1058 C CA  . LYS A 1 144 ? -0.707  -10.016 3.234   1.00 10.74 ? 224 LYS A CA  1 
ATOM   1059 C C   . LYS A 1 144 ? -0.479  -8.521  3.048   1.00 10.08 ? 224 LYS A C   1 
ATOM   1060 O O   . LYS A 1 144 ? -1.434  -7.760  2.919   1.00 10.37 ? 224 LYS A O   1 
ATOM   1061 C CB  . LYS A 1 144 ? -1.056  -10.610 1.866   1.00 11.37 ? 224 LYS A CB  1 
ATOM   1062 C CG  . LYS A 1 144 ? -1.331  -12.101 1.821   1.00 13.79 ? 224 LYS A CG  1 
ATOM   1063 C CD  . LYS A 1 144 ? -1.701  -12.505 0.397   1.00 15.09 ? 224 LYS A CD  1 
ATOM   1064 C CE  . LYS A 1 144 ? -1.947  -13.998 0.265   1.00 17.65 ? 224 LYS A CE  1 
ATOM   1065 N NZ  . LYS A 1 144 ? -2.342  -14.352 -1.126  1.00 19.04 ? 224 LYS A NZ  1 
ATOM   1066 N N   . LEU A 1 145 ? 0.784   -8.107  3.021   1.00 9.78  ? 225 LEU A N   1 
ATOM   1067 C CA  . LEU A 1 145 ? 1.112   -6.704  2.821   1.00 10.06 ? 225 LEU A CA  1 
ATOM   1068 C C   . LEU A 1 145 ? 2.252   -6.590  1.821   1.00 9.36  ? 225 LEU A C   1 
ATOM   1069 O O   . LEU A 1 145 ? 3.252   -7.304  1.914   1.00 10.09 ? 225 LEU A O   1 
ATOM   1070 C CB  . LEU A 1 145 ? 1.496   -6.041  4.149   1.00 10.89 ? 225 LEU A CB  1 
ATOM   1071 C CG  . LEU A 1 145 ? 1.798   -4.540  4.072   1.00 10.94 ? 225 LEU A CG  1 
ATOM   1072 C CD1 . LEU A 1 145 ? 1.436   -3.878  5.389   1.00 13.86 ? 225 LEU A CD1 1 
ATOM   1073 C CD2 . LEU A 1 145 ? 3.265   -4.313  3.726   1.00 12.79 ? 225 LEU A CD2 1 
ATOM   1074 N N   . PHE A 1 146 ? 2.088   -5.696  0.854   1.00 8.07  ? 226 PHE A N   1 
ATOM   1075 C CA  . PHE A 1 146 ? 3.098   -5.474  -0.172  1.00 8.24  ? 226 PHE A CA  1 
ATOM   1076 C C   . PHE A 1 146 ? 3.573   -4.030  -0.167  1.00 7.34  ? 226 PHE A C   1 
ATOM   1077 O O   . PHE A 1 146 ? 2.767   -3.098  -0.251  1.00 7.99  ? 226 PHE A O   1 
ATOM   1078 C CB  . PHE A 1 146 ? 2.533   -5.824  -1.558  1.00 7.69  ? 226 PHE A CB  1 
ATOM   1079 C CG  . PHE A 1 146 ? 3.369   -5.313  -2.711  1.00 7.71  ? 226 PHE A CG  1 
ATOM   1080 C CD1 . PHE A 1 146 ? 4.654   -5.801  -2.937  1.00 8.39  ? 226 PHE A CD1 1 
ATOM   1081 C CD2 . PHE A 1 146 ? 2.865   -4.342  -3.570  1.00 8.18  ? 226 PHE A CD2 1 
ATOM   1082 C CE1 . PHE A 1 146 ? 5.419   -5.327  -4.003  1.00 8.69  ? 226 PHE A CE1 1 
ATOM   1083 C CE2 . PHE A 1 146 ? 3.624   -3.864  -4.637  1.00 9.71  ? 226 PHE A CE2 1 
ATOM   1084 C CZ  . PHE A 1 146 ? 4.901   -4.360  -4.851  1.00 8.15  ? 226 PHE A CZ  1 
ATOM   1085 N N   . ASP A 1 147 ? 4.882   -3.851  -0.043  1.00 7.70  ? 227 ASP A N   1 
ATOM   1086 C CA  . ASP A 1 147 ? 5.487   -2.526  -0.083  1.00 7.35  ? 227 ASP A CA  1 
ATOM   1087 C C   . ASP A 1 147 ? 6.429   -2.582  -1.283  1.00 7.36  ? 227 ASP A C   1 
ATOM   1088 O O   . ASP A 1 147 ? 7.399   -3.336  -1.274  1.00 7.81  ? 227 ASP A O   1 
ATOM   1089 C CB  . ASP A 1 147 ? 6.297   -2.252  1.181   1.00 8.20  ? 227 ASP A CB  1 
ATOM   1090 C CG  . ASP A 1 147 ? 6.929   -0.872  1.175   1.00 8.97  ? 227 ASP A CG  1 
ATOM   1091 O OD1 . ASP A 1 147 ? 7.211   -0.348  0.078   1.00 8.66  ? 227 ASP A OD1 1 
ATOM   1092 O OD2 . ASP A 1 147 ? 7.156   -0.313  2.272   1.00 10.87 ? 227 ASP A OD2 1 
ATOM   1093 N N   . PRO A 1 148 ? 6.154   -1.793  -2.333  1.00 7.55  ? 228 PRO A N   1 
ATOM   1094 C CA  . PRO A 1 148 ? 7.000   -1.782  -3.531  1.00 8.74  ? 228 PRO A CA  1 
ATOM   1095 C C   . PRO A 1 148 ? 8.507   -1.638  -3.273  1.00 8.40  ? 228 PRO A C   1 
ATOM   1096 O O   . PRO A 1 148 ? 9.318   -2.134  -4.056  1.00 8.65  ? 228 PRO A O   1 
ATOM   1097 C CB  . PRO A 1 148 ? 6.438   -0.614  -4.336  1.00 9.66  ? 228 PRO A CB  1 
ATOM   1098 C CG  . PRO A 1 148 ? 4.976   -0.627  -3.974  1.00 10.78 ? 228 PRO A CG  1 
ATOM   1099 C CD  . PRO A 1 148 ? 5.011   -0.871  -2.479  1.00 8.28  ? 228 PRO A CD  1 
ATOM   1100 N N   . ASN A 1 149 ? 8.884   -0.956  -2.192  1.00 8.22  ? 229 ASN A N   1 
ATOM   1101 C CA  . ASN A 1 149 ? 10.298  -0.769  -1.865  1.00 9.73  ? 229 ASN A CA  1 
ATOM   1102 C C   . ASN A 1 149 ? 10.944  -1.989  -1.224  1.00 9.67  ? 229 ASN A C   1 
ATOM   1103 O O   . ASN A 1 149 ? 12.167  -2.130  -1.264  1.00 10.04 ? 229 ASN A O   1 
ATOM   1104 C CB  . ASN A 1 149 ? 10.502  0.383   -0.869  1.00 10.11 ? 229 ASN A CB  1 
ATOM   1105 C CG  . ASN A 1 149 ? 10.200  1.747   -1.450  1.00 10.91 ? 229 ASN A CG  1 
ATOM   1106 O OD1 . ASN A 1 149 ? 10.435  2.011   -2.628  1.00 12.21 ? 229 ASN A OD1 1 
ATOM   1107 N ND2 . ASN A 1 149 ? 9.705   2.643   -0.602  1.00 10.80 ? 229 ASN A ND2 1 
ATOM   1108 N N   . LEU A 1 150 ? 10.128  -2.871  -0.647  1.00 9.30  ? 230 LEU A N   1 
ATOM   1109 C CA  . LEU A 1 150 ? 10.639  -4.020  0.096   1.00 9.58  ? 230 LEU A CA  1 
ATOM   1110 C C   . LEU A 1 150 ? 10.223  -5.416  -0.339  1.00 9.81  ? 230 LEU A C   1 
ATOM   1111 O O   . LEU A 1 150 ? 11.026  -6.350  -0.274  1.00 11.46 ? 230 LEU A O   1 
ATOM   1112 C CB  . LEU A 1 150 ? 10.271  -3.843  1.572   1.00 10.63 ? 230 LEU A CB  1 
ATOM   1113 C CG  . LEU A 1 150 ? 10.760  -2.545  2.223   1.00 11.67 ? 230 LEU A CG  1 
ATOM   1114 C CD1 . LEU A 1 150 ? 10.020  -2.310  3.528   1.00 12.24 ? 230 LEU A CD1 1 
ATOM   1115 C CD2 . LEU A 1 150 ? 12.263  -2.622  2.452   1.00 15.37 ? 230 LEU A CD2 1 
ATOM   1116 N N   . GLY A 1 151 ? 8.974   -5.570  -0.758  1.00 9.00  ? 231 GLY A N   1 
ATOM   1117 C CA  . GLY A 1 151 ? 8.495   -6.878  -1.167  1.00 9.15  ? 231 GLY A CA  1 
ATOM   1118 C C   . GLY A 1 151 ? 7.213   -7.227  -0.439  1.00 8.20  ? 231 GLY A C   1 
ATOM   1119 O O   . GLY A 1 151 ? 6.488   -6.335  0.020   1.00 8.72  ? 231 GLY A O   1 
ATOM   1120 N N   . GLU A 1 152 ? 6.930   -8.523  -0.322  1.00 9.25  ? 232 GLU A N   1 
ATOM   1121 C CA  . GLU A 1 152 ? 5.712   -8.970  0.338   1.00 9.71  ? 232 GLU A CA  1 
ATOM   1122 C C   . GLU A 1 152 ? 5.971   -9.540  1.725   1.00 9.14  ? 232 GLU A C   1 
ATOM   1123 O O   . GLU A 1 152 ? 6.961   -10.246 1.956   1.00 10.00 ? 232 GLU A O   1 
ATOM   1124 C CB  . GLU A 1 152 ? 4.986   -10.015 -0.520  1.00 9.59  ? 232 GLU A CB  1 
ATOM   1125 C CG  . GLU A 1 152 ? 3.574   -10.333 -0.008  1.00 10.66 ? 232 GLU A CG  1 
ATOM   1126 C CD  . GLU A 1 152 ? 2.787   -11.265 -0.916  1.00 10.52 ? 232 GLU A CD  1 
ATOM   1127 O OE1 . GLU A 1 152 ? 2.805   -11.063 -2.150  1.00 9.51  ? 232 GLU A OE1 1 
ATOM   1128 O OE2 . GLU A 1 152 ? 2.134   -12.190 -0.384  1.00 13.53 ? 232 GLU A OE2 1 
ATOM   1129 N N   . PHE A 1 153 ? 5.068   -9.213  2.642   1.00 9.25  ? 233 PHE A N   1 
ATOM   1130 C CA  . PHE A 1 153 ? 5.130   -9.667  4.023   1.00 9.98  ? 233 PHE A CA  1 
ATOM   1131 C C   . PHE A 1 153 ? 3.805   -10.331 4.348   1.00 9.76  ? 233 PHE A C   1 
ATOM   1132 O O   . PHE A 1 153 ? 2.780   -10.029 3.732   1.00 10.50 ? 233 PHE A O   1 
ATOM   1133 C CB  . PHE A 1 153 ? 5.345   -8.486  4.972   1.00 10.33 ? 233 PHE A CB  1 
ATOM   1134 C CG  . PHE A 1 153 ? 6.588   -7.696  4.688   1.00 8.68  ? 233 PHE A CG  1 
ATOM   1135 C CD1 . PHE A 1 153 ? 6.608   -6.742  3.673   1.00 9.75  ? 233 PHE A CD1 1 
ATOM   1136 C CD2 . PHE A 1 153 ? 7.749   -7.930  5.413   1.00 10.27 ? 233 PHE A CD2 1 
ATOM   1137 C CE1 . PHE A 1 153 ? 7.773   -6.034  3.382   1.00 11.49 ? 233 PHE A CE1 1 
ATOM   1138 C CE2 . PHE A 1 153 ? 8.918   -7.230  5.133   1.00 10.94 ? 233 PHE A CE2 1 
ATOM   1139 C CZ  . PHE A 1 153 ? 8.931   -6.279  4.114   1.00 11.08 ? 233 PHE A CZ  1 
ATOM   1140 N N   . GLN A 1 154 ? 3.825   -11.234 5.318   1.00 10.37 ? 234 GLN A N   1 
ATOM   1141 C CA  . GLN A 1 154 ? 2.616   -11.925 5.730   1.00 11.24 ? 234 GLN A CA  1 
ATOM   1142 C C   . GLN A 1 154 ? 2.630   -12.179 7.223   1.00 11.77 ? 234 GLN A C   1 
ATOM   1143 O O   . GLN A 1 154 ? 3.689   -12.378 7.826   1.00 12.12 ? 234 GLN A O   1 
ATOM   1144 C CB  . GLN A 1 154 ? 2.474   -13.254 4.983   1.00 12.09 ? 234 GLN A CB  1 
ATOM   1145 C CG  . GLN A 1 154 ? 2.027   -13.099 3.535   1.00 13.98 ? 234 GLN A CG  1 
ATOM   1146 C CD  . GLN A 1 154 ? 1.906   -14.428 2.818   1.00 15.06 ? 234 GLN A CD  1 
ATOM   1147 O OE1 . GLN A 1 154 ? 1.667   -15.461 3.447   1.00 16.92 ? 234 GLN A OE1 1 
ATOM   1148 N NE2 . GLN A 1 154 ? 2.048   -14.407 1.495   1.00 15.86 ? 234 GLN A NE2 1 
ATOM   1149 N N   . SER A 1 155 ? 1.442   -12.155 7.816   1.00 11.62 ? 235 SER A N   1 
ATOM   1150 C CA  . SER A 1 155 ? 1.285   -12.398 9.242   1.00 11.70 ? 235 SER A CA  1 
ATOM   1151 C C   . SER A 1 155 ? -0.128  -12.891 9.473   1.00 11.88 ? 235 SER A C   1 
ATOM   1152 O O   . SER A 1 155 ? -0.966  -12.861 8.576   1.00 11.25 ? 235 SER A O   1 
ATOM   1153 C CB  . SER A 1 155 ? 1.483   -11.106 10.041  1.00 11.19 ? 235 SER A CB  1 
ATOM   1154 O OG  . SER A 1 155 ? 0.369   -10.232 9.904   1.00 12.15 ? 235 SER A OG  1 
ATOM   1155 N N   . SER A 1 156 ? -0.384  -13.373 10.678  1.00 12.49 ? 236 SER A N   1 
ATOM   1156 C CA  . SER A 1 156 ? -1.730  -13.792 11.020  1.00 12.43 ? 236 SER A CA  1 
ATOM   1157 C C   . SER A 1 156 ? -2.420  -12.452 11.277  1.00 12.13 ? 236 SER A C   1 
ATOM   1158 O O   . SER A 1 156 ? -1.751  -11.421 11.390  1.00 12.38 ? 236 SER A O   1 
ATOM   1159 C CB  . SER A 1 156 ? -1.705  -14.600 12.314  1.00 12.60 ? 236 SER A CB  1 
ATOM   1160 O OG  . SER A 1 156 ? -1.158  -13.822 13.363  1.00 15.59 ? 236 SER A OG  1 
ATOM   1161 N N   . ARG A 1 157 ? -3.744  -12.440 11.366  1.00 12.57 ? 237 ARG A N   1 
ATOM   1162 C CA  . ARG A 1 157 ? -4.418  -11.183 11.652  1.00 11.94 ? 237 ARG A CA  1 
ATOM   1163 C C   . ARG A 1 157 ? -3.954  -10.731 13.041  1.00 11.65 ? 237 ARG A C   1 
ATOM   1164 O O   . ARG A 1 157 ? -3.808  -9.539  13.302  1.00 12.99 ? 237 ARG A O   1 
ATOM   1165 C CB  . ARG A 1 157 ? -5.944  -11.356 11.630  1.00 11.94 ? 237 ARG A CB  1 
ATOM   1166 C CG  . ARG A 1 157 ? -6.500  -11.860 10.304  1.00 12.99 ? 237 ARG A CG  1 
ATOM   1167 C CD  . ARG A 1 157 ? -7.992  -11.558 10.156  1.00 13.04 ? 237 ARG A CD  1 
ATOM   1168 N NE  . ARG A 1 157 ? -8.810  -12.060 11.259  1.00 13.00 ? 237 ARG A NE  1 
ATOM   1169 C CZ  . ARG A 1 157 ? -9.628  -13.106 11.185  1.00 13.05 ? 237 ARG A CZ  1 
ATOM   1170 N NH1 . ARG A 1 157 ? -9.747  -13.795 10.058  1.00 14.89 ? 237 ARG A NH1 1 
ATOM   1171 N NH2 . ARG A 1 157 ? -10.358 -13.444 12.239  1.00 13.72 ? 237 ARG A NH2 1 
ATOM   1172 N N   . SER A 1 158 ? -3.699  -11.703 13.915  1.00 12.44 ? 238 SER A N   1 
ATOM   1173 C CA  . SER A 1 158 ? -3.254  -11.438 15.281  1.00 13.10 ? 238 SER A CA  1 
ATOM   1174 C C   . SER A 1 158 ? -1.969  -10.617 15.361  1.00 12.74 ? 238 SER A C   1 
ATOM   1175 O O   . SER A 1 158 ? -1.844  -9.719  16.196  1.00 14.84 ? 238 SER A O   1 
ATOM   1176 C CB  . SER A 1 158 ? -3.026  -12.757 16.033  1.00 13.28 ? 238 SER A CB  1 
ATOM   1177 O OG  . SER A 1 158 ? -4.194  -13.558 16.066  1.00 13.12 ? 238 SER A OG  1 
ATOM   1178 N N   . ALA A 1 159 ? -1.013  -10.934 14.493  1.00 13.05 ? 239 ALA A N   1 
ATOM   1179 C CA  . ALA A 1 159 ? 0.282   -10.258 14.490  1.00 13.13 ? 239 ALA A CA  1 
ATOM   1180 C C   . ALA A 1 159 ? 0.390   -9.057  13.555  1.00 12.78 ? 239 ALA A C   1 
ATOM   1181 O O   . ALA A 1 159 ? 1.444   -8.426  13.473  1.00 13.80 ? 239 ALA A O   1 
ATOM   1182 C CB  . ALA A 1 159 ? 1.378   -11.266 14.164  1.00 14.19 ? 239 ALA A CB  1 
ATOM   1183 N N   . ALA A 1 160 ? -0.694  -8.731  12.862  1.00 12.16 ? 240 ALA A N   1 
ATOM   1184 C CA  . ALA A 1 160 ? -0.682  -7.600  11.942  1.00 10.45 ? 240 ALA A CA  1 
ATOM   1185 C C   . ALA A 1 160 ? -0.187  -6.302  12.594  1.00 12.40 ? 240 ALA A C   1 
ATOM   1186 O O   . ALA A 1 160 ? 0.529   -5.528  11.968  1.00 11.53 ? 240 ALA A O   1 
ATOM   1187 C CB  . ALA A 1 160 ? -2.070  -7.395  11.343  1.00 12.20 ? 240 ALA A CB  1 
ATOM   1188 N N   . PRO A 1 161 ? -0.569  -6.039  13.856  1.00 12.55 ? 241 PRO A N   1 
ATOM   1189 C CA  . PRO A 1 161 ? -0.094  -4.802  14.486  1.00 13.14 ? 241 PRO A CA  1 
ATOM   1190 C C   . PRO A 1 161 ? 1.430   -4.735  14.550  1.00 12.28 ? 241 PRO A C   1 
ATOM   1191 O O   . PRO A 1 161 ? 2.019   -3.666  14.392  1.00 14.84 ? 241 PRO A O   1 
ATOM   1192 C CB  . PRO A 1 161 ? -0.715  -4.866  15.880  1.00 14.49 ? 241 PRO A CB  1 
ATOM   1193 C CG  . PRO A 1 161 ? -1.990  -5.601  15.643  1.00 13.19 ? 241 PRO A CG  1 
ATOM   1194 C CD  . PRO A 1 161 ? -1.565  -6.714  14.709  1.00 14.11 ? 241 PRO A CD  1 
ATOM   1195 N N   . GLN A 1 162 ? 2.056   -5.886  14.787  1.00 12.86 ? 242 GLN A N   1 
ATOM   1196 C CA  . GLN A 1 162 ? 3.509   -5.975  14.886  1.00 13.46 ? 242 GLN A CA  1 
ATOM   1197 C C   . GLN A 1 162 ? 4.156   -5.754  13.528  1.00 14.82 ? 242 GLN A C   1 
ATOM   1198 O O   . GLN A 1 162 ? 5.193   -5.103  13.425  1.00 14.03 ? 242 GLN A O   1 
ATOM   1199 C CB  . GLN A 1 162 ? 3.914   -7.336  15.444  1.00 14.25 ? 242 GLN A CB  1 
ATOM   1200 N N   . LEU A 1 163 ? 3.541   -6.303  12.487  1.00 13.57 ? 243 LEU A N   1 
ATOM   1201 C CA  . LEU A 1 163 ? 4.061   -6.150  11.135  1.00 13.68 ? 243 LEU A CA  1 
ATOM   1202 C C   . LEU A 1 163 ? 3.981   -4.687  10.710  1.00 12.83 ? 243 LEU A C   1 
ATOM   1203 O O   . LEU A 1 163 ? 4.955   -4.123  10.217  1.00 12.80 ? 243 LEU A O   1 
ATOM   1204 C CB  . LEU A 1 163 ? 3.274   -7.038  10.164  1.00 13.31 ? 243 LEU A CB  1 
ATOM   1205 C CG  . LEU A 1 163 ? 3.463   -6.834  8.655   1.00 13.90 ? 243 LEU A CG  1 
ATOM   1206 C CD1 . LEU A 1 163 ? 4.938   -6.688  8.308   1.00 15.58 ? 243 LEU A CD1 1 
ATOM   1207 C CD2 . LEU A 1 163 ? 2.846   -8.016  7.919   1.00 14.00 ? 243 LEU A CD2 1 
ATOM   1208 N N   . ILE A 1 164 ? 2.827   -4.064  10.919  1.00 12.95 ? 244 ILE A N   1 
ATOM   1209 C CA  . ILE A 1 164 ? 2.669   -2.668  10.542  1.00 13.56 ? 244 ILE A CA  1 
ATOM   1210 C C   . ILE A 1 164 ? 3.603   -1.766  11.349  1.00 13.64 ? 244 ILE A C   1 
ATOM   1211 O O   . ILE A 1 164 ? 4.206   -0.845  10.797  1.00 12.72 ? 244 ILE A O   1 
ATOM   1212 C CB  . ILE A 1 164 ? 1.206   -2.218  10.706  1.00 12.83 ? 244 ILE A CB  1 
ATOM   1213 C CG1 . ILE A 1 164 ? 0.315   -3.084  9.811   1.00 14.31 ? 244 ILE A CG1 1 
ATOM   1214 C CG2 . ILE A 1 164 ? 1.064   -0.743  10.334  1.00 14.72 ? 244 ILE A CG2 1 
ATOM   1215 C CD1 . ILE A 1 164 ? -1.164  -2.823  9.966   1.00 16.57 ? 244 ILE A CD1 1 
ATOM   1216 N N   . LYS A 1 165 ? 3.733   -2.020  12.650  1.00 13.51 ? 245 LYS A N   1 
ATOM   1217 C CA  . LYS A 1 165 ? 4.631   -1.214  13.469  1.00 14.09 ? 245 LYS A CA  1 
ATOM   1218 C C   . LYS A 1 165 ? 6.046   -1.342  12.907  1.00 13.91 ? 245 LYS A C   1 
ATOM   1219 O O   . LYS A 1 165 ? 6.783   -0.361  12.821  1.00 13.29 ? 245 LYS A O   1 
ATOM   1220 C CB  . LYS A 1 165 ? 4.611   -1.682  14.927  1.00 15.18 ? 245 LYS A CB  1 
ATOM   1221 C CG  . LYS A 1 165 ? 5.544   -0.889  15.837  1.00 15.85 ? 245 LYS A CG  1 
ATOM   1222 C CD  . LYS A 1 165 ? 5.501   -1.406  17.269  1.00 19.34 ? 245 LYS A CD  1 
ATOM   1223 C CE  . LYS A 1 165 ? 6.296   -0.509  18.211  1.00 21.11 ? 245 LYS A CE  1 
ATOM   1224 N NZ  . LYS A 1 165 ? 7.738   -0.424  17.838  1.00 21.84 ? 245 LYS A NZ  1 
ATOM   1225 N N   . GLY A 1 166 ? 6.417   -2.561  12.527  1.00 12.92 ? 246 GLY A N   1 
ATOM   1226 C CA  . GLY A 1 166 ? 7.738   -2.792  11.972  1.00 13.03 ? 246 GLY A CA  1 
ATOM   1227 C C   . GLY A 1 166 ? 7.991   -1.973  10.719  1.00 12.64 ? 246 GLY A C   1 
ATOM   1228 O O   . GLY A 1 166 ? 9.087   -1.448  10.520  1.00 13.43 ? 246 GLY A O   1 
ATOM   1229 N N   . LEU A 1 167 ? 6.976   -1.859  9.867   1.00 11.77 ? 247 LEU A N   1 
ATOM   1230 C CA  . LEU A 1 167 ? 7.107   -1.095  8.636   1.00 11.75 ? 247 LEU A CA  1 
ATOM   1231 C C   . LEU A 1 167 ? 7.291   0.386   8.959   1.00 13.14 ? 247 LEU A C   1 
ATOM   1232 O O   . LEU A 1 167 ? 8.134   1.059   8.369   1.00 12.56 ? 247 LEU A O   1 
ATOM   1233 C CB  . LEU A 1 167 ? 5.868   -1.292  7.759   1.00 13.48 ? 247 LEU A CB  1 
ATOM   1234 C CG  . LEU A 1 167 ? 6.026   -0.811  6.317   1.00 12.67 ? 247 LEU A CG  1 
ATOM   1235 C CD1 . LEU A 1 167 ? 7.122   -1.618  5.632   1.00 15.19 ? 247 LEU A CD1 1 
ATOM   1236 C CD2 . LEU A 1 167 ? 4.712   -0.973  5.566   1.00 15.45 ? 247 LEU A CD2 1 
ATOM   1237 N N   . ILE A 1 168 ? 6.499   0.893   9.897   1.00 13.38 ? 248 ILE A N   1 
ATOM   1238 C CA  . ILE A 1 168 ? 6.606   2.290   10.291  1.00 13.73 ? 248 ILE A CA  1 
ATOM   1239 C C   . ILE A 1 168 ? 7.994   2.570   10.866  1.00 14.18 ? 248 ILE A C   1 
ATOM   1240 O O   . ILE A 1 168 ? 8.629   3.564   10.515  1.00 14.00 ? 248 ILE A O   1 
ATOM   1241 C CB  . ILE A 1 168 ? 5.547   2.661   11.352  1.00 14.14 ? 248 ILE A CB  1 
ATOM   1242 C CG1 . ILE A 1 168 ? 4.144   2.499   10.763  1.00 16.41 ? 248 ILE A CG1 1 
ATOM   1243 C CG2 . ILE A 1 168 ? 5.761   4.098   11.829  1.00 15.35 ? 248 ILE A CG2 1 
ATOM   1244 C CD1 . ILE A 1 168 ? 3.867   3.387   9.565   1.00 21.32 ? 248 ILE A CD1 1 
ATOM   1245 N N   . ASP A 1 169 ? 8.466   1.690   11.745  1.00 14.32 ? 249 ASP A N   1 
ATOM   1246 C CA  . ASP A 1 169 ? 9.781   1.874   12.351  1.00 15.27 ? 249 ASP A CA  1 
ATOM   1247 C C   . ASP A 1 169 ? 10.876  1.823   11.295  1.00 15.01 ? 249 ASP A C   1 
ATOM   1248 O O   . ASP A 1 169 ? 11.885  2.522   11.402  1.00 15.59 ? 249 ASP A O   1 
ATOM   1249 C CB  . ASP A 1 169 ? 10.048  0.807   13.415  1.00 16.37 ? 249 ASP A CB  1 
ATOM   1250 C CG  . ASP A 1 169 ? 9.130   0.934   14.614  1.00 18.24 ? 249 ASP A CG  1 
ATOM   1251 O OD1 . ASP A 1 169 ? 8.679   2.061   14.907  1.00 20.23 ? 249 ASP A OD1 1 
ATOM   1252 O OD2 . ASP A 1 169 ? 8.874   -0.095  15.269  1.00 20.78 ? 249 ASP A OD2 1 
ATOM   1253 N N   . HIS A 1 170 ? 10.675  0.990   10.279  1.00 13.56 ? 250 HIS A N   1 
ATOM   1254 C CA  . HIS A 1 170 ? 11.643  0.861   9.197   1.00 13.14 ? 250 HIS A CA  1 
ATOM   1255 C C   . HIS A 1 170 ? 11.864  2.217   8.535   1.00 12.91 ? 250 HIS A C   1 
ATOM   1256 O O   . HIS A 1 170 ? 13.000  2.663   8.365   1.00 13.61 ? 250 HIS A O   1 
ATOM   1257 C CB  . HIS A 1 170 ? 11.140  -0.134  8.150   1.00 14.38 ? 250 HIS A CB  1 
ATOM   1258 C CG  . HIS A 1 170 ? 11.919  -0.111  6.871   1.00 16.83 ? 250 HIS A CG  1 
ATOM   1259 N ND1 . HIS A 1 170 ? 13.167  -0.682  6.749   1.00 19.25 ? 250 HIS A ND1 1 
ATOM   1260 C CD2 . HIS A 1 170 ? 11.643  0.450   5.671   1.00 16.62 ? 250 HIS A CD2 1 
ATOM   1261 C CE1 . HIS A 1 170 ? 13.625  -0.474  5.527   1.00 17.38 ? 250 HIS A CE1 1 
ATOM   1262 N NE2 . HIS A 1 170 ? 12.720  0.211   4.854   1.00 19.32 ? 250 HIS A NE2 1 
ATOM   1263 N N   . TYR A 1 171 ? 10.775  2.873   8.155   1.00 11.61 ? 251 TYR A N   1 
ATOM   1264 C CA  . TYR A 1 171 ? 10.892  4.166   7.505   1.00 12.20 ? 251 TYR A CA  1 
ATOM   1265 C C   . TYR A 1 171 ? 11.401  5.249   8.442   1.00 13.25 ? 251 TYR A C   1 
ATOM   1266 O O   . TYR A 1 171 ? 12.224  6.073   8.047   1.00 12.33 ? 251 TYR A O   1 
ATOM   1267 C CB  . TYR A 1 171 ? 9.560   4.566   6.870   1.00 11.60 ? 251 TYR A CB  1 
ATOM   1268 C CG  . TYR A 1 171 ? 9.307   3.811   5.585   1.00 10.17 ? 251 TYR A CG  1 
ATOM   1269 C CD1 . TYR A 1 171 ? 8.426   2.732   5.536   1.00 10.24 ? 251 TYR A CD1 1 
ATOM   1270 C CD2 . TYR A 1 171 ? 10.014  4.134   4.427   1.00 12.77 ? 251 TYR A CD2 1 
ATOM   1271 C CE1 . TYR A 1 171 ? 8.261   1.990   4.361   1.00 10.61 ? 251 TYR A CE1 1 
ATOM   1272 C CE2 . TYR A 1 171 ? 9.857   3.403   3.256   1.00 13.48 ? 251 TYR A CE2 1 
ATOM   1273 C CZ  . TYR A 1 171 ? 8.983   2.333   3.229   1.00 10.08 ? 251 TYR A CZ  1 
ATOM   1274 O OH  . TYR A 1 171 ? 8.854   1.602   2.067   1.00 11.66 ? 251 TYR A OH  1 
ATOM   1275 N N   . ASN A 1 172 ? 10.933  5.249   9.687   1.00 13.42 ? 252 ASN A N   1 
ATOM   1276 C CA  . ASN A 1 172 ? 11.399  6.253   10.634  1.00 16.06 ? 252 ASN A CA  1 
ATOM   1277 C C   . ASN A 1 172 ? 12.901  6.111   10.867  1.00 16.46 ? 252 ASN A C   1 
ATOM   1278 O O   . ASN A 1 172 ? 13.608  7.111   11.023  1.00 17.56 ? 252 ASN A O   1 
ATOM   1279 C CB  . ASN A 1 172 ? 10.651  6.131   11.963  1.00 18.64 ? 252 ASN A CB  1 
ATOM   1280 C CG  . ASN A 1 172 ? 9.176   6.445   11.828  1.00 21.31 ? 252 ASN A CG  1 
ATOM   1281 O OD1 . ASN A 1 172 ? 8.784   7.313   11.047  1.00 24.56 ? 252 ASN A OD1 1 
ATOM   1282 N ND2 . ASN A 1 172 ? 8.348   5.754   12.605  1.00 24.99 ? 252 ASN A ND2 1 
ATOM   1283 N N   . SER A 1 173 ? 13.393  4.875   10.874  1.00 16.88 ? 253 SER A N   1 
ATOM   1284 C CA  . SER A 1 173 ? 14.815  4.624   11.090  1.00 18.15 ? 253 SER A CA  1 
ATOM   1285 C C   . SER A 1 173 ? 15.654  5.162   9.932   1.00 18.86 ? 253 SER A C   1 
ATOM   1286 O O   . SER A 1 173 ? 16.861  5.372   10.074  1.00 20.23 ? 253 SER A O   1 
ATOM   1287 C CB  . SER A 1 173 ? 15.080  3.124   11.261  1.00 20.59 ? 253 SER A CB  1 
ATOM   1288 O OG  . SER A 1 173 ? 14.985  2.429   10.029  1.00 24.51 ? 253 SER A OG  1 
ATOM   1289 N N   . LEU A 1 174 ? 15.011  5.379   8.789   1.00 17.16 ? 254 LEU A N   1 
ATOM   1290 C CA  . LEU A 1 174 ? 15.690  5.896   7.605   1.00 17.70 ? 254 LEU A CA  1 
ATOM   1291 C C   . LEU A 1 174 ? 15.435  7.391   7.454   1.00 15.90 ? 254 LEU A C   1 
ATOM   1292 O O   . LEU A 1 174 ? 15.740  7.985   6.420   1.00 16.74 ? 254 LEU A O   1 
ATOM   1293 C CB  . LEU A 1 174 ? 15.205  5.159   6.355   1.00 19.47 ? 254 LEU A CB  1 
ATOM   1294 C CG  . LEU A 1 174 ? 15.553  3.673   6.273   1.00 21.78 ? 254 LEU A CG  1 
ATOM   1295 C CD1 . LEU A 1 174 ? 14.865  3.056   5.066   1.00 23.07 ? 254 LEU A CD1 1 
ATOM   1296 C CD2 . LEU A 1 174 ? 17.063  3.502   6.179   1.00 23.26 ? 254 LEU A CD2 1 
ATOM   1297 N N   . ASN A 1 175 ? 14.861  7.984   8.496   1.00 15.59 ? 255 ASN A N   1 
ATOM   1298 C CA  . ASN A 1 175 ? 14.554  9.407   8.535   1.00 16.76 ? 255 ASN A CA  1 
ATOM   1299 C C   . ASN A 1 175 ? 13.403  9.836   7.636   1.00 18.25 ? 255 ASN A C   1 
ATOM   1300 O O   . ASN A 1 175 ? 13.375  10.959  7.131   1.00 19.51 ? 255 ASN A O   1 
ATOM   1301 C CB  . ASN A 1 175 ? 15.811  10.221  8.226   1.00 17.87 ? 255 ASN A CB  1 
ATOM   1302 C CG  . ASN A 1 175 ? 16.953  9.882   9.161   1.00 18.49 ? 255 ASN A CG  1 
ATOM   1303 O OD1 . ASN A 1 175 ? 16.766  9.797   10.374  1.00 19.54 ? 255 ASN A OD1 1 
ATOM   1304 N ND2 . ASN A 1 175 ? 18.142  9.684   8.603   1.00 19.94 ? 255 ASN A ND2 1 
ATOM   1305 N N   . TYR A 1 176 ? 12.454  8.927   7.438   1.00 18.24 ? 256 TYR A N   1 
ATOM   1306 C CA  . TYR A 1 176 ? 11.259  9.215   6.652   1.00 20.13 ? 256 TYR A CA  1 
ATOM   1307 C C   . TYR A 1 176 ? 10.095  9.106   7.630   1.00 21.64 ? 256 TYR A C   1 
ATOM   1308 O O   . TYR A 1 176 ? 9.330   8.141   7.597   1.00 23.86 ? 256 TYR A O   1 
ATOM   1309 C CB  . TYR A 1 176 ? 11.075  8.206   5.514   1.00 20.36 ? 256 TYR A CB  1 
ATOM   1310 C CG  . TYR A 1 176 ? 12.059  8.360   4.375   1.00 22.48 ? 256 TYR A CG  1 
ATOM   1311 C CD1 . TYR A 1 176 ? 13.328  7.791   4.442   1.00 23.21 ? 256 TYR A CD1 1 
ATOM   1312 C CD2 . TYR A 1 176 ? 11.723  9.093   3.235   1.00 24.12 ? 256 TYR A CD2 1 
ATOM   1313 C CE1 . TYR A 1 176 ? 14.242  7.943   3.404   1.00 25.24 ? 256 TYR A CE1 1 
ATOM   1314 C CE2 . TYR A 1 176 ? 12.632  9.254   2.191   1.00 25.14 ? 256 TYR A CE2 1 
ATOM   1315 C CZ  . TYR A 1 176 ? 13.888  8.676   2.284   1.00 24.76 ? 256 TYR A CZ  1 
ATOM   1316 O OH  . TYR A 1 176 ? 14.796  8.832   1.261   1.00 28.18 ? 256 TYR A OH  1 
ATOM   1317 N N   . ASP A 1 177 ? 9.984   10.097  8.508   1.00 21.74 ? 257 ASP A N   1 
ATOM   1318 C CA  . ASP A 1 177 ? 8.932   10.127  9.519   1.00 22.71 ? 257 ASP A CA  1 
ATOM   1319 C C   . ASP A 1 177 ? 7.538   9.990   8.926   1.00 21.86 ? 257 ASP A C   1 
ATOM   1320 O O   . ASP A 1 177 ? 7.098   10.833  8.147   1.00 21.65 ? 257 ASP A O   1 
ATOM   1321 C CB  . ASP A 1 177 ? 9.015   11.426  10.327  1.00 25.23 ? 257 ASP A CB  1 
ATOM   1322 C CG  . ASP A 1 177 ? 7.885   11.562  11.333  1.00 28.15 ? 257 ASP A CG  1 
ATOM   1323 O OD1 . ASP A 1 177 ? 7.710   10.648  12.167  1.00 29.12 ? 257 ASP A OD1 1 
ATOM   1324 O OD2 . ASP A 1 177 ? 7.170   12.587  11.294  1.00 30.57 ? 257 ASP A OD2 1 
ATOM   1325 N N   . VAL A 1 178 ? 6.847   8.920   9.303   1.00 20.19 ? 258 VAL A N   1 
ATOM   1326 C CA  . VAL A 1 178 ? 5.495   8.680   8.822   1.00 20.86 ? 258 VAL A CA  1 
ATOM   1327 C C   . VAL A 1 178 ? 4.542   9.524   9.663   1.00 19.94 ? 258 VAL A C   1 
ATOM   1328 O O   . VAL A 1 178 ? 4.158   9.131   10.764  1.00 21.10 ? 258 VAL A O   1 
ATOM   1329 C CB  . VAL A 1 178 ? 5.111   7.192   8.958   1.00 20.71 ? 258 VAL A CB  1 
ATOM   1330 C CG1 . VAL A 1 178 ? 3.723   6.957   8.384   1.00 21.72 ? 258 VAL A CG1 1 
ATOM   1331 C CG2 . VAL A 1 178 ? 6.142   6.322   8.248   1.00 21.47 ? 258 VAL A CG2 1 
ATOM   1332 N N   . ALA A 1 179 ? 4.175   10.686  9.137   1.00 18.45 ? 259 ALA A N   1 
ATOM   1333 C CA  . ALA A 1 179 ? 3.279   11.607  9.832   1.00 18.18 ? 259 ALA A CA  1 
ATOM   1334 C C   . ALA A 1 179 ? 1.879   11.022  9.976   1.00 18.40 ? 259 ALA A C   1 
ATOM   1335 O O   . ALA A 1 179 ? 1.209   11.224  10.993  1.00 18.53 ? 259 ALA A O   1 
ATOM   1336 C CB  . ALA A 1 179 ? 3.218   12.932  9.084   1.00 18.91 ? 259 ALA A CB  1 
ATOM   1337 N N   . CYS A 1 180 ? 1.438   10.307  8.948   1.00 16.49 ? 260 CYS A N   1 
ATOM   1338 C CA  . CYS A 1 180 ? 0.124   9.683   8.969   1.00 16.66 ? 260 CYS A CA  1 
ATOM   1339 C C   . CYS A 1 180 ? 0.015   8.631   7.879   1.00 15.77 ? 260 CYS A C   1 
ATOM   1340 O O   . CYS A 1 180 ? 0.856   8.547   6.984   1.00 16.06 ? 260 CYS A O   1 
ATOM   1341 C CB  . CYS A 1 180 ? -0.982  10.730  8.784   1.00 17.25 ? 260 CYS A CB  1 
ATOM   1342 S SG  . CYS A 1 180 ? -1.072  11.497  7.149   1.00 21.31 ? 260 CYS A SG  1 
ATOM   1343 N N   . VAL A 1 181 ? -1.027  7.817   7.979   1.00 15.12 ? 261 VAL A N   1 
ATOM   1344 C CA  . VAL A 1 181 ? -1.286  6.767   7.011   1.00 14.10 ? 261 VAL A CA  1 
ATOM   1345 C C   . VAL A 1 181 ? -2.712  6.947   6.519   1.00 14.05 ? 261 VAL A C   1 
ATOM   1346 O O   . VAL A 1 181 ? -3.641  7.036   7.322   1.00 13.49 ? 261 VAL A O   1 
ATOM   1347 C CB  . VAL A 1 181 ? -1.171  5.367   7.652   1.00 13.61 ? 261 VAL A CB  1 
ATOM   1348 C CG1 . VAL A 1 181 ? -1.557  4.296   6.640   1.00 16.04 ? 261 VAL A CG1 1 
ATOM   1349 C CG2 . VAL A 1 181 ? 0.243   5.135   8.155   1.00 15.72 ? 261 VAL A CG2 1 
ATOM   1350 N N   . ASN A 1 182 ? -2.885  7.026   5.205   1.00 11.99 ? 262 ASN A N   1 
ATOM   1351 C CA  . ASN A 1 182 ? -4.222  7.153   4.640   1.00 13.31 ? 262 ASN A CA  1 
ATOM   1352 C C   . ASN A 1 182 ? -4.658  5.769   4.184   1.00 13.36 ? 262 ASN A C   1 
ATOM   1353 O O   . ASN A 1 182 ? -3.891  5.045   3.547   1.00 14.19 ? 262 ASN A O   1 
ATOM   1354 C CB  . ASN A 1 182 ? -4.239  8.098   3.439   1.00 14.03 ? 262 ASN A CB  1 
ATOM   1355 C CG  . ASN A 1 182 ? -3.726  9.473   3.774   1.00 17.31 ? 262 ASN A CG  1 
ATOM   1356 O OD1 . ASN A 1 182 ? -4.257  10.155  4.651   1.00 18.72 ? 262 ASN A OD1 1 
ATOM   1357 N ND2 . ASN A 1 182 ? -2.687  9.896   3.072   1.00 16.64 ? 262 ASN A ND2 1 
ATOM   1358 N N   . GLU A 1 183 ? -5.889  5.406   4.511   1.00 12.86 ? 263 GLU A N   1 
ATOM   1359 C CA  . GLU A 1 183 ? -6.415  4.102   4.144   1.00 12.42 ? 263 GLU A CA  1 
ATOM   1360 C C   . GLU A 1 183 ? -7.485  4.215   3.075   1.00 11.96 ? 263 GLU A C   1 
ATOM   1361 O O   . GLU A 1 183 ? -8.416  5.009   3.202   1.00 13.06 ? 263 GLU A O   1 
ATOM   1362 C CB  . GLU A 1 183 ? -7.031  3.413   5.363   1.00 11.54 ? 263 GLU A CB  1 
ATOM   1363 C CG  . GLU A 1 183 ? -6.143  3.353   6.588   1.00 13.44 ? 263 GLU A CG  1 
ATOM   1364 C CD  . GLU A 1 183 ? -6.893  2.846   7.805   1.00 13.72 ? 263 GLU A CD  1 
ATOM   1365 O OE1 . GLU A 1 183 ? -8.122  2.646   7.707   1.00 15.76 ? 263 GLU A OE1 1 
ATOM   1366 O OE2 . GLU A 1 183 ? -6.259  2.650   8.859   1.00 15.18 ? 263 GLU A OE2 1 
ATOM   1367 N N   . PHE A 1 184 ? -7.342  3.421   2.021   1.00 10.61 ? 264 PHE A N   1 
ATOM   1368 C CA  . PHE A 1 184 ? -8.323  3.379   0.949   1.00 10.53 ? 264 PHE A CA  1 
ATOM   1369 C C   . PHE A 1 184 ? -8.854  1.953   0.934   1.00 10.52 ? 264 PHE A C   1 
ATOM   1370 O O   . PHE A 1 184 ? -8.214  1.045   0.399   1.00 10.73 ? 264 PHE A O   1 
ATOM   1371 C CB  . PHE A 1 184 ? -7.684  3.734   -0.395  1.00 11.19 ? 264 PHE A CB  1 
ATOM   1372 C CG  . PHE A 1 184 ? -7.118  5.123   -0.439  1.00 9.68  ? 264 PHE A CG  1 
ATOM   1373 C CD1 . PHE A 1 184 ? -5.793  5.364   -0.084  1.00 11.91 ? 264 PHE A CD1 1 
ATOM   1374 C CD2 . PHE A 1 184 ? -7.924  6.203   -0.787  1.00 12.04 ? 264 PHE A CD2 1 
ATOM   1375 C CE1 . PHE A 1 184 ? -5.281  6.663   -0.075  1.00 11.28 ? 264 PHE A CE1 1 
ATOM   1376 C CE2 . PHE A 1 184 ? -7.421  7.503   -0.779  1.00 11.90 ? 264 PHE A CE2 1 
ATOM   1377 C CZ  . PHE A 1 184 ? -6.099  7.732   -0.422  1.00 10.69 ? 264 PHE A CZ  1 
ATOM   1378 N N   . ARG A 1 185 ? -10.014 1.761   1.555   1.00 11.09 ? 265 ARG A N   1 
ATOM   1379 C CA  . ARG A 1 185 ? -10.647 0.451   1.638   1.00 11.77 ? 265 ARG A CA  1 
ATOM   1380 C C   . ARG A 1 185 ? -11.375 0.177   0.333   1.00 12.61 ? 265 ARG A C   1 
ATOM   1381 O O   . ARG A 1 185 ? -12.274 0.924   -0.054  1.00 13.43 ? 265 ARG A O   1 
ATOM   1382 C CB  . ARG A 1 185 ? -11.625 0.424   2.810   1.00 12.77 ? 265 ARG A CB  1 
ATOM   1383 C CG  . ARG A 1 185 ? -12.265 -0.925  3.061   1.00 14.78 ? 265 ARG A CG  1 
ATOM   1384 C CD  . ARG A 1 185 ? -13.142 -0.855  4.294   1.00 19.15 ? 265 ARG A CD  1 
ATOM   1385 N NE  . ARG A 1 185 ? -13.998 -2.027  4.435   1.00 22.67 ? 265 ARG A NE  1 
ATOM   1386 C CZ  . ARG A 1 185 ? -14.874 -2.191  5.421   1.00 24.42 ? 265 ARG A CZ  1 
ATOM   1387 N NH1 . ARG A 1 185 ? -15.007 -1.256  6.352   1.00 25.57 ? 265 ARG A NH1 1 
ATOM   1388 N NH2 . ARG A 1 185 ? -15.623 -3.284  5.472   1.00 27.11 ? 265 ARG A NH2 1 
ATOM   1389 N N   . VAL A 1 186 ? -10.987 -0.901  -0.341  1.00 12.43 ? 266 VAL A N   1 
ATOM   1390 C CA  . VAL A 1 186 ? -11.576 -1.237  -1.629  1.00 12.92 ? 266 VAL A CA  1 
ATOM   1391 C C   . VAL A 1 186 ? -12.141 -2.652  -1.700  1.00 13.56 ? 266 VAL A C   1 
ATOM   1392 O O   . VAL A 1 186 ? -11.790 -3.519  -0.903  1.00 14.74 ? 266 VAL A O   1 
ATOM   1393 C CB  . VAL A 1 186 ? -10.528 -1.070  -2.755  1.00 13.15 ? 266 VAL A CB  1 
ATOM   1394 C CG1 . VAL A 1 186 ? -9.910  0.321   -2.679  1.00 13.95 ? 266 VAL A CG1 1 
ATOM   1395 C CG2 . VAL A 1 186 ? -9.447  -2.137  -2.634  1.00 13.93 ? 266 VAL A CG2 1 
ATOM   1396 N N   . SER A 1 187 ? -13.027 -2.860  -2.669  1.00 14.31 ? 267 SER A N   1 
ATOM   1397 C CA  . SER A 1 187 ? -13.646 -4.158  -2.904  1.00 16.88 ? 267 SER A CA  1 
ATOM   1398 C C   . SER A 1 187 ? -13.940 -4.224  -4.399  1.00 17.80 ? 267 SER A C   1 
ATOM   1399 O O   . SER A 1 187 ? -14.148 -3.193  -5.039  1.00 17.95 ? 267 SER A O   1 
ATOM   1400 C CB  . SER A 1 187 ? -14.945 -4.290  -2.111  1.00 19.32 ? 267 SER A CB  1 
ATOM   1401 O OG  . SER A 1 187 ? -15.940 -3.421  -2.618  1.00 24.12 ? 267 SER A OG  1 
ATOM   1402 N N   . VAL A 1 188 ? -13.955 -5.427  -4.960  1.00 20.65 ? 268 VAL A N   1 
ATOM   1403 C CA  . VAL A 1 188 ? -14.219 -5.576  -6.387  1.00 23.92 ? 268 VAL A CA  1 
ATOM   1404 C C   . VAL A 1 188 ? -15.655 -5.177  -6.730  1.00 25.12 ? 268 VAL A C   1 
ATOM   1405 O O   . VAL A 1 188 ? -16.523 -5.255  -5.835  1.00 26.44 ? 268 VAL A O   1 
ATOM   1406 C CB  . VAL A 1 188 ? -13.976 -7.031  -6.846  1.00 24.54 ? 268 VAL A CB  1 
ATOM   1407 C CG1 . VAL A 1 188 ? -14.220 -7.155  -8.343  1.00 25.46 ? 268 VAL A CG1 1 
ATOM   1408 C CG2 . VAL A 1 188 ? -12.556 -7.449  -6.505  1.00 25.13 ? 268 VAL A CG2 1 
HETATM 1409 O O   . HOH B 2 .   ? 15.639  -6.417  -4.045  1.00 14.25 ? 269 HOH A O   1 
HETATM 1410 O O   . HOH B 2 .   ? -1.669  19.792  -12.940 1.00 15.69 ? 270 HOH A O   1 
HETATM 1411 O O   . HOH B 2 .   ? -5.364  -12.421 18.262  1.00 15.03 ? 271 HOH A O   1 
HETATM 1412 O O   . HOH B 2 .   ? -11.484 4.041   2.273   1.00 18.11 ? 272 HOH A O   1 
HETATM 1413 O O   . HOH B 2 .   ? 6.565   -17.703 -2.009  1.00 19.88 ? 273 HOH A O   1 
HETATM 1414 O O   . HOH B 2 .   ? -8.934  -9.925  0.747   1.00 18.96 ? 274 HOH A O   1 
HETATM 1415 O O   . HOH B 2 .   ? -10.308 5.744   -12.854 1.00 18.28 ? 275 HOH A O   1 
HETATM 1416 O O   . HOH B 2 .   ? 9.671   -9.028  2.052   1.00 15.07 ? 276 HOH A O   1 
HETATM 1417 O O   . HOH B 2 .   ? 12.752  1.492   -4.255  1.00 18.06 ? 277 HOH A O   1 
HETATM 1418 O O   . HOH B 2 .   ? -6.814  -5.021  4.047   1.00 10.68 ? 278 HOH A O   1 
HETATM 1419 O O   . HOH B 2 .   ? 12.915  -11.557 -10.970 1.00 14.85 ? 279 HOH A O   1 
HETATM 1420 O O   . HOH B 2 .   ? 3.901   9.759   -9.328  1.00 13.01 ? 280 HOH A O   1 
HETATM 1421 O O   . HOH B 2 .   ? -7.745  -7.741  13.434  1.00 16.55 ? 281 HOH A O   1 
HETATM 1422 O O   . HOH B 2 .   ? -2.800  -15.843 16.687  1.00 22.65 ? 282 HOH A O   1 
HETATM 1423 O O   . HOH B 2 .   ? 14.036  -6.290  -7.767  1.00 12.21 ? 283 HOH A O   1 
HETATM 1424 O O   . HOH B 2 .   ? -5.473  9.455   14.128  1.00 21.07 ? 284 HOH A O   1 
HETATM 1425 O O   . HOH B 2 .   ? 1.766   -14.807 -9.021  1.00 17.97 ? 285 HOH A O   1 
HETATM 1426 O O   . HOH B 2 .   ? 2.094   10.580  -5.155  1.00 17.56 ? 286 HOH A O   1 
HETATM 1427 O O   . HOH B 2 .   ? 11.711  -13.482 2.832   1.00 19.27 ? 287 HOH A O   1 
HETATM 1428 O O   . HOH B 2 .   ? -9.880  9.951   9.286   1.00 26.12 ? 288 HOH A O   1 
HETATM 1429 O O   . HOH B 2 .   ? 14.258  -13.314 9.673   1.00 30.01 ? 289 HOH A O   1 
HETATM 1430 O O   . HOH B 2 .   ? 2.608   9.593   -16.013 1.00 17.24 ? 290 HOH A O   1 
HETATM 1431 O O   . HOH B 2 .   ? 2.153   -4.269  -20.045 1.00 29.85 ? 291 HOH A O   1 
HETATM 1432 O O   . HOH B 2 .   ? 2.226   -14.073 12.121  1.00 23.83 ? 292 HOH A O   1 
HETATM 1433 O O   . HOH B 2 .   ? -11.060 9.834   -8.676  1.00 21.52 ? 293 HOH A O   1 
HETATM 1434 O O   . HOH B 2 .   ? 12.527  -12.723 -3.371  1.00 17.80 ? 294 HOH A O   1 
HETATM 1435 O O   . HOH B 2 .   ? 7.290   -19.198 -7.076  1.00 25.70 ? 295 HOH A O   1 
HETATM 1436 O O   . HOH B 2 .   ? 0.167   -20.297 -2.908  1.00 30.03 ? 297 HOH A O   1 
HETATM 1437 O O   . HOH B 2 .   ? -8.275  -18.868 7.861   1.00 28.70 ? 298 HOH A O   1 
HETATM 1438 O O   . HOH B 2 .   ? 13.342  -14.043 -8.822  1.00 23.27 ? 299 HOH A O   1 
HETATM 1439 O O   . HOH B 2 .   ? 14.336  5.891   -11.191 1.00 38.52 ? 300 HOH A O   1 
HETATM 1440 O O   . HOH B 2 .   ? -5.008  -7.014  13.966  1.00 19.08 ? 301 HOH A O   1 
HETATM 1441 O O   . HOH B 2 .   ? 0.721   9.927   -18.087 1.00 20.97 ? 302 HOH A O   1 
HETATM 1442 O O   . HOH B 2 .   ? -12.213 0.107   10.338  1.00 30.36 ? 303 HOH A O   1 
HETATM 1443 O O   . HOH B 2 .   ? -12.776 -14.979 12.141  1.00 22.51 ? 304 HOH A O   1 
HETATM 1444 O O   . HOH B 2 .   ? -9.279  11.029  5.999   1.00 24.16 ? 305 HOH A O   1 
HETATM 1445 O O   . HOH B 2 .   ? -4.030  2.044   19.096  1.00 30.41 ? 306 HOH A O   1 
HETATM 1446 O O   . HOH B 2 .   ? 5.535   7.986   -13.078 1.00 23.40 ? 307 HOH A O   1 
HETATM 1447 O O   . HOH B 2 .   ? -14.478 -7.994  4.247   1.00 23.95 ? 308 HOH A O   1 
HETATM 1448 O O   . HOH B 2 .   ? -13.550 -10.474 0.368   1.00 31.39 ? 310 HOH A O   1 
HETATM 1449 O O   . HOH B 2 .   ? 20.626  8.898   10.364  1.00 32.39 ? 311 HOH A O   1 
HETATM 1450 O O   . HOH B 2 .   ? 5.427   -14.645 -12.019 1.00 25.12 ? 312 HOH A O   1 
HETATM 1451 O O   . HOH B 2 .   ? -7.764  10.517  12.971  1.00 32.91 ? 313 HOH A O   1 
HETATM 1452 O O   . HOH B 2 .   ? 9.888   0.484   -10.381 1.00 9.82  ? 314 HOH A O   1 
HETATM 1453 O O   . HOH B 2 .   ? 12.481  -13.443 0.237   1.00 14.15 ? 315 HOH A O   1 
HETATM 1454 O O   . HOH B 2 .   ? 3.473   11.708  -7.325  1.00 15.44 ? 316 HOH A O   1 
HETATM 1455 O O   . HOH B 2 .   ? 10.919  -11.715 -12.846 1.00 13.97 ? 317 HOH A O   1 
HETATM 1456 O O   . HOH B 2 .   ? -11.830 -10.786 10.388  1.00 15.41 ? 318 HOH A O   1 
HETATM 1457 O O   . HOH B 2 .   ? -8.813  13.696  -11.336 1.00 15.95 ? 319 HOH A O   1 
HETATM 1458 O O   . HOH B 2 .   ? -5.417  -14.547 12.425  1.00 17.10 ? 320 HOH A O   1 
HETATM 1459 O O   . HOH B 2 .   ? -12.130 -4.077  1.743   1.00 18.01 ? 321 HOH A O   1 
HETATM 1460 O O   . HOH B 2 .   ? 16.681  -2.165  -2.125  1.00 18.10 ? 322 HOH A O   1 
HETATM 1461 O O   . HOH B 2 .   ? 7.726   8.119   -11.249 1.00 18.06 ? 323 HOH A O   1 
HETATM 1462 O O   . HOH B 2 .   ? -10.213 1.508   6.296   1.00 19.57 ? 324 HOH A O   1 
HETATM 1463 O O   . HOH B 2 .   ? 5.241   -14.723 7.566   1.00 23.13 ? 325 HOH A O   1 
HETATM 1464 O O   . HOH B 2 .   ? 3.892   2.915   -18.700 1.00 27.76 ? 326 HOH A O   1 
HETATM 1465 O O   . HOH B 2 .   ? -12.465 -16.653 14.015  1.00 23.30 ? 327 HOH A O   1 
HETATM 1466 O O   . HOH B 2 .   ? 13.980  -11.971 3.726   1.00 23.62 ? 328 HOH A O   1 
HETATM 1467 O O   . HOH B 2 .   ? 9.696   5.531   -0.954  1.00 21.97 ? 329 HOH A O   1 
HETATM 1468 O O   . HOH B 2 .   ? -12.066 -6.598  -0.651  1.00 21.47 ? 330 HOH A O   1 
HETATM 1469 O O   . HOH B 2 .   ? -13.264 -7.511  -2.955  1.00 23.09 ? 331 HOH A O   1 
HETATM 1470 O O   . HOH B 2 .   ? -15.082 -6.371  6.883   1.00 25.12 ? 332 HOH A O   1 
HETATM 1471 O O   . HOH B 2 .   ? 12.201  9.904   11.289  1.00 28.28 ? 334 HOH A O   1 
HETATM 1472 O O   . HOH B 2 .   ? -14.432 -9.257  7.877   1.00 24.24 ? 335 HOH A O   1 
HETATM 1473 O O   . HOH B 2 .   ? 15.588  -8.940  -9.913  1.00 19.76 ? 336 HOH A O   1 
HETATM 1474 O O   . HOH B 2 .   ? -11.237 3.658   5.015   1.00 23.30 ? 337 HOH A O   1 
HETATM 1475 O O   . HOH B 2 .   ? 2.748   11.161  -2.458  1.00 23.89 ? 338 HOH A O   1 
HETATM 1476 O O   . HOH B 2 .   ? -9.368  1.947   13.921  1.00 30.94 ? 339 HOH A O   1 
HETATM 1477 O O   . HOH B 2 .   ? 7.870   -14.943 7.104   1.00 24.06 ? 340 HOH A O   1 
HETATM 1478 O O   . HOH B 2 .   ? 1.529   -2.608  17.103  1.00 24.94 ? 341 HOH A O   1 
HETATM 1479 O O   . HOH B 2 .   ? 10.889  5.473   -3.396  1.00 26.57 ? 342 HOH A O   1 
HETATM 1480 O O   . HOH B 2 .   ? -14.356 -6.038  2.213   1.00 27.24 ? 343 HOH A O   1 
HETATM 1481 O O   . HOH B 2 .   ? 6.027   -11.538 -16.557 1.00 23.20 ? 344 HOH A O   1 
HETATM 1482 O O   . HOH B 2 .   ? -4.179  0.676   -16.050 1.00 24.32 ? 345 HOH A O   1 
HETATM 1483 O O   . HOH B 2 .   ? -9.109  7.721   -14.364 1.00 26.41 ? 346 HOH A O   1 
HETATM 1484 O O   . HOH B 2 .   ? 11.968  -7.544  2.908   1.00 29.79 ? 347 HOH A O   1 
HETATM 1485 O O   . HOH B 2 .   ? 8.154   -17.686 -9.390  1.00 26.56 ? 348 HOH A O   1 
HETATM 1486 O O   . HOH B 2 .   ? 9.962   -16.314 -12.308 1.00 27.51 ? 349 HOH A O   1 
HETATM 1487 O O   . HOH B 2 .   ? -13.575 -12.894 10.285  1.00 26.35 ? 350 HOH A O   1 
HETATM 1488 O O   . HOH B 2 .   ? -3.966  13.015  4.400   1.00 25.05 ? 351 HOH A O   1 
HETATM 1489 O O   . HOH B 2 .   ? 15.626  -8.150  -1.848  1.00 26.27 ? 352 HOH A O   1 
HETATM 1490 O O   . HOH B 2 .   ? -3.353  9.774   0.034   1.00 23.59 ? 353 HOH A O   1 
HETATM 1491 O O   . HOH B 2 .   ? -7.373  -2.820  -14.931 1.00 23.95 ? 354 HOH A O   1 
HETATM 1492 O O   . HOH B 2 .   ? 2.181   7.772   -4.390  1.00 26.56 ? 355 HOH A O   1 
HETATM 1493 O O   . HOH B 2 .   ? 12.788  1.219   2.213   1.00 33.69 ? 356 HOH A O   1 
HETATM 1494 O O   . HOH B 2 .   ? -14.682 0.658   -10.379 1.00 30.24 ? 357 HOH A O   1 
HETATM 1495 O O   . HOH B 2 .   ? -12.607 1.166   7.681   1.00 34.90 ? 358 HOH A O   1 
HETATM 1496 O O   . HOH B 2 .   ? 11.484  -14.254 7.054   1.00 32.86 ? 359 HOH A O   1 
HETATM 1497 O O   . HOH B 2 .   ? 0.549   7.260   -2.165  1.00 24.17 ? 360 HOH A O   1 
HETATM 1498 O O   . HOH B 2 .   ? 11.529  -2.254  11.421  1.00 22.81 ? 361 HOH A O   1 
HETATM 1499 O O   . HOH B 2 .   ? -5.492  7.797   -17.132 1.00 25.49 ? 362 HOH A O   1 
HETATM 1500 O O   . HOH B 2 .   ? 14.271  -6.538  9.872   1.00 32.50 ? 363 HOH A O   1 
HETATM 1501 O O   . HOH B 2 .   ? 12.121  -18.385 -12.833 1.00 27.22 ? 364 HOH A O   1 
HETATM 1502 O O   . HOH B 2 .   ? -8.219  -8.295  -5.960  1.00 28.17 ? 365 HOH A O   1 
HETATM 1503 O O   . HOH B 2 .   ? -6.637  2.115   -18.157 1.00 28.93 ? 366 HOH A O   1 
HETATM 1504 O O   . HOH B 2 .   ? 4.224   5.699   -14.876 1.00 29.09 ? 367 HOH A O   1 
HETATM 1505 O O   . HOH B 2 .   ? -8.728  1.427   16.502  1.00 27.49 ? 368 HOH A O   1 
HETATM 1506 O O   . HOH B 2 .   ? 8.221   6.056   -5.258  1.00 30.87 ? 369 HOH A O   1 
HETATM 1507 O O   . HOH B 2 .   ? -10.593 11.440  -10.859 1.00 31.81 ? 370 HOH A O   1 
HETATM 1508 O O   . HOH B 2 .   ? 7.786   -14.941 -13.445 1.00 29.45 ? 371 HOH A O   1 
HETATM 1509 O O   . HOH B 2 .   ? 14.585  1.398   -1.854  1.00 30.86 ? 372 HOH A O   1 
HETATM 1510 O O   . HOH B 2 .   ? 3.818   -12.269 -15.159 1.00 27.40 ? 373 HOH A O   1 
HETATM 1511 O O   . HOH B 2 .   ? 19.302  5.061   -11.697 1.00 32.04 ? 374 HOH A O   1 
HETATM 1512 O O   . HOH B 2 .   ? -5.708  -17.578 3.350   1.00 30.62 ? 375 HOH A O   1 
HETATM 1513 O O   . HOH B 2 .   ? -4.077  22.659  -6.929  1.00 29.74 ? 376 HOH A O   1 
HETATM 1514 O O   . HOH B 2 .   ? -3.404  24.430  -10.182 1.00 32.04 ? 377 HOH A O   1 
HETATM 1515 O O   . HOH B 2 .   ? 15.631  1.363   -5.480  1.00 33.18 ? 378 HOH A O   1 
HETATM 1516 O O   . HOH B 2 .   ? -2.154  9.226   -2.561  1.00 36.34 ? 379 HOH A O   1 
HETATM 1517 O O   . HOH B 2 .   ? -14.047 -8.439  10.750  1.00 26.96 ? 380 HOH A O   1 
HETATM 1518 O O   . HOH B 2 .   ? 11.783  -4.439  12.913  1.00 30.79 ? 381 HOH A O   1 
HETATM 1519 O O   . HOH B 2 .   ? 4.271   6.116   -21.593 1.00 32.41 ? 382 HOH A O   1 
HETATM 1520 O O   . HOH B 2 .   ? -1.490  5.967   -19.959 1.00 32.47 ? 383 HOH A O   1 
HETATM 1521 O O   . HOH B 2 .   ? -13.374 5.840   6.934   1.00 38.55 ? 384 HOH A O   1 
HETATM 1522 O O   . HOH B 2 .   ? -12.185 -2.422  11.441  1.00 24.99 ? 385 HOH A O   1 
HETATM 1523 O O   . HOH B 2 .   ? -12.148 -10.106 -3.895  1.00 35.85 ? 386 HOH A O   1 
HETATM 1524 O O   . HOH B 2 .   ? -5.422  0.578   -12.283 1.00 13.57 ? 387 HOH A O   1 
HETATM 1525 O O   . HOH B 2 .   ? -12.226 -18.984 12.987  1.00 18.51 ? 388 HOH A O   1 
HETATM 1526 O O   . HOH B 2 .   ? -14.671 -12.888 12.617  1.00 18.20 ? 389 HOH A O   1 
HETATM 1527 O O   . HOH B 2 .   ? -15.401 3.849   -5.950  1.00 23.94 ? 390 HOH A O   1 
HETATM 1528 O O   . HOH B 2 .   ? -17.755 6.253   4.841   1.00 27.60 ? 391 HOH A O   1 
HETATM 1529 O O   . HOH B 2 .   ? 13.725  -0.656  11.914  1.00 28.02 ? 393 HOH A O   1 
HETATM 1530 O O   . HOH B 2 .   ? 5.901   8.211   12.737  1.00 29.88 ? 394 HOH A O   1 
HETATM 1531 O O   . HOH B 2 .   ? -10.060 -12.219 0.051   1.00 28.69 ? 395 HOH A O   1 
HETATM 1532 O O   . HOH B 2 .   ? 6.654   4.818   -15.616 1.00 28.45 ? 396 HOH A O   1 
HETATM 1533 O O   . HOH B 2 .   ? -16.816 11.520  0.247   1.00 33.24 ? 397 HOH A O   1 
HETATM 1534 O O   . HOH B 2 .   ? -12.245 -15.358 9.614   1.00 30.96 ? 398 HOH A O   1 
HETATM 1535 O O   . HOH B 2 .   ? 5.940   -8.849  -20.299 1.00 27.56 ? 399 HOH A O   1 
HETATM 1536 O O   . HOH B 2 .   ? 12.367  4.322   -5.235  1.00 28.77 ? 400 HOH A O   1 
HETATM 1537 O O   . HOH B 2 .   ? -6.038  -11.374 -2.021  1.00 25.43 ? 401 HOH A O   1 
HETATM 1538 O O   . HOH B 2 .   ? 7.830   7.282   -2.258  1.00 29.60 ? 402 HOH A O   1 
HETATM 1539 O O   . HOH B 2 .   ? -12.810 8.811   7.023   1.00 38.50 ? 403 HOH A O   1 
HETATM 1540 O O   . HOH B 2 .   ? -15.447 -3.646  2.731   1.00 35.74 ? 404 HOH A O   1 
HETATM 1541 O O   . HOH B 2 .   ? -8.289  17.782  1.788   1.00 33.66 ? 405 HOH A O   1 
HETATM 1542 O O   . HOH B 2 .   ? -12.463 10.816  8.910   1.00 32.07 ? 406 HOH A O   1 
HETATM 1543 O O   . HOH B 2 .   ? 17.638  7.283   4.604   1.00 34.55 ? 407 HOH A O   1 
HETATM 1544 O O   . HOH B 2 .   ? 14.902  -14.113 13.482  1.00 31.83 ? 408 HOH A O   1 
HETATM 1545 O O   . HOH B 2 .   ? 2.579   3.141   20.775  1.00 33.97 ? 409 HOH A O   1 
HETATM 1546 O O   . HOH B 2 .   ? -9.108  -8.398  -8.443  1.00 35.76 ? 410 HOH A O   1 
HETATM 1547 O O   . HOH B 2 .   ? 13.272  -6.285  1.121   1.00 30.76 ? 411 HOH A O   1 
HETATM 1548 O O   . HOH B 2 .   ? 7.070   -4.490  15.627  1.00 29.25 ? 412 HOH A O   1 
HETATM 1549 O O   . HOH B 2 .   ? 13.872  -5.100  7.007   1.00 45.79 ? 413 HOH A O   1 
HETATM 1550 O O   . HOH B 2 .   ? 14.091  -0.357  -0.043  1.00 28.64 ? 414 HOH A O   1 
HETATM 1551 O O   . HOH B 2 .   ? -15.771 -9.801  1.700   1.00 40.06 ? 415 HOH A O   1 
HETATM 1552 O O   . HOH B 2 .   ? -6.968  -0.706  -16.526 1.00 41.12 ? 416 HOH A O   1 
HETATM 1553 O O   . HOH B 2 .   ? 14.180  -9.336  4.782   1.00 33.53 ? 417 HOH A O   1 
HETATM 1554 O O   . HOH B 2 .   ? -5.353  -6.361  16.526  1.00 30.93 ? 418 HOH A O   1 
HETATM 1555 O O   . HOH B 2 .   ? -1.342  12.509  2.125   1.00 37.77 ? 419 HOH A O   1 
HETATM 1556 O O   . HOH B 2 .   ? -10.969 17.211  -8.978  1.00 40.23 ? 420 HOH A O   1 
HETATM 1557 O O   . HOH B 2 .   ? -16.892 -2.303  -8.290  1.00 40.62 ? 422 HOH A O   1 
HETATM 1558 O O   . HOH B 2 .   ? 1.118   -8.003  16.789  1.00 37.92 ? 423 HOH A O   1 
HETATM 1559 O O   . HOH B 2 .   ? 8.495   -17.526 6.695   1.00 34.63 ? 424 HOH A O   1 
HETATM 1560 O O   . HOH B 2 .   ? 12.137  6.384   -0.360  1.00 40.94 ? 425 HOH A O   1 
HETATM 1561 O O   . HOH B 2 .   ? 11.118  9.923   -8.230  1.00 34.72 ? 426 HOH A O   1 
HETATM 1562 O O   . HOH B 2 .   ? 5.588   -2.154  -21.808 1.00 32.85 ? 427 HOH A O   1 
HETATM 1563 O O   . HOH B 2 .   ? -10.517 -5.702  -9.584  1.00 35.96 ? 428 HOH A O   1 
HETATM 1564 O O   . HOH B 2 .   ? -17.634 -2.951  7.889   1.00 43.63 ? 430 HOH A O   1 
HETATM 1565 O O   . HOH B 2 .   ? -2.411  -18.475 -4.377  1.00 34.97 ? 431 HOH A O   1 
HETATM 1566 O O   . HOH B 2 .   ? -11.451 12.394  -3.265  1.00 36.70 ? 432 HOH A O   1 
HETATM 1567 O O   . HOH B 2 .   ? -10.259 10.112  -13.364 1.00 40.61 ? 433 HOH A O   1 
HETATM 1568 O O   . HOH B 2 .   ? 0.122   13.609  11.945  1.00 36.74 ? 434 HOH A O   1 
HETATM 1569 O O   . HOH B 2 .   ? -10.208 16.151  -11.347 1.00 35.39 ? 435 HOH A O   1 
HETATM 1570 O O   . HOH B 2 .   ? 22.620  10.671  10.258  1.00 34.93 ? 436 HOH A O   1 
HETATM 1571 O O   . HOH B 2 .   ? 8.121   -19.799 -3.398  1.00 37.62 ? 437 HOH A O   1 
HETATM 1572 O O   . HOH B 2 .   ? 2.221   13.163  0.962   1.00 29.42 ? 438 HOH A O   1 
HETATM 1573 O O   . HOH B 2 .   ? -17.291 -7.744  4.308   1.00 33.91 ? 439 HOH A O   1 
HETATM 1574 O O   . HOH B 2 .   ? -17.554 -5.637  5.935   1.00 46.73 ? 440 HOH A O   1 
HETATM 1575 O O   . HOH B 2 .   ? -0.633  -16.454 15.089  1.00 37.64 ? 441 HOH A O   1 
HETATM 1576 O O   . HOH B 2 .   ? -7.448  4.494   -18.940 1.00 44.94 ? 442 HOH A O   1 
HETATM 1577 O O   . HOH B 2 .   ? 2.123   -12.081 -17.764 1.00 42.89 ? 444 HOH A O   1 
HETATM 1578 O O   . HOH B 2 .   ? -1.894  6.118   -2.682  1.00 32.29 ? 445 HOH A O   1 
HETATM 1579 O O   . HOH B 2 .   ? -7.072  3.188   17.898  1.00 32.15 ? 446 HOH A O   1 
HETATM 1580 O O   . HOH B 2 .   ? -5.572  -18.766 6.306   1.00 39.16 ? 448 HOH A O   1 
HETATM 1581 O O   . HOH B 2 .   ? -12.452 9.635   -3.418  1.00 33.21 ? 449 HOH A O   1 
HETATM 1582 O O   . HOH B 2 .   ? -7.940  -3.084  17.812  1.00 39.88 ? 450 HOH A O   1 
HETATM 1583 O O   . HOH B 2 .   ? 9.506   -8.902  17.215  1.00 44.46 ? 452 HOH A O   1 
HETATM 1584 O O   . HOH B 2 .   ? -9.499  -20.453 5.825   1.00 41.77 ? 453 HOH A O   1 
HETATM 1585 O O   . HOH B 2 .   ? 2.472   15.389  -0.891  1.00 29.85 ? 454 HOH A O   1 
HETATM 1586 O O   . HOH B 2 .   ? 12.910  4.444   1.324   1.00 29.97 ? 455 HOH A O   1 
HETATM 1587 O O   . HOH B 2 .   ? -15.589 13.723  -0.856  1.00 33.98 ? 456 HOH A O   1 
HETATM 1588 O O   . HOH B 2 .   ? 24.506  10.228  12.044  1.00 39.05 ? 457 HOH A O   1 
HETATM 1589 O O   . HOH B 2 .   ? -12.165 4.085   -14.037 1.00 34.77 ? 458 HOH A O   1 
HETATM 1590 O O   . HOH B 2 .   ? -17.010 5.406   -4.556  1.00 47.31 ? 459 HOH A O   1 
HETATM 1591 O O   . HOH B 2 .   ? -18.863 -3.001  3.017   1.00 40.49 ? 460 HOH A O   1 
HETATM 1592 O O   . HOH B 2 .   ? 10.123  -3.399  14.857  1.00 36.29 ? 461 HOH A O   1 
HETATM 1593 O O   . HOH B 2 .   ? -12.293 16.092  -3.615  1.00 36.15 ? 462 HOH A O   1 
HETATM 1594 O O   . HOH B 2 .   ? -12.003 13.913  8.804   1.00 38.54 ? 463 HOH A O   1 
HETATM 1595 O O   . HOH B 2 .   ? -3.986  2.194   -18.269 1.00 41.26 ? 464 HOH A O   1 
HETATM 1596 O O   . HOH B 2 .   ? 2.062   -17.030 12.296  1.00 35.36 ? 465 HOH A O   1 
HETATM 1597 O O   . HOH B 2 .   ? -12.530 19.728  -4.144  1.00 45.86 ? 466 HOH A O   1 
HETATM 1598 O O   . HOH B 2 .   ? 15.499  0.895   7.949   1.00 35.20 ? 468 HOH A O   1 
HETATM 1599 O O   . HOH B 2 .   ? -3.331  23.786  -15.492 1.00 46.14 ? 469 HOH A O   1 
HETATM 1600 O O   . HOH B 2 .   ? 16.039  6.859   12.913  1.00 42.33 ? 470 HOH A O   1 
HETATM 1601 O O   . HOH B 2 .   ? 11.833  -16.542 -8.150  1.00 42.04 ? 472 HOH A O   1 
HETATM 1602 O O   . HOH B 2 .   ? 14.031  2.190   -16.330 1.00 40.10 ? 474 HOH A O   1 
HETATM 1603 O O   . HOH B 2 .   ? -8.760  -5.960  -12.694 1.00 35.19 ? 475 HOH A O   1 
HETATM 1604 O O   . HOH B 2 .   ? 3.406   -9.805  17.369  1.00 40.88 ? 476 HOH A O   1 
HETATM 1605 O O   . HOH B 2 .   ? -12.752 10.711  -6.742  1.00 40.65 ? 477 HOH A O   1 
# 
